data_3ITU
#
_entry.id   3ITU
#
_cell.length_a   55.815
_cell.length_b   73.287
_cell.length_c   91.532
_cell.angle_alpha   109.300
_cell.angle_beta   88.800
_cell.angle_gamma   89.000
#
_symmetry.space_group_name_H-M   'P 1'
#
loop_
_entity.id
_entity.type
_entity.pdbx_description
1 polymer "cGMP-dependent 3',5'-cyclic phosphodiesterase"
2 non-polymer 'ZINC ION'
3 non-polymer 'MAGNESIUM ION'
4 non-polymer 3-ISOBUTYL-1-METHYLXANTHINE
5 water water
#
_entity_poly.entity_id   1
_entity_poly.type   'polypeptide(L)'
_entity_poly.pdbx_seq_one_letter_code
;GSAMDDEYTKLLHDGIQPVAAIDSNFASFTYTPRSLPEDDTSMAILSMLQDMNFINNYKIDCPTLARFCLMVKKGYRDPP
YHNWMHAFSVSHFCYLLYKNLELTNYLEDIEIFALFISCMCHDLDHRGTNNSFQVASKSVLAALYSSEGSVMERHHFAQA
IAILNTHGCNIFDHFSRKDYQRMLDLMRDIILATDLAHHLRIFKDLQKMAEVGYDRNNKQHHRLLLCLLMTSCDLSDQTK
GWKTTRKIAELIYKEFFSQGDLEKAMGNRPMEMMDREKAYIPELQISFMEHIAMPIYKLLQDLFPKAAELYERVASNREH
WTKVSHKFTIRGLPSNNSLDFLDEE
;
_entity_poly.pdbx_strand_id   A,B,C,D
#
loop_
_chem_comp.id
_chem_comp.type
_chem_comp.name
_chem_comp.formula
IBM non-polymer 3-ISOBUTYL-1-METHYLXANTHINE 'C10 H14 N4 O2'
MG non-polymer 'MAGNESIUM ION' 'Mg 2'
ZN non-polymer 'ZINC ION' 'Zn 2'
#
# COMPACT_ATOMS: atom_id res chain seq x y z
N ASP A 5 3.60 21.58 13.71
CA ASP A 5 3.57 22.95 13.08
C ASP A 5 3.50 24.09 14.12
N ASP A 6 2.85 23.87 15.24
CA ASP A 6 2.91 24.89 16.28
C ASP A 6 4.29 24.99 16.92
N GLU A 7 4.98 23.83 17.06
CA GLU A 7 6.38 23.88 17.60
C GLU A 7 7.24 24.69 16.67
N TYR A 8 7.03 24.50 15.37
CA TYR A 8 7.77 25.26 14.31
C TYR A 8 7.52 26.78 14.49
N THR A 9 6.23 27.12 14.58
CA THR A 9 5.83 28.53 14.68
C THR A 9 6.55 29.21 15.84
N LYS A 10 6.67 28.54 16.98
CA LYS A 10 7.37 29.13 18.14
C LYS A 10 8.86 29.12 17.97
N LEU A 11 9.37 28.05 17.34
CA LEU A 11 10.79 27.97 17.20
C LEU A 11 11.28 29.08 16.24
N LEU A 12 10.43 29.48 15.31
CA LEU A 12 10.80 30.44 14.30
C LEU A 12 10.58 31.85 14.80
N HIS A 13 9.42 32.12 15.43
CA HIS A 13 9.07 33.49 15.67
C HIS A 13 9.44 33.97 17.04
N ASP A 14 9.68 33.05 17.99
CA ASP A 14 10.05 33.49 19.38
C ASP A 14 11.47 34.08 19.62
N GLY A 15 12.39 33.81 18.76
CA GLY A 15 13.82 34.17 18.96
C GLY A 15 14.58 32.93 19.47
N ILE A 16 15.89 32.90 19.20
CA ILE A 16 16.77 31.82 19.68
C ILE A 16 17.29 32.19 21.08
N GLN A 17 16.91 31.38 22.06
CA GLN A 17 17.24 31.65 23.44
C GLN A 17 18.78 31.70 23.62
N PRO A 18 19.32 32.60 24.44
CA PRO A 18 20.78 32.59 24.71
C PRO A 18 21.20 31.21 25.27
N VAL A 19 22.27 30.64 24.76
CA VAL A 19 22.68 29.30 25.23
C VAL A 19 22.93 29.23 26.78
N ALA A 20 23.37 30.36 27.40
CA ALA A 20 23.56 30.44 28.87
C ALA A 20 22.32 30.43 29.68
N ALA A 21 21.20 30.64 29.03
CA ALA A 21 19.95 30.53 29.72
C ALA A 21 19.51 29.09 29.90
N ILE A 22 20.15 28.13 29.22
CA ILE A 22 19.72 26.74 29.33
C ILE A 22 20.09 26.18 30.68
N ASP A 23 21.33 26.44 31.10
CA ASP A 23 21.81 25.93 32.39
C ASP A 23 23.16 26.56 32.64
N SER A 24 23.44 26.90 33.92
CA SER A 24 24.70 27.58 34.25
C SER A 24 25.91 26.75 33.91
N ASN A 25 25.71 25.44 33.81
CA ASN A 25 26.80 24.52 33.62
C ASN A 25 26.73 23.91 32.21
N PHE A 26 25.89 24.52 31.35
CA PHE A 26 25.59 23.91 30.00
C PHE A 26 26.85 23.65 29.17
N ALA A 27 27.95 24.43 29.32
CA ALA A 27 29.12 24.32 28.43
C ALA A 27 30.28 23.57 29.12
N SER A 28 29.94 22.90 30.24
CA SER A 28 30.89 22.14 30.97
C SER A 28 30.85 20.63 30.69
N PHE A 29 32.04 20.03 30.62
CA PHE A 29 32.13 18.53 30.58
C PHE A 29 31.32 17.82 31.68
N THR A 30 31.07 18.52 32.78
CA THR A 30 30.28 17.84 33.81
C THR A 30 28.72 17.93 33.60
N TYR A 31 28.24 18.73 32.68
CA TYR A 31 26.77 18.82 32.46
C TYR A 31 26.25 17.54 31.76
N THR A 32 25.08 17.06 32.20
CA THR A 32 24.42 15.90 31.65
C THR A 32 23.26 16.33 30.80
N PRO A 33 23.46 16.38 29.48
CA PRO A 33 22.34 16.87 28.61
C PRO A 33 21.09 16.06 28.72
N ARG A 34 21.20 14.79 29.17
CA ARG A 34 19.95 14.10 29.41
C ARG A 34 19.01 14.73 30.48
N SER A 35 19.52 15.64 31.27
CA SER A 35 18.75 16.44 32.24
C SER A 35 17.81 17.40 31.55
N LEU A 36 18.20 17.86 30.35
CA LEU A 36 17.29 18.78 29.67
C LEU A 36 15.94 18.21 29.25
N PRO A 37 14.82 18.88 29.66
CA PRO A 37 13.53 18.21 29.14
C PRO A 37 13.45 18.06 27.62
N GLU A 38 12.90 16.98 27.09
CA GLU A 38 12.90 16.73 25.65
C GLU A 38 12.27 17.86 24.84
N ASP A 39 11.26 18.51 25.40
CA ASP A 39 10.54 19.57 24.69
C ASP A 39 11.40 20.82 24.58
N ASP A 40 12.48 20.89 25.35
CA ASP A 40 13.40 22.06 25.31
C ASP A 40 14.61 21.80 24.33
N THR A 41 14.70 20.57 23.74
CA THR A 41 15.97 20.23 23.06
C THR A 41 16.07 20.88 21.68
N SER A 42 15.00 20.95 20.89
CA SER A 42 15.15 21.63 19.49
C SER A 42 15.64 23.09 19.66
N MET A 43 15.08 23.80 20.63
CA MET A 43 15.55 25.20 20.86
C MET A 43 17.00 25.18 21.34
N ALA A 44 17.38 24.23 22.19
CA ALA A 44 18.82 24.12 22.58
C ALA A 44 19.79 23.86 21.39
N ILE A 45 19.31 23.05 20.41
CA ILE A 45 20.13 22.82 19.19
C ILE A 45 20.29 24.21 18.57
N LEU A 46 19.20 24.99 18.34
CA LEU A 46 19.41 26.34 17.66
C LEU A 46 20.32 27.26 18.46
N SER A 47 20.15 27.22 19.79
CA SER A 47 21.06 28.00 20.66
C SER A 47 22.57 27.65 20.47
N MET A 48 22.91 26.34 20.43
CA MET A 48 24.26 25.89 20.21
C MET A 48 24.73 26.30 18.80
N LEU A 49 23.88 26.10 17.77
CA LEU A 49 24.34 26.51 16.38
C LEU A 49 24.59 27.98 16.39
N GLN A 50 23.76 28.72 17.10
CA GLN A 50 24.02 30.19 17.15
C GLN A 50 25.36 30.51 17.88
N ASP A 51 25.59 29.86 19.02
CA ASP A 51 26.76 30.17 19.80
C ASP A 51 28.04 29.76 19.09
N MET A 52 27.94 28.75 18.25
CA MET A 52 29.10 28.36 17.42
C MET A 52 29.22 29.26 16.18
N ASN A 53 28.30 30.21 16.04
CA ASN A 53 28.30 31.16 14.90
C ASN A 53 27.97 30.50 13.59
N PHE A 54 27.51 29.28 13.58
CA PHE A 54 27.19 28.70 12.26
C PHE A 54 26.02 29.29 11.49
N ILE A 55 25.04 29.80 12.22
CA ILE A 55 23.81 30.37 11.52
C ILE A 55 24.26 31.60 10.71
N ASN A 56 24.97 32.49 11.40
CA ASN A 56 25.51 33.71 10.69
C ASN A 56 26.54 33.34 9.68
N ASN A 57 27.47 32.45 10.07
CA ASN A 57 28.62 32.22 9.20
C ASN A 57 28.20 31.64 7.86
N TYR A 58 27.25 30.68 7.88
CA TYR A 58 26.81 30.01 6.70
C TYR A 58 25.50 30.57 6.17
N LYS A 59 25.07 31.67 6.78
CA LYS A 59 23.82 32.38 6.36
C LYS A 59 22.67 31.38 6.23
N ILE A 60 22.54 30.54 7.27
CA ILE A 60 21.48 29.56 7.22
C ILE A 60 20.13 30.31 7.38
N ASP A 61 19.19 29.92 6.53
CA ASP A 61 17.83 30.48 6.58
C ASP A 61 17.08 30.00 7.84
N CYS A 62 16.58 30.92 8.64
CA CYS A 62 15.90 30.57 9.92
C CYS A 62 14.70 29.62 9.76
N PRO A 63 13.73 29.95 8.89
CA PRO A 63 12.63 29.01 8.67
C PRO A 63 13.16 27.65 8.25
N THR A 64 14.14 27.61 7.38
CA THR A 64 14.62 26.28 6.89
C THR A 64 15.25 25.52 8.08
N LEU A 65 16.08 26.25 8.84
CA LEU A 65 16.77 25.58 10.00
C LEU A 65 15.78 25.04 11.04
N ALA A 66 14.71 25.82 11.32
CA ALA A 66 13.71 25.33 12.33
C ALA A 66 13.05 24.11 11.81
N ARG A 67 12.67 24.11 10.55
CA ARG A 67 12.02 22.92 9.93
C ARG A 67 12.98 21.68 10.01
N PHE A 68 14.22 21.96 9.64
CA PHE A 68 15.22 20.88 9.58
C PHE A 68 15.38 20.25 10.98
N CYS A 69 15.54 21.11 12.01
CA CYS A 69 15.76 20.56 13.42
C CYS A 69 14.58 19.68 13.79
N LEU A 70 13.37 20.16 13.47
CA LEU A 70 12.13 19.39 13.88
C LEU A 70 12.02 18.15 13.11
N MET A 71 12.44 18.21 11.88
CA MET A 71 12.39 16.99 11.05
C MET A 71 13.36 15.91 11.49
N VAL A 72 14.56 16.33 11.84
CA VAL A 72 15.54 15.43 12.37
C VAL A 72 15.01 14.78 13.64
N LYS A 73 14.45 15.60 14.54
CA LYS A 73 13.89 15.09 15.79
C LYS A 73 12.85 14.06 15.52
N LYS A 74 11.97 14.39 14.62
CA LYS A 74 10.80 13.46 14.28
C LYS A 74 11.31 12.19 13.55
N GLY A 75 12.54 12.21 13.03
CA GLY A 75 13.16 11.08 12.31
C GLY A 75 13.74 10.00 13.26
N TYR A 76 13.71 10.21 14.58
CA TYR A 76 14.09 9.14 15.49
C TYR A 76 12.86 8.41 16.02
N ARG A 77 12.98 7.11 16.10
CA ARG A 77 11.96 6.35 16.88
C ARG A 77 12.23 6.36 18.38
N ASP A 78 11.57 5.44 19.13
CA ASP A 78 11.73 5.44 20.57
C ASP A 78 12.21 4.13 21.13
N PRO A 79 13.31 3.53 20.61
CA PRO A 79 13.89 2.31 21.30
C PRO A 79 14.52 2.87 22.59
N PRO A 80 14.90 2.01 23.54
CA PRO A 80 15.30 2.58 24.83
C PRO A 80 16.50 3.47 24.74
N TYR A 81 17.48 3.07 23.96
CA TYR A 81 18.71 3.91 23.87
C TYR A 81 18.78 4.77 22.57
N HIS A 82 18.58 4.16 21.40
CA HIS A 82 18.84 4.86 20.07
C HIS A 82 17.71 5.81 19.66
N ASN A 83 17.41 6.80 20.47
CA ASN A 83 16.27 7.75 20.27
C ASN A 83 16.80 9.21 20.20
N TRP A 84 15.89 10.18 20.07
CA TRP A 84 16.33 11.54 19.89
C TRP A 84 17.16 12.06 21.06
N MET A 85 16.85 11.61 22.29
CA MET A 85 17.73 12.09 23.43
C MET A 85 19.18 11.61 23.31
N HIS A 86 19.38 10.44 22.74
CA HIS A 86 20.78 10.02 22.48
C HIS A 86 21.37 11.02 21.41
N ALA A 87 20.69 11.29 20.31
CA ALA A 87 21.24 12.20 19.21
C ALA A 87 21.49 13.56 19.80
N PHE A 88 20.56 13.96 20.65
CA PHE A 88 20.62 15.34 21.23
C PHE A 88 21.88 15.33 22.15
N SER A 89 22.00 14.31 22.99
CA SER A 89 23.18 14.30 23.94
C SER A 89 24.58 14.20 23.20
N VAL A 90 24.61 13.50 22.06
CA VAL A 90 25.83 13.34 21.20
C VAL A 90 26.18 14.70 20.63
N SER A 91 25.12 15.35 20.11
CA SER A 91 25.25 16.71 19.50
C SER A 91 25.77 17.71 20.57
N HIS A 92 25.24 17.58 21.78
CA HIS A 92 25.71 18.48 22.92
C HIS A 92 27.18 18.21 23.17
N PHE A 93 27.61 16.93 23.13
CA PHE A 93 29.05 16.67 23.42
C PHE A 93 29.94 17.33 22.35
N CYS A 94 29.49 17.29 21.06
CA CYS A 94 30.18 18.05 19.94
C CYS A 94 30.35 19.51 20.35
N TYR A 95 29.29 20.08 20.89
CA TYR A 95 29.30 21.51 21.30
C TYR A 95 30.33 21.68 22.41
N LEU A 96 30.34 20.78 23.36
CA LEU A 96 31.39 20.76 24.45
C LEU A 96 32.76 20.72 23.93
N LEU A 97 33.01 19.89 22.92
CA LEU A 97 34.40 19.74 22.40
C LEU A 97 34.73 21.13 21.79
N TYR A 98 33.82 21.68 21.02
CA TYR A 98 34.06 23.03 20.46
C TYR A 98 34.39 24.09 21.55
N LYS A 99 33.61 24.08 22.62
CA LYS A 99 33.73 25.15 23.69
C LYS A 99 34.97 24.94 24.58
N ASN A 100 35.41 23.68 24.77
CA ASN A 100 36.47 23.41 25.75
C ASN A 100 37.82 23.04 25.11
N LEU A 101 37.84 22.68 23.82
CA LEU A 101 39.10 22.25 23.13
C LEU A 101 39.78 22.97 21.98
N GLU A 102 39.33 24.15 21.55
CA GLU A 102 40.07 24.86 20.36
C GLU A 102 40.21 23.98 19.12
N LEU A 103 39.09 23.44 18.75
CA LEU A 103 39.02 22.69 17.47
C LEU A 103 39.44 23.46 16.27
N THR A 104 39.26 24.77 16.30
CA THR A 104 39.55 25.63 15.18
C THR A 104 41.06 25.55 14.94
N ASN A 105 41.85 25.16 15.92
CA ASN A 105 43.31 24.94 15.59
C ASN A 105 43.59 23.68 14.81
N TYR A 106 42.60 22.82 14.62
CA TYR A 106 42.85 21.49 14.05
C TYR A 106 42.01 21.30 12.80
N LEU A 107 40.78 21.87 12.79
CA LEU A 107 39.82 21.53 11.75
C LEU A 107 39.29 22.82 11.04
N GLU A 108 38.81 22.69 9.82
CA GLU A 108 38.19 23.74 9.07
C GLU A 108 36.78 24.03 9.66
N ASP A 109 36.32 25.27 9.53
CA ASP A 109 34.98 25.65 10.07
C ASP A 109 33.96 24.67 9.50
N ILE A 110 34.11 24.36 8.22
CA ILE A 110 33.09 23.59 7.53
C ILE A 110 33.05 22.13 8.12
N GLU A 111 34.24 21.64 8.51
CA GLU A 111 34.41 20.32 9.14
C GLU A 111 33.68 20.26 10.47
N ILE A 112 33.89 21.29 11.29
CA ILE A 112 33.29 21.40 12.63
C ILE A 112 31.69 21.45 12.48
N PHE A 113 31.23 22.22 11.49
CA PHE A 113 29.80 22.33 11.23
C PHE A 113 29.30 20.95 10.79
N ALA A 114 29.99 20.31 9.88
CA ALA A 114 29.55 18.95 9.47
C ALA A 114 29.55 17.96 10.64
N LEU A 115 30.57 18.05 11.49
CA LEU A 115 30.57 17.10 12.67
C LEU A 115 29.28 17.36 13.49
N PHE A 116 28.89 18.63 13.74
CA PHE A 116 27.74 18.87 14.57
C PHE A 116 26.40 18.38 13.91
N ILE A 117 26.15 18.73 12.65
CA ILE A 117 24.94 18.27 11.91
C ILE A 117 25.01 16.74 11.86
N SER A 118 26.17 16.11 11.61
CA SER A 118 26.27 14.62 11.55
C SER A 118 25.87 14.05 12.88
N CYS A 119 26.33 14.66 14.00
CA CYS A 119 25.89 14.18 15.37
C CYS A 119 24.33 14.19 15.50
N MET A 120 23.67 15.23 15.06
CA MET A 120 22.17 15.32 15.13
C MET A 120 21.60 14.13 14.32
N CYS A 121 22.19 13.83 13.17
CA CYS A 121 21.57 12.89 12.22
C CYS A 121 22.05 11.44 12.36
N HIS A 122 23.02 11.18 13.26
CA HIS A 122 23.90 9.97 12.97
C HIS A 122 23.18 8.59 13.28
N ASP A 123 22.06 8.64 14.02
CA ASP A 123 21.31 7.39 14.26
C ASP A 123 19.84 7.48 13.75
N LEU A 124 19.60 8.32 12.71
CA LEU A 124 18.23 8.57 12.28
C LEU A 124 17.50 7.20 11.96
N ASP A 125 16.25 7.07 12.47
CA ASP A 125 15.40 6.00 12.07
C ASP A 125 15.93 4.64 12.59
N HIS A 126 16.75 4.67 13.68
CA HIS A 126 17.25 3.39 14.24
C HIS A 126 16.06 2.60 14.80
N ARG A 127 16.09 1.28 14.57
CA ARG A 127 14.97 0.44 15.03
C ARG A 127 15.36 -0.37 16.25
N GLY A 128 16.45 -0.02 16.97
CA GLY A 128 16.85 -0.74 18.21
C GLY A 128 17.50 -2.07 17.90
N THR A 129 17.91 -2.36 16.63
CA THR A 129 18.73 -3.55 16.34
C THR A 129 19.97 -3.15 15.56
N ASN A 130 20.98 -4.03 15.58
CA ASN A 130 22.28 -3.69 15.00
C ASN A 130 22.52 -4.22 13.59
N ASN A 131 23.76 -4.06 13.08
CA ASN A 131 24.02 -4.44 11.65
C ASN A 131 23.83 -5.93 11.47
N SER A 132 24.43 -6.69 12.41
CA SER A 132 24.25 -8.16 12.38
C SER A 132 22.77 -8.61 12.23
N PHE A 133 21.87 -8.01 12.98
CA PHE A 133 20.47 -8.34 12.94
C PHE A 133 19.83 -7.97 11.61
N GLN A 134 20.29 -6.88 11.01
CA GLN A 134 19.71 -6.55 9.72
C GLN A 134 19.97 -7.67 8.72
N VAL A 135 21.17 -8.16 8.72
CA VAL A 135 21.58 -9.20 7.84
C VAL A 135 20.85 -10.52 8.20
N ALA A 136 20.96 -10.95 9.43
CA ALA A 136 20.32 -12.18 9.87
C ALA A 136 18.81 -12.24 9.59
N SER A 137 18.11 -11.11 9.76
CA SER A 137 16.66 -10.99 9.64
C SER A 137 16.23 -10.71 8.17
N LYS A 138 17.24 -10.52 7.29
CA LYS A 138 16.98 -10.19 5.85
C LYS A 138 16.10 -8.95 5.75
N SER A 139 16.49 -7.89 6.48
CA SER A 139 15.71 -6.70 6.45
C SER A 139 15.87 -5.99 5.11
N VAL A 140 14.95 -5.05 4.85
CA VAL A 140 14.98 -4.20 3.62
C VAL A 140 16.31 -3.45 3.67
N LEU A 141 16.72 -2.94 4.86
CA LEU A 141 18.05 -2.19 4.92
C LEU A 141 19.28 -3.05 4.46
N ALA A 142 19.31 -4.32 4.86
CA ALA A 142 20.38 -5.24 4.39
C ALA A 142 20.20 -5.47 2.89
N ALA A 143 18.97 -5.60 2.40
CA ALA A 143 18.75 -5.73 0.91
C ALA A 143 19.41 -4.57 0.20
N LEU A 144 19.33 -3.40 0.82
CA LEU A 144 19.92 -2.22 0.13
C LEU A 144 21.47 -2.17 0.32
N TYR A 145 21.94 -2.46 1.54
CA TYR A 145 23.28 -2.01 1.86
C TYR A 145 24.23 -3.10 2.39
N SER A 146 23.76 -4.32 2.58
CA SER A 146 24.60 -5.41 3.10
C SER A 146 25.88 -5.63 2.30
N SER A 147 25.85 -5.48 0.96
CA SER A 147 27.06 -5.68 0.18
C SER A 147 28.17 -4.70 0.48
N GLU A 148 27.81 -3.55 1.02
CA GLU A 148 28.83 -2.52 1.36
C GLU A 148 29.16 -2.54 2.82
N GLY A 149 28.27 -3.04 3.66
CA GLY A 149 28.60 -3.05 5.13
C GLY A 149 28.06 -1.76 5.78
N SER A 150 28.22 -1.70 7.10
CA SER A 150 27.75 -0.55 7.86
C SER A 150 26.31 -0.32 7.45
N VAL A 151 25.46 -1.33 7.48
CA VAL A 151 24.05 -1.13 7.00
C VAL A 151 23.33 -0.01 7.68
N MET A 152 23.25 -0.02 9.01
CA MET A 152 22.45 1.02 9.67
C MET A 152 23.05 2.37 9.36
N GLU A 153 24.41 2.47 9.39
CA GLU A 153 25.02 3.78 9.21
C GLU A 153 24.74 4.34 7.84
N ARG A 154 24.76 3.45 6.82
CA ARG A 154 24.38 3.91 5.50
C ARG A 154 22.88 4.40 5.52
N HIS A 155 22.06 3.66 6.23
CA HIS A 155 20.65 4.10 6.28
C HIS A 155 20.51 5.45 7.04
N HIS A 156 21.20 5.64 8.18
CA HIS A 156 21.20 6.99 8.84
C HIS A 156 21.54 8.10 7.88
N PHE A 157 22.66 7.90 7.22
CA PHE A 157 23.11 8.87 6.23
C PHE A 157 22.03 9.12 5.15
N ALA A 158 21.43 8.09 4.62
CA ALA A 158 20.46 8.21 3.52
C ALA A 158 19.25 9.01 4.08
N GLN A 159 18.84 8.68 5.32
CA GLN A 159 17.77 9.40 6.02
C GLN A 159 18.04 10.89 6.16
N ALA A 160 19.28 11.21 6.50
CA ALA A 160 19.72 12.62 6.62
C ALA A 160 19.53 13.34 5.30
N ILE A 161 19.96 12.63 4.25
CA ILE A 161 19.91 13.20 2.85
C ILE A 161 18.43 13.38 2.45
N ALA A 162 17.59 12.40 2.80
CA ALA A 162 16.16 12.51 2.51
C ALA A 162 15.55 13.72 3.20
N ILE A 163 16.04 14.03 4.40
CA ILE A 163 15.54 15.23 5.10
C ILE A 163 15.95 16.51 4.34
N LEU A 164 17.22 16.58 3.96
CA LEU A 164 17.74 17.75 3.22
C LEU A 164 16.93 17.89 1.92
N ASN A 165 16.58 16.76 1.35
CA ASN A 165 15.90 16.80 0.03
C ASN A 165 14.40 17.00 0.14
N THR A 166 13.91 17.24 1.37
CA THR A 166 12.55 17.55 1.60
C THR A 166 12.39 19.08 1.45
N HIS A 167 11.40 19.46 0.65
CA HIS A 167 11.12 20.88 0.41
C HIS A 167 11.03 21.64 1.74
N GLY A 168 11.76 22.72 1.82
CA GLY A 168 11.78 23.60 2.95
C GLY A 168 12.81 23.25 4.03
N CYS A 169 13.53 22.15 3.84
CA CYS A 169 14.47 21.64 4.87
C CYS A 169 15.92 21.62 4.47
N ASN A 170 16.25 22.10 3.28
CA ASN A 170 17.63 22.01 2.83
C ASN A 170 18.44 23.18 3.35
N ILE A 171 18.96 23.06 4.56
CA ILE A 171 19.75 24.10 5.19
C ILE A 171 21.05 24.50 4.41
N PHE A 172 21.42 23.71 3.40
CA PHE A 172 22.68 23.94 2.64
C PHE A 172 22.36 24.39 1.25
N ASP A 173 21.10 24.69 0.91
CA ASP A 173 20.83 24.75 -0.61
C ASP A 173 21.30 26.06 -1.28
N HIS A 174 21.72 27.00 -0.46
CA HIS A 174 22.35 28.15 -1.07
C HIS A 174 23.84 27.92 -1.25
N PHE A 175 24.38 26.78 -0.76
CA PHE A 175 25.83 26.68 -0.80
C PHE A 175 26.24 26.58 -2.26
N SER A 176 27.53 26.91 -2.55
CA SER A 176 28.09 26.67 -3.86
C SER A 176 28.09 25.18 -4.12
N ARG A 177 28.19 24.74 -5.38
CA ARG A 177 28.20 23.34 -5.70
C ARG A 177 29.33 22.61 -4.99
N LYS A 178 30.52 23.20 -5.02
CA LYS A 178 31.69 22.67 -4.34
C LYS A 178 31.48 22.52 -2.81
N ASP A 179 30.87 23.54 -2.19
CA ASP A 179 30.72 23.48 -0.70
C ASP A 179 29.60 22.49 -0.36
N TYR A 180 28.57 22.44 -1.21
CA TYR A 180 27.44 21.52 -0.88
C TYR A 180 27.99 20.11 -0.96
N GLN A 181 28.73 19.82 -2.06
CA GLN A 181 29.31 18.47 -2.25
C GLN A 181 30.25 18.15 -1.09
N ARG A 182 31.05 19.11 -0.63
CA ARG A 182 31.96 18.90 0.51
C ARG A 182 31.16 18.51 1.78
N MET A 183 30.16 19.32 2.10
CA MET A 183 29.32 19.09 3.32
C MET A 183 28.76 17.65 3.24
N LEU A 184 28.20 17.25 2.07
CA LEU A 184 27.55 15.93 2.03
C LEU A 184 28.58 14.82 2.08
N ASP A 185 29.75 15.02 1.47
CA ASP A 185 30.83 14.06 1.65
C ASP A 185 31.31 13.90 3.10
N LEU A 186 31.50 15.03 3.75
CA LEU A 186 31.83 15.01 5.20
C LEU A 186 30.77 14.21 5.99
N MET A 187 29.46 14.54 5.75
CA MET A 187 28.40 13.86 6.50
C MET A 187 28.49 12.37 6.25
N ARG A 188 28.75 12.00 4.99
CA ARG A 188 28.90 10.54 4.71
C ARG A 188 30.06 9.97 5.57
N ASP A 189 31.21 10.60 5.54
CA ASP A 189 32.39 10.01 6.24
C ASP A 189 32.20 9.93 7.75
N ILE A 190 31.61 11.01 8.28
CA ILE A 190 31.41 11.11 9.73
C ILE A 190 30.34 10.14 10.17
N ILE A 191 29.21 10.09 9.43
CA ILE A 191 28.21 9.15 9.98
C ILE A 191 28.69 7.70 9.74
N LEU A 192 29.38 7.34 8.63
CA LEU A 192 29.86 5.98 8.51
C LEU A 192 30.93 5.65 9.63
N ALA A 193 31.68 6.66 10.11
CA ALA A 193 32.64 6.48 11.23
C ALA A 193 32.02 5.98 12.54
N THR A 194 30.68 6.20 12.67
CA THR A 194 29.99 5.75 13.94
C THR A 194 29.82 4.19 14.00
N ASP A 195 30.14 3.47 12.90
CA ASP A 195 30.13 2.00 13.04
C ASP A 195 31.38 1.63 13.80
N LEU A 196 31.16 1.00 15.00
CA LEU A 196 32.33 0.72 15.85
C LEU A 196 33.34 -0.27 15.12
N ALA A 197 32.88 -1.04 14.12
CA ALA A 197 33.82 -1.93 13.33
C ALA A 197 34.75 -1.03 12.56
N HIS A 198 34.29 0.13 12.07
CA HIS A 198 35.13 1.11 11.36
C HIS A 198 36.14 1.68 12.33
N HIS A 199 35.70 2.13 13.54
CA HIS A 199 36.64 2.66 14.48
C HIS A 199 37.74 1.63 14.74
N LEU A 200 37.34 0.42 15.02
CA LEU A 200 38.37 -0.68 15.26
C LEU A 200 39.33 -0.86 14.09
N ARG A 201 38.87 -0.75 12.83
CA ARG A 201 39.72 -0.86 11.70
C ARG A 201 40.70 0.28 11.64
N ILE A 202 40.30 1.49 12.01
CA ILE A 202 41.25 2.62 11.90
C ILE A 202 42.10 2.95 13.16
N PHE A 203 41.86 2.17 14.20
CA PHE A 203 42.46 2.38 15.57
C PHE A 203 44.01 2.60 15.47
N LYS A 204 44.67 1.73 14.66
CA LYS A 204 46.16 1.79 14.51
C LYS A 204 46.55 3.07 13.87
N ASP A 205 45.77 3.46 12.84
CA ASP A 205 46.02 4.78 12.19
C ASP A 205 45.83 5.94 13.17
N LEU A 206 44.82 5.83 14.04
CA LEU A 206 44.65 6.90 15.07
C LEU A 206 45.85 6.97 16.05
N GLN A 207 46.29 5.82 16.53
CA GLN A 207 47.42 5.78 17.40
C GLN A 207 48.66 6.40 16.69
N LYS A 208 48.88 6.03 15.43
CA LYS A 208 50.02 6.59 14.70
C LYS A 208 49.96 8.08 14.54
N MET A 209 48.77 8.59 14.19
CA MET A 209 48.58 10.06 14.24
C MET A 209 48.94 10.72 15.54
N ALA A 210 48.47 10.16 16.64
CA ALA A 210 48.68 10.74 17.95
C ALA A 210 50.20 10.69 18.24
N GLU A 211 50.85 9.60 17.84
CA GLU A 211 52.25 9.42 18.21
C GLU A 211 53.16 10.37 17.45
N VAL A 212 52.91 10.54 16.14
CA VAL A 212 53.79 11.38 15.35
C VAL A 212 53.44 12.84 15.49
N GLY A 213 52.19 13.11 15.87
CA GLY A 213 51.73 14.48 16.07
C GLY A 213 50.81 14.88 14.91
N TYR A 214 49.69 15.46 15.25
CA TYR A 214 48.68 15.94 14.28
C TYR A 214 49.30 17.01 13.38
N ASP A 215 49.19 16.80 12.07
CA ASP A 215 49.64 17.79 11.09
C ASP A 215 48.39 18.40 10.39
N ARG A 216 48.13 19.65 10.71
CA ARG A 216 47.01 20.38 10.15
C ARG A 216 46.99 20.49 8.64
N ASN A 217 48.15 20.33 7.99
CA ASN A 217 48.22 20.36 6.57
C ASN A 217 48.05 18.98 5.96
N ASN A 218 47.69 17.96 6.79
CA ASN A 218 47.62 16.65 6.26
C ASN A 218 46.10 16.27 6.13
N LYS A 219 45.55 16.06 4.92
CA LYS A 219 44.09 15.88 4.74
C LYS A 219 43.64 14.57 5.39
N GLN A 220 44.47 13.56 5.32
CA GLN A 220 44.18 12.33 6.06
C GLN A 220 44.09 12.48 7.60
N HIS A 221 44.96 13.29 8.19
CA HIS A 221 44.84 13.63 9.60
C HIS A 221 43.48 14.31 9.93
N HIS A 222 42.99 15.21 9.09
CA HIS A 222 41.67 15.78 9.34
C HIS A 222 40.61 14.68 9.37
N ARG A 223 40.66 13.82 8.37
CA ARG A 223 39.69 12.77 8.27
C ARG A 223 39.73 11.86 9.53
N LEU A 224 40.95 11.44 9.93
CA LEU A 224 41.08 10.58 11.13
C LEU A 224 40.58 11.32 12.35
N LEU A 225 40.95 12.60 12.51
CA LEU A 225 40.54 13.30 13.68
C LEU A 225 38.96 13.44 13.74
N LEU A 226 38.31 13.69 12.59
CA LEU A 226 36.78 13.80 12.58
C LEU A 226 36.22 12.40 13.08
N CYS A 227 36.79 11.31 12.58
CA CYS A 227 36.32 9.98 13.02
C CYS A 227 36.43 9.85 14.55
N LEU A 228 37.64 10.10 15.07
CA LEU A 228 37.84 10.03 16.56
C LEU A 228 36.85 10.94 17.30
N LEU A 229 36.65 12.16 16.82
CA LEU A 229 35.78 13.08 17.52
C LEU A 229 34.36 12.51 17.48
N MET A 230 33.93 12.00 16.33
CA MET A 230 32.54 11.55 16.22
C MET A 230 32.35 10.36 17.20
N THR A 231 33.33 9.46 17.19
CA THR A 231 33.30 8.30 18.20
C THR A 231 33.23 8.80 19.61
N SER A 232 34.02 9.78 19.92
CA SER A 232 34.08 10.34 21.24
C SER A 232 32.68 10.99 21.64
N CYS A 233 32.04 11.66 20.70
CA CYS A 233 30.66 12.10 20.93
C CYS A 233 29.69 10.92 21.13
N ASP A 234 29.78 9.89 20.33
CA ASP A 234 28.77 8.81 20.35
C ASP A 234 28.85 8.00 21.66
N LEU A 235 30.07 7.98 22.25
CA LEU A 235 30.27 7.25 23.59
C LEU A 235 30.31 8.13 24.82
N SER A 236 30.04 9.44 24.62
CA SER A 236 30.19 10.44 25.68
C SER A 236 29.32 10.21 26.94
N ASP A 237 28.25 9.45 26.85
CA ASP A 237 27.55 9.08 28.09
C ASP A 237 28.46 8.45 29.13
N GLN A 238 29.59 7.86 28.73
CA GLN A 238 30.44 7.14 29.68
C GLN A 238 31.33 8.14 30.39
N THR A 239 31.30 9.44 29.97
CA THR A 239 32.25 10.42 30.54
C THR A 239 31.54 11.29 31.63
N LYS A 240 30.35 10.90 32.07
CA LYS A 240 29.61 11.70 33.05
C LYS A 240 29.79 10.95 34.37
N GLY A 241 28.87 11.19 35.28
CA GLY A 241 28.89 10.55 36.58
C GLY A 241 28.36 9.14 36.57
N TRP A 242 28.61 8.44 37.69
CA TRP A 242 28.08 7.14 37.84
C TRP A 242 26.58 7.00 37.65
N LYS A 243 25.75 7.95 38.09
CA LYS A 243 24.31 7.82 37.89
C LYS A 243 23.99 7.75 36.38
N THR A 244 24.59 8.63 35.58
CA THR A 244 24.41 8.46 34.13
C THR A 244 24.88 7.12 33.57
N THR A 245 26.09 6.66 33.94
CA THR A 245 26.65 5.33 33.46
C THR A 245 25.63 4.22 33.73
N ARG A 246 25.13 4.23 34.96
CA ARG A 246 24.23 3.17 35.36
C ARG A 246 22.93 3.18 34.53
N LYS A 247 22.30 4.36 34.38
CA LYS A 247 21.08 4.51 33.64
C LYS A 247 21.27 4.15 32.13
N ILE A 248 22.39 4.58 31.54
CA ILE A 248 22.67 4.27 30.11
C ILE A 248 22.82 2.76 29.97
N ALA A 249 23.47 2.07 30.96
CA ALA A 249 23.62 0.63 30.83
C ALA A 249 22.24 -0.01 30.84
N GLU A 250 21.33 0.46 31.70
CA GLU A 250 20.00 -0.12 31.75
C GLU A 250 19.34 -0.01 30.35
N LEU A 251 19.53 1.15 29.70
CA LEU A 251 18.85 1.40 28.38
C LEU A 251 19.49 0.58 27.27
N ILE A 252 20.82 0.55 27.23
CA ILE A 252 21.56 -0.23 26.23
C ILE A 252 21.19 -1.72 26.36
N TYR A 253 21.27 -2.26 27.58
CA TYR A 253 20.91 -3.68 27.70
C TYR A 253 19.45 -4.00 27.48
N LYS A 254 18.53 -3.08 27.84
CA LYS A 254 17.13 -3.34 27.45
C LYS A 254 17.02 -3.46 25.95
N GLU A 255 17.71 -2.56 25.25
CA GLU A 255 17.64 -2.63 23.82
C GLU A 255 18.32 -3.96 23.25
N PHE A 256 19.49 -4.31 23.74
CA PHE A 256 20.26 -5.46 23.27
C PHE A 256 19.42 -6.70 23.56
N PHE A 257 18.87 -6.79 24.79
CA PHE A 257 18.17 -8.06 25.13
C PHE A 257 16.86 -8.21 24.33
N SER A 258 16.20 -7.10 23.93
CA SER A 258 15.02 -7.18 23.02
C SER A 258 15.46 -7.80 21.70
N GLN A 259 16.62 -7.33 21.22
CA GLN A 259 17.18 -7.90 19.99
C GLN A 259 17.44 -9.38 20.20
N GLY A 260 18.13 -9.74 21.30
CA GLY A 260 18.45 -11.17 21.55
C GLY A 260 17.21 -12.02 21.56
N ASP A 261 16.13 -11.54 22.17
CA ASP A 261 14.86 -12.26 22.20
C ASP A 261 14.33 -12.50 20.77
N LEU A 262 14.43 -11.48 19.88
CA LEU A 262 14.00 -11.69 18.47
C LEU A 262 14.86 -12.71 17.79
N GLU A 263 16.14 -12.74 18.13
CA GLU A 263 17.06 -13.61 17.49
C GLU A 263 16.73 -15.07 17.89
N LYS A 264 16.60 -15.30 19.18
CA LYS A 264 16.14 -16.59 19.72
C LYS A 264 14.90 -17.07 18.96
N ALA A 265 13.90 -16.18 18.83
CA ALA A 265 12.59 -16.45 18.19
C ALA A 265 12.66 -16.77 16.71
N MET A 266 13.78 -16.47 16.08
CA MET A 266 13.99 -16.87 14.68
C MET A 266 15.03 -18.03 14.56
N GLY A 267 15.39 -18.63 15.70
CA GLY A 267 16.31 -19.81 15.76
C GLY A 267 17.81 -19.53 15.76
N ASN A 268 18.17 -18.28 16.01
CA ASN A 268 19.59 -17.95 16.08
C ASN A 268 20.07 -17.83 17.54
N ARG A 269 21.33 -18.12 17.78
CA ARG A 269 21.87 -18.01 19.13
C ARG A 269 22.49 -16.61 19.23
N PRO A 270 21.92 -15.72 20.10
CA PRO A 270 22.49 -14.36 20.25
C PRO A 270 23.94 -14.31 20.72
N MET A 271 24.59 -13.19 20.47
CA MET A 271 25.83 -12.84 21.16
C MET A 271 25.51 -12.96 22.65
N GLU A 272 26.52 -13.25 23.48
CA GLU A 272 26.26 -13.28 24.95
C GLU A 272 25.73 -11.91 25.42
N MET A 273 26.25 -10.83 24.85
CA MET A 273 25.82 -9.50 25.31
C MET A 273 24.39 -9.24 25.02
N MET A 274 23.84 -9.98 24.04
CA MET A 274 22.44 -9.83 23.69
C MET A 274 21.49 -10.86 24.31
N ASP A 275 22.01 -11.82 25.06
CA ASP A 275 21.17 -12.82 25.65
C ASP A 275 20.98 -12.59 27.13
N ARG A 276 19.74 -12.34 27.52
CA ARG A 276 19.41 -11.93 28.88
C ARG A 276 19.61 -13.07 29.86
N GLU A 277 19.76 -14.28 29.32
CA GLU A 277 19.91 -15.46 30.25
C GLU A 277 21.41 -15.65 30.52
N LYS A 278 22.27 -15.04 29.72
CA LYS A 278 23.73 -15.23 29.81
C LYS A 278 24.58 -14.03 30.12
N ALA A 279 24.10 -12.86 29.69
CA ALA A 279 24.81 -11.63 29.91
C ALA A 279 25.04 -11.36 31.41
N TYR A 280 26.27 -11.02 31.75
CA TYR A 280 26.59 -10.58 33.10
C TYR A 280 27.05 -9.15 32.92
N ILE A 281 26.15 -8.24 33.21
CA ILE A 281 26.34 -6.78 32.95
C ILE A 281 27.65 -6.14 33.40
N PRO A 282 28.07 -6.33 34.67
CA PRO A 282 29.35 -5.75 35.16
C PRO A 282 30.52 -6.12 34.25
N GLU A 283 30.63 -7.41 33.88
CA GLU A 283 31.77 -7.91 33.12
C GLU A 283 31.73 -7.32 31.68
N LEU A 284 30.52 -7.29 31.13
CA LEU A 284 30.29 -6.70 29.74
C LEU A 284 30.65 -5.22 29.74
N GLN A 285 30.19 -4.51 30.78
CA GLN A 285 30.54 -3.10 30.86
C GLN A 285 32.00 -2.84 31.04
N ILE A 286 32.64 -3.62 31.94
CA ILE A 286 34.05 -3.45 32.10
C ILE A 286 34.85 -3.73 30.79
N SER A 287 34.45 -4.75 30.02
CA SER A 287 35.11 -5.08 28.73
C SER A 287 34.93 -3.90 27.73
N PHE A 288 33.71 -3.47 27.60
CA PHE A 288 33.47 -2.26 26.72
C PHE A 288 34.30 -1.09 27.11
N MET A 289 34.37 -0.77 28.39
CA MET A 289 35.19 0.34 28.83
C MET A 289 36.69 0.12 28.61
N GLU A 290 37.19 -1.06 28.96
CA GLU A 290 38.68 -1.30 28.84
C GLU A 290 39.09 -1.35 27.38
N HIS A 291 38.28 -2.04 26.56
CA HIS A 291 38.67 -2.36 25.20
C HIS A 291 38.26 -1.33 24.19
N ILE A 292 37.17 -0.61 24.47
CA ILE A 292 36.73 0.44 23.51
C ILE A 292 36.78 1.86 24.07
N ALA A 293 35.99 2.14 25.10
CA ALA A 293 35.91 3.52 25.61
C ALA A 293 37.18 4.17 26.16
N MET A 294 37.88 3.48 27.08
CA MET A 294 39.10 4.12 27.62
C MET A 294 40.12 4.39 26.56
N PRO A 295 40.39 3.43 25.59
CA PRO A 295 41.44 3.75 24.53
C PRO A 295 41.06 4.96 23.68
N ILE A 296 39.77 5.17 23.45
CA ILE A 296 39.31 6.34 22.69
C ILE A 296 39.56 7.62 23.45
N TYR A 297 39.22 7.64 24.77
CA TYR A 297 39.41 8.88 25.50
C TYR A 297 40.90 9.14 25.80
N LYS A 298 41.66 8.07 25.87
CA LYS A 298 43.12 8.21 26.04
C LYS A 298 43.75 8.87 24.81
N LEU A 299 43.34 8.46 23.61
CA LEU A 299 43.80 9.09 22.35
C LEU A 299 43.33 10.53 22.30
N LEU A 300 42.13 10.79 22.73
CA LEU A 300 41.61 12.18 22.78
C LEU A 300 42.51 13.07 23.70
N GLN A 301 42.85 12.50 24.85
CA GLN A 301 43.72 13.19 25.83
C GLN A 301 45.07 13.40 25.17
N ASP A 302 45.54 12.42 24.38
CA ASP A 302 46.88 12.51 23.77
C ASP A 302 46.92 13.68 22.83
N LEU A 303 45.81 13.93 22.13
CA LEU A 303 45.78 14.94 21.10
C LEU A 303 45.43 16.31 21.72
N PHE A 304 44.71 16.29 22.84
CA PHE A 304 44.16 17.49 23.47
C PHE A 304 44.31 17.34 24.96
N PRO A 305 45.39 17.88 25.51
CA PRO A 305 45.60 17.69 26.94
C PRO A 305 44.38 18.14 27.75
N LYS A 306 43.63 19.16 27.31
CA LYS A 306 42.47 19.61 28.12
C LYS A 306 41.27 18.59 28.18
N ALA A 307 41.39 17.49 27.44
CA ALA A 307 40.41 16.40 27.43
C ALA A 307 40.68 15.38 28.57
N ALA A 308 41.79 15.56 29.34
CA ALA A 308 42.22 14.54 30.32
C ALA A 308 41.09 14.13 31.27
N GLU A 309 40.27 15.06 31.70
CA GLU A 309 39.19 14.73 32.66
C GLU A 309 38.18 13.72 32.10
N LEU A 310 38.02 13.70 30.77
CA LEU A 310 37.13 12.70 30.18
C LEU A 310 37.63 11.30 30.34
N TYR A 311 38.90 11.11 30.07
CA TYR A 311 39.52 9.77 30.21
C TYR A 311 39.43 9.36 31.71
N GLU A 312 39.70 10.37 32.59
CA GLU A 312 39.59 10.06 34.04
C GLU A 312 38.18 9.67 34.53
N ARG A 313 37.14 10.29 33.99
CA ARG A 313 35.77 9.88 34.29
C ARG A 313 35.52 8.48 33.78
N VAL A 314 35.92 8.19 32.52
CA VAL A 314 35.66 6.85 32.05
C VAL A 314 36.37 5.83 32.95
N ALA A 315 37.64 6.08 33.25
CA ALA A 315 38.38 5.11 34.10
C ALA A 315 37.71 4.94 35.48
N SER A 316 37.20 6.03 36.06
CA SER A 316 36.49 5.99 37.35
C SER A 316 35.16 5.23 37.26
N ASN A 317 34.41 5.49 36.18
CA ASN A 317 33.17 4.66 35.95
C ASN A 317 33.50 3.20 35.78
N ARG A 318 34.61 2.88 35.15
CA ARG A 318 35.04 1.50 35.03
C ARG A 318 35.32 0.88 36.40
N GLU A 319 36.00 1.61 37.25
CA GLU A 319 36.36 1.12 38.59
C GLU A 319 35.11 0.93 39.39
N HIS A 320 34.11 1.77 39.14
CA HIS A 320 32.83 1.66 39.82
C HIS A 320 32.11 0.33 39.50
N TRP A 321 32.19 -0.18 38.27
CA TRP A 321 31.56 -1.45 37.97
C TRP A 321 32.21 -2.56 38.74
N THR A 322 33.54 -2.52 38.86
CA THR A 322 34.23 -3.55 39.67
C THR A 322 33.71 -3.49 41.12
N LYS A 323 33.51 -2.27 41.62
CA LYS A 323 33.12 -2.04 43.04
C LYS A 323 31.71 -2.54 43.36
N VAL A 324 30.78 -2.43 42.39
CA VAL A 324 29.40 -2.85 42.62
C VAL A 324 29.12 -4.31 42.19
N SER A 325 30.05 -5.01 41.54
CA SER A 325 29.68 -6.29 40.84
C SER A 325 29.16 -7.26 41.91
N HIS A 326 29.69 -7.13 43.14
CA HIS A 326 29.40 -8.12 44.18
C HIS A 326 27.93 -8.16 44.44
N LYS A 327 27.26 -7.04 44.23
CA LYS A 327 25.81 -6.89 44.41
C LYS A 327 24.95 -7.71 43.44
N PHE A 328 25.56 -8.18 42.37
CA PHE A 328 24.88 -9.02 41.42
C PHE A 328 24.78 -10.46 41.93
N THR A 329 25.45 -10.77 43.05
CA THR A 329 25.37 -12.15 43.60
C THR A 329 24.41 -12.03 44.79
N ILE A 330 23.37 -12.87 44.81
CA ILE A 330 22.26 -12.88 45.77
C ILE A 330 22.83 -13.54 47.07
N ARG A 331 23.06 -12.66 48.03
CA ARG A 331 23.46 -13.02 49.42
C ARG A 331 22.17 -13.12 50.28
N GLY A 332 22.17 -14.07 51.19
CA GLY A 332 21.02 -14.24 51.99
C GLY A 332 19.84 -14.69 51.12
N LEU A 333 18.66 -14.31 51.56
CA LEU A 333 17.40 -14.60 50.81
C LEU A 333 17.04 -13.33 50.03
N PRO A 334 16.33 -13.52 48.92
CA PRO A 334 15.69 -12.33 48.29
C PRO A 334 14.85 -11.54 49.25
N SER A 335 14.56 -10.25 48.98
CA SER A 335 13.68 -9.46 49.88
C SER A 335 12.37 -10.08 50.30
N ASN A 336 11.76 -10.90 49.42
CA ASN A 336 10.51 -11.55 49.77
C ASN A 336 10.65 -12.80 50.68
N ASN A 337 11.88 -13.08 51.09
CA ASN A 337 12.16 -14.31 51.84
C ASN A 337 11.78 -15.55 51.12
N SER A 338 11.78 -15.47 49.79
CA SER A 338 11.36 -16.61 49.03
C SER A 338 12.40 -17.09 48.02
N LEU A 339 12.47 -18.40 47.89
CA LEU A 339 13.35 -19.08 46.94
C LEU A 339 12.51 -19.52 45.74
N ASP A 340 11.31 -18.97 45.62
CA ASP A 340 10.42 -19.36 44.50
C ASP A 340 11.06 -19.14 43.17
N PHE A 341 11.91 -18.11 43.12
CA PHE A 341 12.61 -17.81 41.90
C PHE A 341 13.43 -19.01 41.43
N LEU A 342 13.70 -20.00 42.28
CA LEU A 342 14.55 -21.10 41.80
C LEU A 342 13.82 -22.09 40.86
N ASP B 6 -8.02 9.58 -9.80
CA ASP B 6 -8.61 10.09 -11.15
C ASP B 6 -8.23 9.14 -12.34
N GLU B 7 -6.98 9.32 -12.79
CA GLU B 7 -6.25 8.28 -13.49
C GLU B 7 -6.29 6.97 -12.65
N TYR B 8 -6.02 7.01 -11.36
CA TYR B 8 -6.15 5.82 -10.53
C TYR B 8 -7.57 5.18 -10.53
N THR B 9 -8.54 6.06 -10.44
CA THR B 9 -9.93 5.55 -10.39
C THR B 9 -10.26 4.72 -11.64
N LYS B 10 -9.95 5.26 -12.85
CA LYS B 10 -10.26 4.53 -14.10
C LYS B 10 -9.36 3.34 -14.22
N LEU B 11 -8.12 3.46 -13.72
CA LEU B 11 -7.25 2.32 -13.92
C LEU B 11 -7.75 1.18 -13.15
N LEU B 12 -8.27 1.44 -11.94
CA LEU B 12 -8.75 0.44 -11.01
C LEU B 12 -10.15 -0.12 -11.47
N HIS B 13 -11.11 0.72 -11.78
CA HIS B 13 -12.48 0.25 -11.83
C HIS B 13 -13.03 -0.06 -13.25
N ASP B 14 -12.32 0.39 -14.28
CA ASP B 14 -12.68 -0.06 -15.64
C ASP B 14 -12.11 -1.49 -15.85
N GLY B 15 -12.56 -2.22 -16.84
CA GLY B 15 -11.88 -3.52 -17.04
C GLY B 15 -10.53 -3.24 -17.68
N ILE B 16 -9.60 -4.18 -17.50
CA ILE B 16 -8.30 -4.10 -18.23
C ILE B 16 -8.55 -4.46 -19.69
N GLN B 17 -8.33 -3.51 -20.60
CA GLN B 17 -8.58 -3.74 -22.03
C GLN B 17 -7.82 -4.97 -22.55
N PRO B 18 -8.46 -5.78 -23.41
CA PRO B 18 -7.71 -6.85 -24.05
C PRO B 18 -6.52 -6.30 -24.81
N VAL B 19 -5.41 -7.01 -24.78
CA VAL B 19 -4.19 -6.45 -25.30
C VAL B 19 -4.35 -6.22 -26.83
N ALA B 20 -5.08 -7.11 -27.48
CA ALA B 20 -5.26 -6.94 -28.93
C ALA B 20 -6.01 -5.69 -29.36
N ALA B 21 -6.84 -5.14 -28.47
CA ALA B 21 -7.63 -3.96 -28.73
C ALA B 21 -6.78 -2.67 -28.61
N ILE B 22 -5.60 -2.76 -28.06
CA ILE B 22 -4.75 -1.54 -27.99
C ILE B 22 -4.30 -1.14 -29.40
N ASP B 23 -3.86 -2.12 -30.24
CA ASP B 23 -3.46 -1.86 -31.61
C ASP B 23 -3.38 -3.20 -32.25
N SER B 24 -3.73 -3.25 -33.55
CA SER B 24 -3.75 -4.53 -34.23
C SER B 24 -2.33 -5.15 -34.28
N ASN B 25 -1.31 -4.29 -34.22
CA ASN B 25 0.10 -4.75 -34.40
C ASN B 25 0.82 -4.88 -33.03
N PHE B 26 0.05 -4.81 -31.93
CA PHE B 26 0.64 -4.58 -30.59
C PHE B 26 1.62 -5.66 -30.16
N ALA B 27 1.38 -6.91 -30.58
CA ALA B 27 2.26 -8.03 -30.22
C ALA B 27 3.35 -8.41 -31.22
N SER B 28 3.63 -7.56 -32.23
CA SER B 28 4.61 -7.83 -33.29
C SER B 28 5.90 -7.05 -32.92
N PHE B 29 7.02 -7.63 -33.28
CA PHE B 29 8.29 -6.97 -33.25
C PHE B 29 8.34 -5.70 -34.10
N THR B 30 7.32 -5.49 -34.93
CA THR B 30 7.34 -4.27 -35.77
C THR B 30 6.59 -3.11 -35.10
N TYR B 31 5.92 -3.36 -33.98
CA TYR B 31 5.20 -2.29 -33.31
C TYR B 31 6.19 -1.37 -32.59
N THR B 32 5.94 -0.05 -32.66
CA THR B 32 6.70 0.94 -31.90
C THR B 32 5.89 1.40 -30.70
N PRO B 33 6.25 0.86 -29.52
CA PRO B 33 5.48 1.33 -28.32
C PRO B 33 5.52 2.83 -27.99
N ARG B 34 6.54 3.56 -28.46
CA ARG B 34 6.56 4.95 -28.16
C ARG B 34 5.47 5.70 -28.96
N SER B 35 4.84 5.01 -29.90
CA SER B 35 3.66 5.53 -30.62
C SER B 35 2.47 5.65 -29.69
N LEU B 36 2.39 4.79 -28.65
CA LEU B 36 1.18 4.82 -27.77
C LEU B 36 1.27 6.08 -26.95
N PRO B 37 0.18 6.88 -26.87
CA PRO B 37 0.16 8.06 -26.05
C PRO B 37 0.49 7.70 -24.62
N GLU B 38 1.19 8.65 -23.96
CA GLU B 38 1.74 8.43 -22.63
C GLU B 38 0.62 8.15 -21.60
N ASP B 39 -0.51 8.84 -21.82
CA ASP B 39 -1.73 8.71 -21.02
C ASP B 39 -2.35 7.30 -21.05
N ASP B 40 -2.00 6.47 -22.04
CA ASP B 40 -2.53 5.10 -22.24
C ASP B 40 -1.54 3.98 -21.77
N THR B 41 -0.34 4.40 -21.28
CA THR B 41 0.70 3.38 -21.09
C THR B 41 0.44 2.61 -19.77
N SER B 42 -0.04 3.28 -18.70
CA SER B 42 -0.33 2.47 -17.47
C SER B 42 -1.34 1.39 -17.70
N MET B 43 -2.39 1.71 -18.46
CA MET B 43 -3.36 0.70 -18.89
C MET B 43 -2.76 -0.38 -19.73
N ALA B 44 -1.84 0.00 -20.63
CA ALA B 44 -1.13 -1.03 -21.45
C ALA B 44 -0.36 -1.96 -20.56
N ILE B 45 0.29 -1.42 -19.52
CA ILE B 45 1.03 -2.27 -18.57
C ILE B 45 0.12 -3.37 -18.00
N LEU B 46 -1.07 -2.94 -17.56
CA LEU B 46 -2.06 -3.91 -17.01
C LEU B 46 -2.49 -4.92 -18.04
N SER B 47 -2.73 -4.43 -19.26
CA SER B 47 -3.15 -5.31 -20.35
C SER B 47 -2.13 -6.40 -20.60
N MET B 48 -0.82 -6.04 -20.58
CA MET B 48 0.21 -7.06 -20.89
C MET B 48 0.32 -8.03 -19.71
N LEU B 49 0.25 -7.50 -18.48
CA LEU B 49 0.31 -8.36 -17.32
C LEU B 49 -0.88 -9.38 -17.34
N GLN B 50 -2.01 -8.85 -17.67
CA GLN B 50 -3.25 -9.71 -17.72
C GLN B 50 -3.03 -10.74 -18.80
N ASP B 51 -2.43 -10.37 -19.94
CA ASP B 51 -2.20 -11.33 -20.99
C ASP B 51 -1.15 -12.40 -20.68
N MET B 52 -0.19 -12.12 -19.79
CA MET B 52 0.82 -13.11 -19.47
C MET B 52 0.39 -13.97 -18.27
N ASN B 53 -0.77 -13.61 -17.70
CA ASN B 53 -1.46 -14.35 -16.62
C ASN B 53 -0.80 -14.20 -15.27
N PHE B 54 -0.14 -13.07 -15.04
CA PHE B 54 0.56 -12.90 -13.77
C PHE B 54 -0.47 -12.50 -12.76
N ILE B 55 -1.34 -11.57 -13.15
CA ILE B 55 -2.39 -11.14 -12.25
C ILE B 55 -3.07 -12.37 -11.55
N ASN B 56 -3.26 -13.47 -12.33
CA ASN B 56 -3.73 -14.82 -11.89
C ASN B 56 -2.73 -15.80 -11.25
N ASN B 57 -1.77 -16.33 -12.00
CA ASN B 57 -0.78 -17.22 -11.33
C ASN B 57 -0.51 -16.73 -9.89
N TYR B 58 -0.64 -15.41 -9.65
CA TYR B 58 -0.40 -14.81 -8.33
C TYR B 58 -1.50 -14.05 -7.62
N LYS B 59 -2.71 -14.08 -8.13
CA LYS B 59 -3.84 -13.39 -7.50
C LYS B 59 -3.53 -11.94 -7.04
N ILE B 60 -2.76 -11.17 -7.84
CA ILE B 60 -2.36 -9.87 -7.41
C ILE B 60 -3.61 -9.03 -7.19
N ASP B 61 -3.70 -8.41 -6.04
CA ASP B 61 -4.77 -7.51 -5.64
C ASP B 61 -4.86 -6.32 -6.67
N CYS B 62 -6.06 -6.01 -7.17
CA CYS B 62 -6.20 -4.96 -8.20
C CYS B 62 -5.86 -3.57 -7.77
N PRO B 63 -6.35 -3.11 -6.62
CA PRO B 63 -5.95 -1.81 -6.20
C PRO B 63 -4.41 -1.79 -6.08
N THR B 64 -3.86 -2.93 -5.67
CA THR B 64 -2.42 -2.89 -5.33
C THR B 64 -1.62 -2.70 -6.62
N LEU B 65 -2.03 -3.48 -7.61
CA LEU B 65 -1.29 -3.49 -8.91
C LEU B 65 -1.50 -2.08 -9.57
N ALA B 66 -2.75 -1.56 -9.50
CA ALA B 66 -2.92 -0.18 -10.03
C ALA B 66 -2.02 0.84 -9.40
N ARG B 67 -2.01 0.89 -8.07
CA ARG B 67 -1.23 1.83 -7.33
C ARG B 67 0.29 1.66 -7.69
N PHE B 68 0.72 0.40 -7.74
CA PHE B 68 2.16 0.12 -8.02
C PHE B 68 2.55 0.71 -9.37
N CYS B 69 1.74 0.43 -10.38
CA CYS B 69 1.98 0.90 -11.80
C CYS B 69 2.06 2.41 -11.81
N LEU B 70 1.18 3.08 -11.07
CA LEU B 70 1.21 4.54 -11.11
C LEU B 70 2.42 5.07 -10.27
N MET B 71 2.80 4.37 -9.20
CA MET B 71 3.96 4.80 -8.37
C MET B 71 5.25 4.60 -9.17
N VAL B 72 5.36 3.48 -9.91
CA VAL B 72 6.55 3.34 -10.81
C VAL B 72 6.62 4.45 -11.86
N LYS B 73 5.50 4.70 -12.50
CA LYS B 73 5.48 5.85 -13.49
C LYS B 73 5.92 7.16 -12.82
N LYS B 74 5.38 7.49 -11.62
CA LYS B 74 5.70 8.74 -10.89
C LYS B 74 7.20 8.81 -10.55
N GLY B 75 7.85 7.64 -10.44
CA GLY B 75 9.23 7.52 -9.93
C GLY B 75 10.23 7.88 -11.03
N TYR B 76 9.79 8.14 -12.27
CA TYR B 76 10.71 8.56 -13.38
C TYR B 76 10.71 10.06 -13.44
N ARG B 77 11.90 10.60 -13.55
CA ARG B 77 12.03 12.03 -13.87
C ARG B 77 11.86 12.21 -15.43
N ASP B 78 12.22 13.40 -15.92
CA ASP B 78 11.97 13.73 -17.30
C ASP B 78 13.25 14.25 -18.03
N PRO B 79 14.37 13.49 -17.98
CA PRO B 79 15.50 13.82 -18.86
C PRO B 79 15.09 13.32 -20.25
N PRO B 80 15.83 13.76 -21.28
CA PRO B 80 15.40 13.47 -22.62
C PRO B 80 15.14 12.00 -22.91
N TYR B 81 16.01 11.08 -22.41
CA TYR B 81 15.90 9.66 -22.79
C TYR B 81 15.45 8.82 -21.62
N HIS B 82 16.11 8.93 -20.51
CA HIS B 82 15.77 8.05 -19.32
C HIS B 82 14.54 8.43 -18.52
N ASN B 83 13.38 8.28 -19.17
CA ASN B 83 12.12 8.69 -18.54
C ASN B 83 11.14 7.56 -18.60
N TRP B 84 9.90 7.78 -18.09
CA TRP B 84 8.85 6.71 -18.15
C TRP B 84 8.71 6.10 -19.53
N MET B 85 8.62 6.91 -20.58
CA MET B 85 8.40 6.34 -21.93
C MET B 85 9.50 5.34 -22.31
N HIS B 86 10.74 5.54 -21.89
CA HIS B 86 11.76 4.49 -22.06
C HIS B 86 11.38 3.22 -21.29
N ALA B 87 11.10 3.37 -19.98
CA ALA B 87 10.75 2.17 -19.13
C ALA B 87 9.56 1.43 -19.79
N PHE B 88 8.54 2.21 -20.24
CA PHE B 88 7.42 1.58 -20.89
C PHE B 88 7.83 0.77 -22.13
N SER B 89 8.69 1.36 -23.01
CA SER B 89 9.12 0.67 -24.26
C SER B 89 9.92 -0.59 -24.01
N VAL B 90 10.72 -0.54 -22.94
CA VAL B 90 11.55 -1.68 -22.53
C VAL B 90 10.67 -2.83 -22.00
N SER B 91 9.68 -2.44 -21.20
CA SER B 91 8.68 -3.41 -20.67
C SER B 91 7.80 -4.01 -21.80
N HIS B 92 7.35 -3.12 -22.71
CA HIS B 92 6.75 -3.63 -23.89
C HIS B 92 7.61 -4.69 -24.61
N PHE B 93 8.91 -4.48 -24.77
CA PHE B 93 9.74 -5.48 -25.52
C PHE B 93 9.78 -6.81 -24.76
N CYS B 94 9.81 -6.70 -23.44
CA CYS B 94 9.80 -7.93 -22.53
C CYS B 94 8.54 -8.71 -22.93
N TYR B 95 7.40 -8.05 -23.04
CA TYR B 95 6.17 -8.74 -23.42
C TYR B 95 6.29 -9.32 -24.85
N LEU B 96 6.87 -8.58 -25.81
CA LEU B 96 7.10 -9.14 -27.16
C LEU B 96 7.90 -10.43 -27.06
N LEU B 97 8.97 -10.45 -26.26
CA LEU B 97 9.82 -11.66 -26.15
C LEU B 97 9.03 -12.82 -25.54
N TYR B 98 8.26 -12.54 -24.49
CA TYR B 98 7.35 -13.51 -23.90
C TYR B 98 6.47 -14.12 -25.00
N LYS B 99 5.79 -13.21 -25.75
CA LYS B 99 4.76 -13.68 -26.77
C LYS B 99 5.40 -14.35 -27.97
N ASN B 100 6.44 -13.76 -28.55
CA ASN B 100 7.06 -14.27 -29.79
C ASN B 100 8.10 -15.40 -29.65
N LEU B 101 8.80 -15.43 -28.52
CA LEU B 101 9.86 -16.45 -28.30
C LEU B 101 9.38 -17.56 -27.37
N GLU B 102 8.14 -17.43 -26.84
CA GLU B 102 7.53 -18.44 -25.97
C GLU B 102 8.44 -18.70 -24.78
N LEU B 103 8.76 -17.60 -24.10
CA LEU B 103 9.58 -17.68 -22.83
C LEU B 103 9.14 -18.67 -21.78
N THR B 104 7.84 -18.97 -21.70
CA THR B 104 7.40 -19.93 -20.69
C THR B 104 7.99 -21.31 -20.95
N ASN B 105 8.56 -21.58 -22.15
CA ASN B 105 9.23 -22.89 -22.37
C ASN B 105 10.67 -22.86 -21.95
N TYR B 106 11.15 -21.68 -21.58
CA TYR B 106 12.58 -21.56 -21.21
C TYR B 106 12.83 -21.18 -19.77
N LEU B 107 11.92 -20.43 -19.21
CA LEU B 107 12.10 -19.81 -17.91
C LEU B 107 10.91 -20.08 -17.00
N GLU B 108 11.17 -20.10 -15.71
CA GLU B 108 10.15 -20.30 -14.76
C GLU B 108 9.23 -19.01 -14.71
N ASP B 109 7.92 -19.14 -14.43
CA ASP B 109 6.98 -17.94 -14.33
C ASP B 109 7.52 -16.89 -13.41
N ILE B 110 8.11 -17.29 -12.30
CA ILE B 110 8.53 -16.32 -11.33
C ILE B 110 9.73 -15.51 -11.93
N GLU B 111 10.51 -16.17 -12.81
CA GLU B 111 11.73 -15.52 -13.46
C GLU B 111 11.18 -14.48 -14.49
N ILE B 112 10.13 -14.90 -15.21
CA ILE B 112 9.56 -14.03 -16.26
C ILE B 112 8.90 -12.76 -15.59
N PHE B 113 8.19 -13.02 -14.51
CA PHE B 113 7.54 -11.96 -13.75
C PHE B 113 8.62 -10.98 -13.24
N ALA B 114 9.68 -11.51 -12.61
CA ALA B 114 10.83 -10.71 -12.15
C ALA B 114 11.35 -9.89 -13.32
N LEU B 115 11.51 -10.52 -14.47
CA LEU B 115 12.03 -9.75 -15.61
C LEU B 115 11.17 -8.61 -16.02
N PHE B 116 9.88 -8.89 -16.15
CA PHE B 116 8.94 -7.80 -16.51
C PHE B 116 8.90 -6.62 -15.53
N ILE B 117 8.76 -6.90 -14.24
CA ILE B 117 8.74 -5.90 -13.17
C ILE B 117 10.05 -5.15 -13.18
N SER B 118 11.17 -5.89 -13.37
CA SER B 118 12.50 -5.22 -13.47
C SER B 118 12.52 -4.28 -14.67
N CYS B 119 11.95 -4.67 -15.81
CA CYS B 119 11.91 -3.73 -16.99
C CYS B 119 11.20 -2.43 -16.55
N MET B 120 10.05 -2.56 -15.88
CA MET B 120 9.29 -1.31 -15.46
C MET B 120 10.20 -0.40 -14.62
N CYS B 121 10.94 -0.99 -13.65
CA CYS B 121 11.61 -0.29 -12.59
C CYS B 121 13.11 0.07 -12.91
N HIS B 122 13.64 -0.40 -14.01
CA HIS B 122 15.11 -0.57 -14.09
C HIS B 122 15.89 0.74 -14.26
N ASP B 123 15.18 1.83 -14.56
CA ASP B 123 15.87 3.19 -14.59
C ASP B 123 15.20 4.19 -13.61
N LEU B 124 14.49 3.72 -12.59
CA LEU B 124 13.76 4.62 -11.67
C LEU B 124 14.65 5.72 -11.12
N ASP B 125 14.14 6.93 -11.17
CA ASP B 125 14.79 8.12 -10.57
C ASP B 125 16.12 8.49 -11.33
N HIS B 126 16.27 7.98 -12.58
CA HIS B 126 17.42 8.43 -13.36
C HIS B 126 17.41 9.96 -13.48
N ARG B 127 18.56 10.61 -13.36
CA ARG B 127 18.61 12.09 -13.46
C ARG B 127 19.35 12.49 -14.75
N GLY B 128 19.51 11.59 -15.72
CA GLY B 128 20.14 11.91 -16.99
C GLY B 128 21.66 11.99 -16.89
N THR B 129 22.23 11.40 -15.83
CA THR B 129 23.68 11.35 -15.68
C THR B 129 24.12 9.92 -15.49
N ASN B 130 25.31 9.57 -15.95
CA ASN B 130 25.71 8.17 -15.98
C ASN B 130 26.52 7.84 -14.71
N ASN B 131 27.04 6.61 -14.65
CA ASN B 131 27.71 6.19 -13.45
C ASN B 131 29.01 6.98 -13.22
N SER B 132 29.71 7.24 -14.30
CA SER B 132 31.03 7.90 -14.24
C SER B 132 30.77 9.29 -13.58
N PHE B 133 29.68 9.94 -13.98
CA PHE B 133 29.29 11.22 -13.32
C PHE B 133 29.08 11.12 -11.80
N GLN B 134 28.39 10.06 -11.35
CA GLN B 134 28.14 9.89 -9.91
C GLN B 134 29.44 9.90 -9.11
N VAL B 135 30.41 9.13 -9.60
CA VAL B 135 31.77 8.95 -9.02
C VAL B 135 32.62 10.26 -9.01
N ALA B 136 32.75 10.90 -10.19
CA ALA B 136 33.51 12.19 -10.36
C ALA B 136 32.98 13.29 -9.43
N SER B 137 31.66 13.51 -9.50
CA SER B 137 30.97 14.46 -8.62
C SER B 137 30.74 14.08 -7.14
N LYS B 138 31.15 12.89 -6.67
CA LYS B 138 30.84 12.54 -5.24
C LYS B 138 29.37 12.68 -4.89
N SER B 139 28.54 12.19 -5.78
CA SER B 139 27.11 12.21 -5.44
C SER B 139 26.76 11.37 -4.21
N VAL B 140 25.57 11.65 -3.65
CA VAL B 140 25.06 10.77 -2.55
C VAL B 140 24.98 9.31 -2.97
N LEU B 141 24.63 9.11 -4.25
CA LEU B 141 24.55 7.70 -4.71
C LEU B 141 25.88 6.94 -4.75
N ALA B 142 26.90 7.57 -5.28
CA ALA B 142 28.24 7.07 -5.18
C ALA B 142 28.74 6.89 -3.70
N ALA B 143 28.21 7.72 -2.78
CA ALA B 143 28.62 7.73 -1.32
C ALA B 143 28.08 6.49 -0.68
N LEU B 144 26.86 6.08 -1.07
CA LEU B 144 26.23 4.89 -0.52
C LEU B 144 26.80 3.63 -1.18
N TYR B 145 26.92 3.63 -2.49
CA TYR B 145 27.25 2.40 -3.22
C TYR B 145 28.70 2.61 -3.68
N SER B 146 29.58 2.56 -2.68
CA SER B 146 30.93 3.07 -2.87
C SER B 146 31.94 1.92 -3.25
N SER B 150 28.43 -0.03 -10.50
CA SER B 150 27.00 0.07 -10.99
C SER B 150 26.18 0.96 -10.08
N VAL B 151 26.66 2.17 -9.86
CA VAL B 151 26.02 3.04 -8.91
C VAL B 151 24.51 3.30 -9.25
N MET B 152 24.23 3.73 -10.47
CA MET B 152 22.77 4.17 -10.71
C MET B 152 21.90 2.91 -10.59
N GLU B 153 22.41 1.74 -11.05
CA GLU B 153 21.63 0.48 -11.09
C GLU B 153 21.31 0.04 -9.63
N ARG B 154 22.25 0.23 -8.74
CA ARG B 154 21.94 -0.03 -7.30
C ARG B 154 20.86 0.93 -6.80
N HIS B 155 20.91 2.16 -7.27
CA HIS B 155 19.91 3.11 -6.90
C HIS B 155 18.56 2.76 -7.52
N HIS B 156 18.54 2.30 -8.78
CA HIS B 156 17.23 1.98 -9.38
C HIS B 156 16.57 0.81 -8.62
N PHE B 157 17.40 -0.19 -8.19
CA PHE B 157 16.89 -1.29 -7.41
C PHE B 157 16.37 -0.74 -6.06
N ALA B 158 17.10 0.16 -5.43
CA ALA B 158 16.62 0.75 -4.12
C ALA B 158 15.20 1.39 -4.23
N GLN B 159 15.06 2.19 -5.27
CA GLN B 159 13.78 2.92 -5.57
C GLN B 159 12.69 1.91 -5.80
N ALA B 160 12.97 0.80 -6.46
CA ALA B 160 12.00 -0.26 -6.73
C ALA B 160 11.56 -0.89 -5.36
N ILE B 161 12.57 -1.18 -4.53
CA ILE B 161 12.26 -1.68 -3.11
C ILE B 161 11.43 -0.72 -2.30
N ALA B 162 11.78 0.58 -2.36
CA ALA B 162 11.07 1.65 -1.61
C ALA B 162 9.60 1.61 -2.11
N ILE B 163 9.37 1.38 -3.38
CA ILE B 163 7.94 1.35 -3.93
C ILE B 163 7.23 0.14 -3.39
N LEU B 164 7.87 -1.03 -3.48
CA LEU B 164 7.30 -2.30 -2.94
C LEU B 164 6.97 -2.21 -1.47
N ASN B 165 7.79 -1.45 -0.77
CA ASN B 165 7.55 -1.17 0.67
C ASN B 165 6.57 -0.08 1.07
N THR B 166 6.00 0.61 0.10
CA THR B 166 5.02 1.64 0.35
C THR B 166 3.68 0.99 0.60
N HIS B 167 2.94 1.56 1.55
CA HIS B 167 1.65 1.02 1.97
C HIS B 167 0.79 0.98 0.74
N GLY B 168 0.22 -0.17 0.41
CA GLY B 168 -0.73 -0.20 -0.74
C GLY B 168 -0.12 -0.62 -2.08
N CYS B 169 1.21 -0.83 -2.08
CA CYS B 169 1.91 -1.06 -3.33
C CYS B 169 2.65 -2.36 -3.41
N ASN B 170 2.52 -3.21 -2.39
CA ASN B 170 3.34 -4.44 -2.48
C ASN B 170 2.72 -5.54 -3.29
N ILE B 171 3.00 -5.52 -4.60
CA ILE B 171 2.49 -6.51 -5.54
C ILE B 171 3.09 -7.90 -5.35
N PHE B 172 4.04 -7.99 -4.39
CA PHE B 172 4.69 -9.29 -4.13
C PHE B 172 4.11 -9.90 -2.84
N ASP B 173 3.12 -9.26 -2.25
CA ASP B 173 2.51 -9.69 -1.01
C ASP B 173 2.06 -11.17 -1.03
N HIS B 174 1.71 -11.71 -2.18
CA HIS B 174 1.21 -13.10 -2.34
C HIS B 174 2.29 -14.13 -2.07
N PHE B 175 3.58 -13.79 -2.25
CA PHE B 175 4.61 -14.82 -2.20
C PHE B 175 4.93 -15.20 -0.75
N SER B 176 5.38 -16.42 -0.60
CA SER B 176 5.90 -16.83 0.67
C SER B 176 7.16 -16.05 0.98
N ARG B 177 7.61 -16.07 2.25
CA ARG B 177 8.89 -15.40 2.58
C ARG B 177 10.01 -15.88 1.66
N LYS B 178 10.09 -17.18 1.39
CA LYS B 178 11.15 -17.68 0.51
C LYS B 178 11.04 -17.12 -0.90
N ASP B 179 9.88 -17.20 -1.48
CA ASP B 179 9.73 -16.65 -2.85
C ASP B 179 9.92 -15.15 -2.88
N TYR B 180 9.51 -14.42 -1.82
CA TYR B 180 9.70 -12.96 -1.75
C TYR B 180 11.20 -12.65 -1.80
N GLN B 181 12.03 -13.36 -1.02
CA GLN B 181 13.47 -13.20 -1.12
C GLN B 181 13.96 -13.51 -2.53
N ARG B 182 13.44 -14.58 -3.10
CA ARG B 182 13.92 -14.98 -4.43
C ARG B 182 13.61 -13.86 -5.41
N MET B 183 12.47 -13.23 -5.29
CA MET B 183 12.07 -12.13 -6.18
C MET B 183 12.94 -10.92 -5.99
N LEU B 184 13.19 -10.53 -4.75
CA LEU B 184 14.08 -9.33 -4.57
C LEU B 184 15.43 -9.66 -5.15
N ASP B 185 15.93 -10.86 -4.93
CA ASP B 185 17.28 -11.21 -5.47
C ASP B 185 17.36 -11.26 -7.00
N LEU B 186 16.31 -11.79 -7.61
CA LEU B 186 16.16 -11.77 -9.08
C LEU B 186 16.15 -10.33 -9.55
N MET B 187 15.31 -9.51 -8.94
CA MET B 187 15.20 -8.08 -9.38
C MET B 187 16.57 -7.38 -9.25
N ARG B 188 17.34 -7.69 -8.19
CA ARG B 188 18.58 -7.00 -8.06
C ARG B 188 19.49 -7.46 -9.18
N ASP B 189 19.53 -8.76 -9.48
CA ASP B 189 20.45 -9.29 -10.47
C ASP B 189 20.05 -8.73 -11.86
N ILE B 190 18.74 -8.66 -12.15
CA ILE B 190 18.27 -8.21 -13.48
C ILE B 190 18.55 -6.70 -13.65
N ILE B 191 18.27 -5.93 -12.60
CA ILE B 191 18.52 -4.48 -12.73
C ILE B 191 20.05 -4.20 -12.80
N LEU B 192 20.85 -4.96 -12.08
CA LEU B 192 22.34 -4.77 -12.18
C LEU B 192 22.84 -5.16 -13.55
N ALA B 193 22.15 -6.11 -14.21
CA ALA B 193 22.52 -6.50 -15.53
C ALA B 193 22.36 -5.40 -16.56
N THR B 194 21.55 -4.35 -16.21
CA THR B 194 21.32 -3.26 -17.22
C THR B 194 22.57 -2.36 -17.31
N ASP B 195 23.50 -2.57 -16.37
CA ASP B 195 24.83 -1.82 -16.54
C ASP B 195 25.53 -2.40 -17.73
N LEU B 196 25.76 -1.60 -18.77
CA LEU B 196 26.50 -2.23 -19.94
C LEU B 196 27.92 -2.75 -19.64
N ALA B 197 28.58 -2.22 -18.56
CA ALA B 197 29.88 -2.72 -18.14
C ALA B 197 29.69 -4.17 -17.68
N HIS B 198 28.57 -4.48 -16.96
CA HIS B 198 28.29 -5.88 -16.64
C HIS B 198 28.08 -6.79 -17.87
N HIS B 199 27.30 -6.31 -18.84
CA HIS B 199 27.06 -7.12 -19.99
C HIS B 199 28.43 -7.45 -20.70
N LEU B 200 29.26 -6.44 -20.85
CA LEU B 200 30.61 -6.64 -21.45
C LEU B 200 31.40 -7.65 -20.66
N ARG B 201 31.30 -7.61 -19.33
CA ARG B 201 31.98 -8.65 -18.49
C ARG B 201 31.51 -10.04 -18.76
N ILE B 202 30.19 -10.21 -18.96
CA ILE B 202 29.63 -11.60 -19.12
C ILE B 202 29.50 -12.03 -20.60
N PHE B 203 29.92 -11.16 -21.55
CA PHE B 203 29.66 -11.43 -22.94
C PHE B 203 30.24 -12.80 -23.39
N LYS B 204 31.49 -13.09 -22.98
CA LYS B 204 32.12 -14.40 -23.36
C LYS B 204 31.29 -15.63 -22.86
N ASP B 205 30.74 -15.51 -21.63
CA ASP B 205 29.89 -16.56 -21.09
C ASP B 205 28.60 -16.64 -21.89
N LEU B 206 28.08 -15.48 -22.30
CA LEU B 206 26.87 -15.45 -23.15
C LEU B 206 27.18 -16.16 -24.48
N GLN B 207 28.30 -15.84 -25.09
CA GLN B 207 28.70 -16.53 -26.37
C GLN B 207 28.84 -18.02 -26.17
N LYS B 208 29.48 -18.46 -25.06
CA LYS B 208 29.51 -19.90 -24.80
C LYS B 208 28.18 -20.57 -24.68
N MET B 209 27.24 -19.94 -23.97
CA MET B 209 25.88 -20.49 -23.86
C MET B 209 25.21 -20.56 -25.18
N ALA B 210 25.42 -19.56 -26.03
CA ALA B 210 24.80 -19.55 -27.31
C ALA B 210 25.34 -20.69 -28.21
N GLU B 211 26.62 -20.94 -28.06
CA GLU B 211 27.26 -22.01 -28.85
C GLU B 211 26.75 -23.37 -28.42
N VAL B 212 26.71 -23.66 -27.10
CA VAL B 212 26.30 -25.03 -26.64
C VAL B 212 24.77 -25.22 -26.68
N GLY B 213 24.01 -24.12 -26.56
CA GLY B 213 22.55 -24.19 -26.56
C GLY B 213 22.05 -24.05 -25.11
N TYR B 214 20.97 -23.29 -24.94
CA TYR B 214 20.43 -23.05 -23.66
C TYR B 214 19.95 -24.38 -23.09
N ASP B 215 20.30 -24.66 -21.83
CA ASP B 215 19.80 -25.79 -21.06
C ASP B 215 18.99 -25.26 -19.88
N ARG B 216 17.69 -25.57 -19.94
CA ARG B 216 16.75 -25.18 -18.90
C ARG B 216 17.04 -25.82 -17.56
N ASN B 217 17.75 -26.95 -17.56
CA ASN B 217 18.15 -27.55 -16.29
C ASN B 217 19.47 -27.04 -15.75
N ASN B 218 20.04 -26.01 -16.39
CA ASN B 218 21.34 -25.50 -15.97
C ASN B 218 21.06 -24.15 -15.33
N LYS B 219 21.25 -24.03 -14.03
CA LYS B 219 20.93 -22.80 -13.31
C LYS B 219 21.74 -21.60 -13.76
N GLN B 220 22.98 -21.82 -14.16
CA GLN B 220 23.82 -20.71 -14.69
C GLN B 220 23.24 -20.18 -16.01
N HIS B 221 22.69 -21.08 -16.85
CA HIS B 221 21.96 -20.64 -18.08
C HIS B 221 20.76 -19.76 -17.75
N HIS B 222 19.97 -20.03 -16.69
CA HIS B 222 18.89 -19.14 -16.35
C HIS B 222 19.42 -17.77 -16.05
N ARG B 223 20.41 -17.74 -15.20
CA ARG B 223 20.97 -16.43 -14.77
C ARG B 223 21.42 -15.62 -16.00
N LEU B 224 22.17 -16.27 -16.89
CA LEU B 224 22.74 -15.56 -18.09
C LEU B 224 21.62 -15.20 -19.06
N LEU B 225 20.66 -16.11 -19.27
CA LEU B 225 19.56 -15.78 -20.20
C LEU B 225 18.76 -14.54 -19.65
N LEU B 226 18.57 -14.42 -18.32
CA LEU B 226 17.86 -13.21 -17.73
C LEU B 226 18.66 -11.99 -18.08
N CYS B 227 20.01 -12.03 -17.90
CA CYS B 227 20.83 -10.85 -18.26
C CYS B 227 20.71 -10.46 -19.73
N LEU B 228 20.84 -11.46 -20.63
CA LEU B 228 20.76 -11.19 -22.06
C LEU B 228 19.37 -10.60 -22.39
N LEU B 229 18.27 -11.22 -21.92
CA LEU B 229 16.93 -10.76 -22.23
C LEU B 229 16.80 -9.31 -21.70
N MET B 230 17.30 -9.06 -20.48
CA MET B 230 17.16 -7.68 -19.98
C MET B 230 17.90 -6.68 -20.95
N THR B 231 19.15 -6.98 -21.28
CA THR B 231 19.89 -6.06 -22.20
C THR B 231 19.13 -5.91 -23.51
N SER B 232 18.55 -7.00 -24.00
CA SER B 232 17.85 -7.00 -25.29
C SER B 232 16.66 -6.06 -25.21
N CYS B 233 15.99 -6.09 -24.07
CA CYS B 233 14.93 -5.11 -23.78
C CYS B 233 15.36 -3.63 -23.65
N ASP B 234 16.49 -3.39 -23.03
CA ASP B 234 16.97 -2.11 -22.76
C ASP B 234 17.41 -1.39 -24.08
N LEU B 235 17.92 -2.22 -25.02
CA LEU B 235 18.48 -1.69 -26.30
C LEU B 235 17.46 -1.74 -27.43
N SER B 236 16.16 -2.10 -27.09
CA SER B 236 15.28 -2.59 -28.19
C SER B 236 14.79 -1.46 -29.11
N ASP B 237 15.00 -0.21 -28.68
CA ASP B 237 14.71 0.92 -29.64
C ASP B 237 15.52 0.83 -30.92
N GLN B 238 16.60 0.07 -30.92
CA GLN B 238 17.41 -0.06 -32.14
C GLN B 238 16.87 -1.17 -33.08
N THR B 239 15.83 -1.88 -32.63
CA THR B 239 15.37 -3.05 -33.40
C THR B 239 14.17 -2.63 -34.24
N LYS B 240 13.79 -1.37 -34.16
CA LYS B 240 12.56 -0.82 -34.89
C LYS B 240 12.98 -0.29 -36.31
N GLY B 241 12.22 0.64 -36.85
CA GLY B 241 12.60 1.33 -38.10
C GLY B 241 13.52 2.53 -37.93
N TRP B 242 13.95 3.10 -39.06
CA TRP B 242 14.95 4.15 -39.03
C TRP B 242 14.51 5.34 -38.24
N LYS B 243 13.23 5.66 -38.33
CA LYS B 243 12.68 6.82 -37.69
C LYS B 243 12.82 6.76 -36.16
N THR B 244 12.60 5.58 -35.58
CA THR B 244 12.86 5.35 -34.13
C THR B 244 14.35 5.49 -33.73
N THR B 245 15.22 4.85 -34.49
CA THR B 245 16.67 4.92 -34.28
C THR B 245 17.17 6.34 -34.31
N ARG B 246 16.70 7.09 -35.30
CA ARG B 246 17.08 8.48 -35.39
C ARG B 246 16.56 9.35 -34.23
N LYS B 247 15.29 9.18 -33.86
CA LYS B 247 14.71 9.97 -32.78
C LYS B 247 15.39 9.63 -31.39
N ILE B 248 15.67 8.36 -31.18
CA ILE B 248 16.33 7.90 -29.95
C ILE B 248 17.74 8.37 -29.84
N ALA B 249 18.47 8.40 -30.98
CA ALA B 249 19.79 9.01 -30.97
C ALA B 249 19.74 10.53 -30.57
N GLU B 250 18.78 11.31 -31.10
CA GLU B 250 18.52 12.68 -30.63
C GLU B 250 18.40 12.80 -29.12
N LEU B 251 17.53 11.99 -28.51
CA LEU B 251 17.29 12.07 -27.11
C LEU B 251 18.54 11.66 -26.23
N ILE B 252 19.17 10.55 -26.58
CA ILE B 252 20.41 10.08 -25.90
C ILE B 252 21.50 11.17 -25.96
N TYR B 253 21.75 11.67 -27.14
CA TYR B 253 22.74 12.72 -27.24
C TYR B 253 22.37 13.98 -26.58
N LYS B 254 21.10 14.44 -26.68
CA LYS B 254 20.74 15.59 -25.82
C LYS B 254 21.09 15.40 -24.31
N GLU B 255 20.69 14.24 -23.80
CA GLU B 255 21.05 13.85 -22.45
C GLU B 255 22.59 13.87 -22.13
N PHE B 256 23.35 13.14 -22.93
CA PHE B 256 24.80 13.09 -22.79
C PHE B 256 25.43 14.46 -22.87
N PHE B 257 25.05 15.29 -23.85
CA PHE B 257 25.68 16.64 -23.89
C PHE B 257 25.36 17.56 -22.70
N SER B 258 24.14 17.49 -22.17
CA SER B 258 23.80 18.16 -20.92
C SER B 258 24.74 17.76 -19.79
N GLN B 259 25.00 16.44 -19.70
CA GLN B 259 25.98 15.99 -18.67
C GLN B 259 27.37 16.60 -18.95
N GLY B 260 27.82 16.56 -20.20
CA GLY B 260 29.10 17.14 -20.55
C GLY B 260 29.20 18.62 -20.22
N ASP B 261 28.12 19.39 -20.45
CA ASP B 261 28.12 20.83 -20.19
C ASP B 261 28.34 21.08 -18.68
N LEU B 262 27.66 20.31 -17.84
CA LEU B 262 27.84 20.41 -16.39
C LEU B 262 29.25 20.03 -15.92
N GLU B 263 29.77 18.97 -16.54
CA GLU B 263 31.11 18.47 -16.25
C GLU B 263 32.17 19.55 -16.57
N LYS B 264 32.09 20.14 -17.76
CA LYS B 264 32.96 21.28 -18.08
C LYS B 264 32.88 22.41 -17.06
N ALA B 265 31.68 22.75 -16.62
CA ALA B 265 31.52 23.90 -15.70
C ALA B 265 32.10 23.56 -14.32
N MET B 266 31.95 22.30 -13.91
CA MET B 266 32.55 21.80 -12.64
C MET B 266 34.07 21.66 -12.71
N GLY B 267 34.65 21.75 -13.90
CA GLY B 267 36.09 21.59 -14.03
C GLY B 267 36.54 20.16 -14.27
N ASN B 268 35.60 19.33 -14.72
CA ASN B 268 35.94 18.00 -15.20
C ASN B 268 36.01 17.91 -16.74
N ARG B 269 36.84 17.01 -17.24
CA ARG B 269 36.84 16.79 -18.68
C ARG B 269 35.88 15.66 -19.06
N PRO B 270 34.83 16.00 -19.82
CA PRO B 270 33.90 14.92 -20.21
C PRO B 270 34.50 13.91 -21.21
N MET B 271 34.04 12.66 -21.20
CA MET B 271 34.19 11.74 -22.34
C MET B 271 33.86 12.51 -23.63
N GLU B 272 34.52 12.12 -24.71
CA GLU B 272 34.24 12.74 -25.97
C GLU B 272 32.77 12.66 -26.37
N MET B 273 32.15 11.48 -26.19
CA MET B 273 30.78 11.36 -26.58
C MET B 273 29.83 12.24 -25.77
N MET B 274 30.31 12.83 -24.65
CA MET B 274 29.44 13.70 -23.96
C MET B 274 29.74 15.16 -24.18
N ASP B 275 30.72 15.42 -25.03
CA ASP B 275 31.21 16.81 -25.29
C ASP B 275 30.57 17.30 -26.64
N ARG B 276 29.66 18.25 -26.54
CA ARG B 276 28.93 18.64 -27.79
C ARG B 276 29.85 19.33 -28.76
N GLU B 277 31.04 19.68 -28.30
CA GLU B 277 31.99 20.35 -29.25
C GLU B 277 32.84 19.37 -30.02
N LYS B 278 32.96 18.12 -29.55
CA LYS B 278 33.82 17.12 -30.15
C LYS B 278 33.03 15.99 -30.71
N ALA B 279 31.91 15.61 -30.05
CA ALA B 279 31.18 14.38 -30.48
C ALA B 279 30.76 14.44 -31.97
N TYR B 280 30.96 13.34 -32.69
CA TYR B 280 30.49 13.20 -34.03
C TYR B 280 29.48 12.08 -34.07
N ILE B 281 28.20 12.47 -33.95
CA ILE B 281 27.14 11.45 -33.72
C ILE B 281 27.20 10.20 -34.63
N PRO B 282 27.41 10.39 -35.96
CA PRO B 282 27.22 9.20 -36.81
C PRO B 282 28.29 8.16 -36.51
N GLU B 283 29.52 8.56 -36.24
CA GLU B 283 30.54 7.59 -35.90
C GLU B 283 30.27 6.90 -34.52
N LEU B 284 29.88 7.72 -33.55
CA LEU B 284 29.56 7.23 -32.21
C LEU B 284 28.42 6.18 -32.28
N GLN B 285 27.37 6.50 -33.02
CA GLN B 285 26.29 5.57 -33.18
C GLN B 285 26.68 4.34 -33.94
N ILE B 286 27.39 4.48 -35.09
CA ILE B 286 27.89 3.24 -35.76
C ILE B 286 28.72 2.32 -34.84
N SER B 287 29.57 2.93 -34.00
CA SER B 287 30.43 2.21 -33.06
C SER B 287 29.57 1.42 -32.08
N PHE B 288 28.62 2.10 -31.50
CA PHE B 288 27.72 1.44 -30.50
C PHE B 288 26.92 0.30 -31.13
N MET B 289 26.38 0.56 -32.31
CA MET B 289 25.62 -0.49 -33.06
C MET B 289 26.52 -1.65 -33.44
N GLU B 290 27.73 -1.39 -33.98
CA GLU B 290 28.57 -2.55 -34.34
C GLU B 290 29.18 -3.25 -33.15
N HIS B 291 29.59 -2.51 -32.12
CA HIS B 291 30.29 -3.15 -31.01
C HIS B 291 29.44 -3.64 -29.84
N ILE B 292 28.27 -3.04 -29.65
CA ILE B 292 27.44 -3.37 -28.50
C ILE B 292 26.11 -3.98 -28.99
N ALA B 293 25.35 -3.20 -29.74
CA ALA B 293 23.94 -3.64 -30.09
C ALA B 293 23.92 -4.88 -31.02
N MET B 294 24.63 -4.86 -32.15
CA MET B 294 24.54 -6.00 -33.08
C MET B 294 24.94 -7.35 -32.42
N PRO B 295 26.08 -7.38 -31.72
CA PRO B 295 26.39 -8.64 -31.02
C PRO B 295 25.34 -9.12 -30.06
N ILE B 296 24.61 -8.22 -29.37
CA ILE B 296 23.56 -8.71 -28.44
C ILE B 296 22.41 -9.42 -29.23
N TYR B 297 21.96 -8.77 -30.30
CA TYR B 297 20.88 -9.35 -31.11
C TYR B 297 21.36 -10.62 -31.87
N LYS B 298 22.62 -10.70 -32.21
CA LYS B 298 23.20 -11.91 -32.83
C LYS B 298 23.15 -13.05 -31.86
N LEU B 299 23.60 -12.80 -30.61
CA LEU B 299 23.44 -13.80 -29.59
C LEU B 299 21.96 -14.21 -29.41
N LEU B 300 21.05 -13.24 -29.39
CA LEU B 300 19.64 -13.57 -29.14
C LEU B 300 19.16 -14.52 -30.26
N GLN B 301 19.53 -14.16 -31.49
CA GLN B 301 19.17 -14.96 -32.65
C GLN B 301 19.79 -16.42 -32.62
N ASP B 302 21.05 -16.55 -32.23
CA ASP B 302 21.71 -17.82 -32.00
C ASP B 302 20.95 -18.69 -30.98
N LEU B 303 20.39 -18.09 -29.94
CA LEU B 303 19.65 -18.79 -28.91
C LEU B 303 18.17 -19.07 -29.28
N PHE B 304 17.62 -18.13 -30.03
CA PHE B 304 16.23 -18.09 -30.46
C PHE B 304 16.06 -17.72 -31.94
N PRO B 305 15.95 -18.71 -32.82
CA PRO B 305 15.77 -18.46 -34.26
C PRO B 305 14.65 -17.43 -34.63
N LYS B 306 13.52 -17.46 -33.88
CA LYS B 306 12.43 -16.49 -34.05
C LYS B 306 12.88 -15.04 -33.82
N ALA B 307 13.99 -14.83 -33.11
CA ALA B 307 14.56 -13.48 -32.99
C ALA B 307 15.36 -12.96 -34.19
N ALA B 308 15.67 -13.79 -35.19
CA ALA B 308 16.44 -13.33 -36.36
C ALA B 308 16.06 -11.93 -36.91
N GLU B 309 14.77 -11.62 -36.99
CA GLU B 309 14.38 -10.33 -37.55
C GLU B 309 14.87 -9.13 -36.76
N LEU B 310 15.08 -9.35 -35.46
CA LEU B 310 15.61 -8.27 -34.59
C LEU B 310 17.05 -7.89 -34.99
N TYR B 311 17.86 -8.90 -35.16
CA TYR B 311 19.26 -8.71 -35.57
C TYR B 311 19.32 -8.03 -36.97
N GLU B 312 18.47 -8.52 -37.89
CA GLU B 312 18.48 -7.90 -39.21
C GLU B 312 18.06 -6.42 -39.21
N ARG B 313 17.15 -6.06 -38.32
CA ARG B 313 16.70 -4.65 -38.22
C ARG B 313 17.85 -3.82 -37.63
N VAL B 314 18.54 -4.37 -36.62
CA VAL B 314 19.64 -3.59 -36.03
C VAL B 314 20.76 -3.35 -37.10
N ALA B 315 21.05 -4.41 -37.89
CA ALA B 315 22.15 -4.39 -38.89
C ALA B 315 21.71 -3.38 -39.94
N SER B 316 20.42 -3.44 -40.35
CA SER B 316 19.91 -2.52 -41.36
C SER B 316 19.99 -1.03 -40.89
N ASN B 317 19.72 -0.82 -39.60
CA ASN B 317 19.79 0.51 -38.97
C ASN B 317 21.20 1.07 -38.96
N ARG B 318 22.17 0.22 -38.60
CA ARG B 318 23.57 0.56 -38.64
C ARG B 318 23.95 0.99 -40.09
N GLU B 319 23.46 0.24 -41.05
CA GLU B 319 23.80 0.54 -42.47
C GLU B 319 23.24 1.87 -42.93
N HIS B 320 22.03 2.20 -42.48
CA HIS B 320 21.45 3.53 -42.64
C HIS B 320 22.25 4.71 -42.02
N TRP B 321 22.88 4.49 -40.85
CA TRP B 321 23.73 5.51 -40.27
C TRP B 321 24.90 5.80 -41.20
N THR B 322 25.45 4.73 -41.78
CA THR B 322 26.56 4.90 -42.73
C THR B 322 26.10 5.72 -43.93
N LYS B 323 24.89 5.42 -44.39
CA LYS B 323 24.38 6.07 -45.56
C LYS B 323 24.12 7.55 -45.32
N VAL B 324 23.69 7.94 -44.13
CA VAL B 324 23.39 9.35 -43.91
C VAL B 324 24.51 10.09 -43.19
N SER B 325 25.64 9.43 -42.99
CA SER B 325 26.70 10.01 -42.20
C SER B 325 27.19 11.30 -42.90
N HIS B 326 27.12 11.29 -44.22
CA HIS B 326 27.70 12.37 -45.02
C HIS B 326 26.96 13.64 -44.77
N LYS B 327 25.72 13.55 -44.29
CA LYS B 327 24.91 14.73 -43.99
C LYS B 327 25.42 15.58 -42.83
N PHE B 328 26.34 15.07 -42.02
CA PHE B 328 26.81 15.83 -40.87
C PHE B 328 27.95 16.71 -41.26
N THR B 329 28.25 16.73 -42.56
CA THR B 329 29.24 17.73 -43.14
C THR B 329 28.39 18.64 -43.98
N ILE B 330 28.35 19.94 -43.69
CA ILE B 330 27.49 20.83 -44.46
C ILE B 330 28.05 21.01 -45.85
N ARG B 331 27.45 20.32 -46.80
CA ARG B 331 27.70 20.62 -48.25
C ARG B 331 26.63 21.55 -48.77
N GLY B 332 26.99 22.43 -49.74
CA GLY B 332 25.98 23.44 -50.10
C GLY B 332 25.93 24.52 -49.02
N LEU B 333 24.84 25.26 -49.03
CA LEU B 333 24.54 26.33 -48.05
C LEU B 333 23.59 25.71 -47.02
N PRO B 334 23.62 26.22 -45.77
CA PRO B 334 22.49 25.91 -44.84
C PRO B 334 21.13 26.08 -45.44
N SER B 335 20.10 25.51 -44.80
CA SER B 335 18.73 25.80 -45.22
C SER B 335 18.45 27.26 -45.55
N ASN B 336 18.98 28.17 -44.74
CA ASN B 336 18.54 29.56 -44.86
C ASN B 336 19.34 30.37 -45.88
N ASN B 337 20.13 29.68 -46.73
CA ASN B 337 21.07 30.37 -47.63
C ASN B 337 22.03 31.31 -46.98
N SER B 338 22.32 31.11 -45.71
CA SER B 338 23.18 32.01 -44.94
C SER B 338 24.31 31.23 -44.35
N LEU B 339 25.50 31.85 -44.31
CA LEU B 339 26.66 31.37 -43.59
C LEU B 339 26.78 32.06 -42.21
N ASP B 340 25.71 32.68 -41.76
CA ASP B 340 25.76 33.35 -40.46
C ASP B 340 25.96 32.35 -39.29
N PHE B 341 25.44 31.10 -39.43
CA PHE B 341 25.71 29.99 -38.44
C PHE B 341 27.15 29.98 -37.90
N ILE C 16 -50.97 -18.80 -16.86
CA ILE C 16 -49.63 -18.78 -17.60
C ILE C 16 -49.69 -19.36 -19.00
N GLN C 17 -49.33 -18.52 -19.94
CA GLN C 17 -49.41 -18.82 -21.34
C GLN C 17 -48.28 -19.70 -21.83
N PRO C 18 -48.61 -20.74 -22.60
CA PRO C 18 -47.66 -21.54 -23.34
C PRO C 18 -46.78 -20.64 -24.21
N VAL C 19 -45.53 -21.04 -24.44
CA VAL C 19 -44.62 -20.20 -25.20
C VAL C 19 -45.07 -20.08 -26.70
N ALA C 20 -45.71 -21.16 -27.21
CA ALA C 20 -46.22 -21.20 -28.59
C ALA C 20 -47.26 -20.11 -28.83
N ALA C 21 -48.05 -19.82 -27.80
CA ALA C 21 -49.02 -18.71 -27.88
C ALA C 21 -48.35 -17.35 -28.08
N ILE C 22 -47.14 -17.19 -27.54
CA ILE C 22 -46.43 -15.91 -27.72
C ILE C 22 -45.92 -15.66 -29.16
N ASP C 23 -45.19 -16.59 -29.75
CA ASP C 23 -44.71 -16.42 -31.10
C ASP C 23 -44.17 -17.77 -31.48
N SER C 24 -44.40 -18.16 -32.72
CA SER C 24 -43.99 -19.52 -33.05
C SER C 24 -42.49 -19.64 -33.14
N ASN C 25 -41.78 -18.51 -33.15
CA ASN C 25 -40.33 -18.50 -33.29
C ASN C 25 -39.64 -18.12 -31.96
N PHE C 26 -40.46 -18.15 -30.89
CA PHE C 26 -40.05 -17.59 -29.57
C PHE C 26 -38.80 -18.26 -29.00
N ALA C 27 -38.61 -19.55 -29.31
CA ALA C 27 -37.50 -20.29 -28.72
C ALA C 27 -36.35 -20.51 -29.70
N SER C 28 -36.31 -19.71 -30.79
CA SER C 28 -35.23 -19.75 -31.79
C SER C 28 -34.08 -18.73 -31.46
N PHE C 29 -32.83 -19.08 -31.70
CA PHE C 29 -31.78 -18.04 -31.76
C PHE C 29 -32.03 -16.82 -32.70
N THR C 30 -32.95 -16.96 -33.64
CA THR C 30 -33.29 -15.80 -34.52
C THR C 30 -34.36 -14.83 -34.03
N TYR C 31 -35.11 -15.24 -33.01
CA TYR C 31 -36.13 -14.41 -32.38
C TYR C 31 -35.45 -13.19 -31.73
N THR C 32 -36.03 -12.02 -31.97
CA THR C 32 -35.57 -10.80 -31.30
C THR C 32 -36.52 -10.44 -30.14
N PRO C 33 -36.12 -10.78 -28.86
CA PRO C 33 -37.14 -10.43 -27.81
C PRO C 33 -37.45 -8.95 -27.63
N ARG C 34 -36.55 -8.10 -28.09
CA ARG C 34 -36.92 -6.71 -27.98
C ARG C 34 -38.11 -6.30 -28.88
N SER C 35 -38.54 -7.19 -29.78
CA SER C 35 -39.68 -6.93 -30.61
C SER C 35 -41.01 -7.19 -29.81
N LEU C 36 -40.91 -7.80 -28.63
CA LEU C 36 -42.06 -8.08 -27.78
C LEU C 36 -42.46 -6.79 -27.12
N PRO C 37 -43.77 -6.38 -27.24
CA PRO C 37 -44.19 -5.14 -26.48
C PRO C 37 -43.88 -5.19 -24.98
N GLU C 38 -43.41 -4.07 -24.42
CA GLU C 38 -42.96 -4.08 -23.03
C GLU C 38 -44.02 -4.57 -22.05
N ASP C 39 -45.30 -4.31 -22.41
CA ASP C 39 -46.44 -4.63 -21.58
C ASP C 39 -46.64 -6.13 -21.44
N ASP C 40 -46.04 -6.89 -22.37
CA ASP C 40 -46.22 -8.34 -22.48
C ASP C 40 -45.03 -9.13 -21.91
N THR C 41 -44.05 -8.36 -21.38
CA THR C 41 -42.78 -8.99 -21.07
C THR C 41 -42.91 -9.71 -19.74
N SER C 42 -43.64 -9.18 -18.75
CA SER C 42 -43.80 -10.00 -17.48
C SER C 42 -44.45 -11.39 -17.74
N MET C 43 -45.50 -11.45 -18.56
CA MET C 43 -46.09 -12.74 -18.97
C MET C 43 -45.09 -13.67 -19.61
N ALA C 44 -44.22 -13.10 -20.43
CA ALA C 44 -43.25 -13.88 -21.16
C ALA C 44 -42.26 -14.47 -20.13
N ILE C 45 -41.84 -13.71 -19.11
CA ILE C 45 -41.00 -14.25 -18.08
C ILE C 45 -41.68 -15.51 -17.41
N LEU C 46 -42.96 -15.40 -17.00
CA LEU C 46 -43.68 -16.57 -16.36
C LEU C 46 -43.79 -17.68 -17.37
N SER C 47 -44.08 -17.34 -18.60
CA SER C 47 -44.15 -18.43 -19.65
C SER C 47 -42.85 -19.20 -19.82
N MET C 48 -41.70 -18.49 -19.72
CA MET C 48 -40.41 -19.15 -19.85
C MET C 48 -40.15 -20.07 -18.66
N LEU C 49 -40.37 -19.55 -17.47
CA LEU C 49 -40.11 -20.30 -16.25
C LEU C 49 -41.00 -21.57 -16.24
N GLN C 50 -42.22 -21.43 -16.74
CA GLN C 50 -43.15 -22.55 -16.79
C GLN C 50 -42.64 -23.53 -17.82
N ASP C 51 -42.21 -23.05 -19.00
CA ASP C 51 -41.63 -23.89 -20.03
C ASP C 51 -40.42 -24.73 -19.56
N MET C 52 -39.55 -24.12 -18.77
CA MET C 52 -38.41 -24.82 -18.19
C MET C 52 -38.82 -25.74 -16.99
N ASN C 53 -40.06 -25.55 -16.50
CA ASN C 53 -40.70 -26.34 -15.43
C ASN C 53 -40.16 -26.11 -14.04
N PHE C 54 -39.37 -25.04 -13.89
CA PHE C 54 -38.95 -24.63 -12.57
C PHE C 54 -40.11 -24.29 -11.63
N ILE C 55 -41.23 -23.81 -12.16
CA ILE C 55 -42.32 -23.47 -11.25
C ILE C 55 -42.78 -24.80 -10.56
N ASN C 56 -43.12 -25.78 -11.42
CA ASN C 56 -43.51 -27.11 -10.91
C ASN C 56 -42.39 -27.84 -10.11
N ASN C 57 -41.14 -27.81 -10.61
CA ASN C 57 -40.04 -28.48 -9.97
C ASN C 57 -39.67 -27.97 -8.58
N TYR C 58 -39.77 -26.64 -8.41
CA TYR C 58 -39.42 -26.03 -7.15
C TYR C 58 -40.60 -25.62 -6.32
N LYS C 59 -41.81 -25.98 -6.79
CA LYS C 59 -43.09 -25.67 -6.14
C LYS C 59 -43.14 -24.18 -5.79
N ILE C 60 -42.78 -23.37 -6.77
CA ILE C 60 -42.85 -21.91 -6.63
C ILE C 60 -44.31 -21.42 -6.61
N ASP C 61 -44.68 -20.68 -5.55
CA ASP C 61 -46.01 -20.06 -5.48
C ASP C 61 -46.17 -19.08 -6.61
N CYS C 62 -47.15 -19.29 -7.50
CA CYS C 62 -47.30 -18.39 -8.68
C CYS C 62 -47.65 -16.95 -8.36
N PRO C 63 -48.58 -16.71 -7.43
CA PRO C 63 -48.79 -15.29 -7.10
C PRO C 63 -47.50 -14.61 -6.59
N THR C 64 -46.74 -15.27 -5.72
CA THR C 64 -45.49 -14.71 -5.22
C THR C 64 -44.50 -14.47 -6.43
N LEU C 65 -44.37 -15.46 -7.33
CA LEU C 65 -43.59 -15.31 -8.56
C LEU C 65 -44.02 -14.05 -9.42
N ALA C 66 -45.33 -13.85 -9.51
CA ALA C 66 -45.88 -12.79 -10.33
C ALA C 66 -45.47 -11.45 -9.69
N ARG C 67 -45.62 -11.37 -8.40
CA ARG C 67 -45.32 -10.16 -7.65
C ARG C 67 -43.79 -9.85 -7.76
N PHE C 68 -42.99 -10.92 -7.66
CA PHE C 68 -41.51 -10.78 -7.69
C PHE C 68 -41.19 -10.22 -9.08
N CYS C 69 -41.74 -10.82 -10.14
CA CYS C 69 -41.47 -10.40 -11.54
C CYS C 69 -41.82 -8.93 -11.81
N LEU C 70 -42.93 -8.49 -11.25
CA LEU C 70 -43.39 -7.11 -11.43
C LEU C 70 -42.45 -6.17 -10.65
N MET C 71 -41.99 -6.57 -9.47
CA MET C 71 -41.15 -5.71 -8.65
C MET C 71 -39.76 -5.56 -9.28
N VAL C 72 -39.23 -6.65 -9.82
CA VAL C 72 -37.93 -6.62 -10.54
C VAL C 72 -38.08 -5.61 -11.72
N LYS C 73 -39.15 -5.77 -12.54
CA LYS C 73 -39.40 -4.85 -13.67
C LYS C 73 -39.40 -3.39 -13.16
N LYS C 74 -40.17 -3.10 -12.10
CA LYS C 74 -40.27 -1.76 -11.61
C LYS C 74 -38.93 -1.24 -11.07
N GLY C 75 -38.00 -2.16 -10.80
CA GLY C 75 -36.71 -1.80 -10.10
C GLY C 75 -35.67 -1.31 -11.12
N TYR C 76 -35.96 -1.32 -12.43
CA TYR C 76 -35.06 -0.72 -13.42
C TYR C 76 -35.47 0.73 -13.66
N ARG C 77 -34.47 1.56 -13.76
CA ARG C 77 -34.69 2.88 -14.31
C ARG C 77 -34.78 2.90 -15.88
N ASP C 78 -34.69 4.12 -16.44
CA ASP C 78 -34.98 4.33 -17.84
C ASP C 78 -33.83 5.01 -18.60
N PRO C 79 -32.56 4.61 -18.32
CA PRO C 79 -31.48 5.05 -19.24
C PRO C 79 -31.63 4.38 -20.60
N PRO C 80 -30.99 4.91 -21.67
CA PRO C 80 -31.18 4.40 -23.03
C PRO C 80 -30.95 2.92 -23.17
N TYR C 81 -29.93 2.41 -22.48
CA TYR C 81 -29.61 0.95 -22.66
C TYR C 81 -29.95 0.02 -21.44
N HIS C 82 -29.44 0.44 -20.30
CA HIS C 82 -29.58 -0.36 -19.00
C HIS C 82 -30.91 -0.26 -18.31
N ASN C 83 -31.94 -0.70 -19.07
CA ASN C 83 -33.32 -0.64 -18.59
C ASN C 83 -33.95 -2.02 -18.53
N TRP C 84 -35.25 -2.07 -18.24
CA TRP C 84 -35.87 -3.41 -18.12
C TRP C 84 -35.85 -4.15 -19.46
N MET C 85 -35.95 -3.47 -20.62
CA MET C 85 -35.94 -4.22 -21.82
C MET C 85 -34.65 -4.98 -22.07
N HIS C 86 -33.54 -4.41 -21.56
CA HIS C 86 -32.26 -5.11 -21.63
C HIS C 86 -32.31 -6.39 -20.72
N ALA C 87 -32.72 -6.22 -19.50
CA ALA C 87 -32.82 -7.31 -18.51
C ALA C 87 -33.76 -8.37 -19.11
N PHE C 88 -34.86 -7.94 -19.75
CA PHE C 88 -35.74 -8.94 -20.38
C PHE C 88 -35.04 -9.71 -21.45
N SER C 89 -34.33 -9.00 -22.36
CA SER C 89 -33.73 -9.64 -23.54
C SER C 89 -32.58 -10.58 -23.08
N VAL C 90 -31.89 -10.17 -22.02
CA VAL C 90 -30.85 -11.03 -21.39
C VAL C 90 -31.43 -12.35 -20.89
N SER C 91 -32.54 -12.24 -20.22
CA SER C 91 -33.25 -13.38 -19.59
C SER C 91 -33.74 -14.30 -20.72
N HIS C 92 -34.32 -13.72 -21.78
CA HIS C 92 -34.78 -14.53 -22.91
C HIS C 92 -33.66 -15.32 -23.50
N PHE C 93 -32.45 -14.73 -23.61
CA PHE C 93 -31.32 -15.44 -24.18
C PHE C 93 -30.93 -16.67 -23.27
N CYS C 94 -30.99 -16.48 -21.95
CA CYS C 94 -30.79 -17.59 -20.99
C CYS C 94 -31.80 -18.76 -21.31
N TYR C 95 -33.02 -18.36 -21.60
CA TYR C 95 -34.06 -19.34 -21.95
C TYR C 95 -33.66 -20.00 -23.27
N LEU C 96 -33.19 -19.20 -24.24
CA LEU C 96 -32.75 -19.79 -25.56
C LEU C 96 -31.59 -20.78 -25.33
N LEU C 97 -30.66 -20.43 -24.41
CA LEU C 97 -29.54 -21.34 -24.12
C LEU C 97 -30.08 -22.68 -23.58
N TYR C 98 -30.98 -22.55 -22.64
CA TYR C 98 -31.65 -23.74 -22.07
C TYR C 98 -32.28 -24.57 -23.21
N LYS C 99 -33.12 -23.94 -24.05
CA LYS C 99 -33.92 -24.72 -25.05
C LYS C 99 -33.04 -25.30 -26.15
N ASN C 100 -32.02 -24.56 -26.62
CA ASN C 100 -31.27 -24.97 -27.81
C ASN C 100 -29.99 -25.78 -27.55
N LEU C 101 -29.41 -25.53 -26.38
CA LEU C 101 -28.17 -26.17 -26.00
C LEU C 101 -28.35 -27.29 -24.96
N GLU C 102 -29.55 -27.43 -24.37
CA GLU C 102 -29.77 -28.55 -23.43
C GLU C 102 -28.72 -28.49 -22.27
N LEU C 103 -28.75 -27.36 -21.57
CA LEU C 103 -27.86 -27.08 -20.45
C LEU C 103 -27.96 -28.12 -19.33
N THR C 104 -29.05 -28.86 -19.30
CA THR C 104 -29.26 -29.89 -18.30
C THR C 104 -28.23 -31.01 -18.38
N ASN C 105 -27.35 -31.00 -19.40
CA ASN C 105 -26.27 -31.98 -19.50
C ASN C 105 -24.95 -31.49 -18.91
N TYR C 106 -24.97 -30.30 -18.34
CA TYR C 106 -23.75 -29.58 -18.00
C TYR C 106 -23.93 -29.01 -16.60
N LEU C 107 -25.11 -28.49 -16.30
CA LEU C 107 -25.35 -27.79 -15.04
C LEU C 107 -26.48 -28.41 -14.23
N GLU C 108 -26.44 -28.25 -12.93
CA GLU C 108 -27.60 -28.62 -12.09
C GLU C 108 -28.84 -27.76 -12.37
N ASP C 109 -30.03 -28.31 -12.18
CA ASP C 109 -31.25 -27.54 -12.30
C ASP C 109 -31.18 -26.24 -11.48
N ILE C 110 -30.63 -26.25 -10.27
CA ILE C 110 -30.77 -25.04 -9.39
C ILE C 110 -29.80 -23.97 -9.97
N GLU C 111 -28.82 -24.43 -10.75
CA GLU C 111 -27.82 -23.49 -11.30
C GLU C 111 -28.45 -22.78 -12.47
N ILE C 112 -29.17 -23.56 -13.29
CA ILE C 112 -29.76 -22.99 -14.45
C ILE C 112 -30.86 -22.00 -13.99
N PHE C 113 -31.59 -22.38 -12.94
CA PHE C 113 -32.68 -21.51 -12.40
C PHE C 113 -32.07 -20.20 -11.84
N ALA C 114 -31.01 -20.35 -11.04
CA ALA C 114 -30.21 -19.16 -10.61
C ALA C 114 -29.72 -18.32 -11.78
N LEU C 115 -29.22 -18.94 -12.83
CA LEU C 115 -28.72 -18.11 -13.98
C LEU C 115 -29.93 -17.23 -14.50
N PHE C 116 -31.12 -17.85 -14.64
CA PHE C 116 -32.27 -17.13 -15.16
C PHE C 116 -32.75 -15.98 -14.26
N ILE C 117 -32.87 -16.26 -13.00
CA ILE C 117 -33.25 -15.25 -12.03
C ILE C 117 -32.21 -14.14 -12.00
N SER C 118 -30.93 -14.53 -12.09
CA SER C 118 -29.87 -13.50 -12.01
C SER C 118 -29.99 -12.62 -13.30
N CYS C 119 -30.27 -13.23 -14.45
CA CYS C 119 -30.43 -12.40 -15.69
C CYS C 119 -31.53 -11.35 -15.47
N MET C 120 -32.65 -11.68 -14.82
CA MET C 120 -33.73 -10.71 -14.58
C MET C 120 -33.25 -9.55 -13.71
N CYS C 121 -32.40 -9.88 -12.72
CA CYS C 121 -32.05 -8.85 -11.68
C CYS C 121 -30.69 -8.21 -11.95
N HIS C 122 -30.01 -8.60 -12.99
CA HIS C 122 -28.51 -8.35 -12.99
C HIS C 122 -28.13 -6.87 -13.18
N ASP C 123 -29.06 -6.04 -13.64
CA ASP C 123 -28.72 -4.56 -13.79
C ASP C 123 -29.67 -3.67 -12.94
N LEU C 124 -30.32 -4.23 -11.89
CA LEU C 124 -31.32 -3.50 -11.17
C LEU C 124 -30.78 -2.13 -10.71
N ASP C 125 -31.64 -1.13 -10.99
CA ASP C 125 -31.42 0.23 -10.48
C ASP C 125 -30.17 0.83 -11.12
N HIS C 126 -29.87 0.39 -12.33
CA HIS C 126 -28.68 0.96 -13.08
C HIS C 126 -29.01 2.45 -13.41
N ARG C 127 -27.98 3.32 -13.30
CA ARG C 127 -28.14 4.76 -13.52
C ARG C 127 -27.60 5.21 -14.88
N GLY C 128 -27.20 4.29 -15.73
CA GLY C 128 -26.64 4.61 -17.08
C GLY C 128 -25.21 5.11 -16.97
N THR C 129 -24.55 4.92 -15.83
CA THR C 129 -23.15 5.25 -15.71
C THR C 129 -22.42 4.01 -15.20
N ASN C 130 -21.12 4.02 -15.43
CA ASN C 130 -20.35 2.79 -15.16
C ASN C 130 -19.72 2.86 -13.71
N ASN C 131 -18.86 1.88 -13.38
CA ASN C 131 -18.36 1.78 -12.01
C ASN C 131 -17.41 2.93 -11.72
N SER C 132 -16.55 3.25 -12.66
CA SER C 132 -15.52 4.27 -12.36
C SER C 132 -16.20 5.66 -12.16
N PHE C 133 -17.29 5.87 -12.87
CA PHE C 133 -18.10 7.12 -12.62
C PHE C 133 -18.66 7.16 -11.23
N GLN C 134 -19.22 6.03 -10.76
CA GLN C 134 -19.66 6.07 -9.37
C GLN C 134 -18.58 6.52 -8.38
N VAL C 135 -17.39 5.99 -8.58
CA VAL C 135 -16.23 6.32 -7.75
C VAL C 135 -15.77 7.79 -7.94
N ALA C 136 -15.64 8.19 -9.18
CA ALA C 136 -15.15 9.59 -9.45
C ALA C 136 -16.19 10.62 -8.90
N SER C 137 -17.49 10.29 -8.97
CA SER C 137 -18.49 11.23 -8.49
C SER C 137 -18.81 11.19 -6.96
N LYS C 138 -18.18 10.22 -6.30
CA LYS C 138 -18.32 9.99 -4.88
C LYS C 138 -19.73 9.71 -4.54
N SER C 139 -20.34 8.87 -5.35
CA SER C 139 -21.73 8.47 -5.12
C SER C 139 -21.82 7.67 -3.82
N VAL C 140 -23.04 7.54 -3.28
CA VAL C 140 -23.21 6.69 -2.06
C VAL C 140 -22.90 5.26 -2.41
N LEU C 141 -23.19 4.85 -3.66
CA LEU C 141 -22.88 3.43 -4.04
C LEU C 141 -21.33 3.21 -3.96
N ALA C 142 -20.55 4.23 -4.34
CA ALA C 142 -19.10 4.11 -4.25
C ALA C 142 -18.70 4.05 -2.78
N ALA C 143 -19.29 4.94 -1.91
CA ALA C 143 -18.98 4.87 -0.45
C ALA C 143 -19.19 3.46 0.05
N LEU C 144 -20.32 2.86 -0.38
CA LEU C 144 -20.69 1.49 0.09
C LEU C 144 -19.82 0.35 -0.49
N TYR C 145 -19.44 0.46 -1.76
CA TYR C 145 -18.89 -0.72 -2.47
C TYR C 145 -17.52 -0.57 -3.16
N SER C 146 -16.97 0.64 -3.23
CA SER C 146 -15.75 0.82 -4.04
C SER C 146 -14.58 -0.02 -3.48
N SER C 147 -14.58 -0.21 -2.15
CA SER C 147 -13.42 -0.94 -1.57
C SER C 147 -13.45 -2.41 -1.91
N GLU C 148 -14.63 -2.88 -2.35
CA GLU C 148 -14.87 -4.30 -2.63
C GLU C 148 -14.76 -4.50 -4.17
N GLY C 149 -14.85 -3.42 -4.97
CA GLY C 149 -14.79 -3.54 -6.43
C GLY C 149 -16.18 -3.88 -6.96
N SER C 150 -16.39 -3.78 -8.27
CA SER C 150 -17.69 -4.08 -8.92
C SER C 150 -18.81 -3.31 -8.31
N VAL C 151 -18.68 -1.97 -8.35
CA VAL C 151 -19.61 -1.20 -7.49
C VAL C 151 -21.07 -1.43 -7.90
N MET C 152 -21.38 -1.27 -9.17
CA MET C 152 -22.82 -1.36 -9.58
C MET C 152 -23.31 -2.78 -9.40
N GLU C 153 -22.44 -3.77 -9.68
CA GLU C 153 -22.86 -5.22 -9.58
C GLU C 153 -23.13 -5.54 -8.10
N ARG C 154 -22.36 -5.01 -7.16
CA ARG C 154 -22.74 -5.22 -5.74
C ARG C 154 -24.18 -4.60 -5.45
N HIS C 155 -24.42 -3.43 -5.98
CA HIS C 155 -25.69 -2.76 -5.86
C HIS C 155 -26.81 -3.61 -6.44
N HIS C 156 -26.64 -4.09 -7.69
CA HIS C 156 -27.69 -4.87 -8.36
C HIS C 156 -28.06 -6.09 -7.45
N PHE C 157 -27.01 -6.75 -6.94
CA PHE C 157 -27.31 -7.91 -6.07
C PHE C 157 -28.05 -7.45 -4.81
N ALA C 158 -27.56 -6.38 -4.13
CA ALA C 158 -28.31 -5.79 -2.97
C ALA C 158 -29.80 -5.39 -3.24
N GLN C 159 -30.08 -4.86 -4.43
CA GLN C 159 -31.47 -4.50 -4.83
C GLN C 159 -32.25 -5.78 -4.91
N ALA C 160 -31.63 -6.82 -5.45
CA ALA C 160 -32.31 -8.15 -5.60
C ALA C 160 -32.69 -8.75 -4.29
N ILE C 161 -31.75 -8.70 -3.33
CA ILE C 161 -32.01 -9.22 -1.98
C ILE C 161 -33.14 -8.36 -1.32
N ALA C 162 -33.12 -7.00 -1.52
CA ALA C 162 -34.23 -6.18 -0.98
C ALA C 162 -35.62 -6.52 -1.56
N ILE C 163 -35.65 -6.88 -2.86
CA ILE C 163 -36.88 -7.31 -3.53
C ILE C 163 -37.33 -8.66 -2.94
N LEU C 164 -36.40 -9.59 -2.77
CA LEU C 164 -36.79 -10.93 -2.22
C LEU C 164 -37.31 -10.80 -0.80
N ASN C 165 -36.80 -9.84 -0.06
CA ASN C 165 -37.30 -9.59 1.33
C ASN C 165 -38.45 -8.60 1.49
N THR C 166 -39.02 -8.23 0.36
CA THR C 166 -40.25 -7.46 0.34
C THR C 166 -41.45 -8.44 0.50
N HIS C 167 -42.42 -8.04 1.33
CA HIS C 167 -43.60 -8.92 1.60
C HIS C 167 -44.26 -9.34 0.30
N GLY C 168 -44.57 -10.62 0.17
CA GLY C 168 -45.28 -11.18 -0.98
C GLY C 168 -44.33 -11.47 -2.19
N CYS C 169 -43.02 -11.23 -2.00
CA CYS C 169 -42.10 -11.32 -3.16
C CYS C 169 -41.01 -12.41 -3.05
N ASN C 170 -41.00 -13.15 -1.95
CA ASN C 170 -39.90 -14.06 -1.73
C ASN C 170 -40.16 -15.42 -2.33
N ILE C 171 -39.79 -15.57 -3.59
CA ILE C 171 -40.06 -16.77 -4.37
C ILE C 171 -39.32 -18.02 -3.84
N PHE C 172 -38.39 -17.85 -2.93
CA PHE C 172 -37.59 -18.89 -2.32
C PHE C 172 -37.94 -19.22 -0.87
N ASP C 173 -39.00 -18.62 -0.35
CA ASP C 173 -39.22 -18.66 1.07
C ASP C 173 -39.64 -20.07 1.56
N HIS C 174 -40.04 -20.95 0.62
CA HIS C 174 -40.38 -22.37 1.03
C HIS C 174 -39.21 -23.33 0.68
N PHE C 175 -38.12 -22.83 0.06
CA PHE C 175 -36.97 -23.70 -0.18
C PHE C 175 -36.39 -24.30 1.07
N SER C 176 -35.71 -25.42 0.92
CA SER C 176 -34.85 -25.96 1.99
C SER C 176 -33.70 -24.97 2.30
N ARG C 177 -33.18 -25.05 3.51
CA ARG C 177 -32.10 -24.11 3.90
C ARG C 177 -30.94 -24.21 2.92
N LYS C 178 -30.59 -25.42 2.51
CA LYS C 178 -29.49 -25.68 1.60
C LYS C 178 -29.76 -25.07 0.21
N ASP C 179 -30.99 -25.23 -0.28
CA ASP C 179 -31.37 -24.73 -1.63
C ASP C 179 -31.50 -23.21 -1.59
N TYR C 180 -32.06 -22.67 -0.52
CA TYR C 180 -32.13 -21.23 -0.38
C TYR C 180 -30.73 -20.60 -0.35
N GLN C 181 -29.83 -21.23 0.36
CA GLN C 181 -28.42 -20.70 0.46
C GLN C 181 -27.70 -20.86 -0.87
N ARG C 182 -27.93 -21.98 -1.56
CA ARG C 182 -27.33 -22.15 -2.82
C ARG C 182 -27.84 -21.05 -3.78
N MET C 183 -29.12 -20.73 -3.73
CA MET C 183 -29.63 -19.68 -4.71
C MET C 183 -28.95 -18.40 -4.41
N LEU C 184 -28.87 -18.04 -3.14
CA LEU C 184 -28.27 -16.73 -2.78
C LEU C 184 -26.82 -16.69 -3.26
N ASP C 185 -26.07 -17.75 -3.00
CA ASP C 185 -24.67 -17.79 -3.38
C ASP C 185 -24.45 -17.74 -4.91
N LEU C 186 -25.31 -18.45 -5.62
CA LEU C 186 -25.38 -18.46 -7.05
C LEU C 186 -25.73 -17.09 -7.64
N MET C 187 -26.81 -16.48 -7.12
CA MET C 187 -27.15 -15.09 -7.62
C MET C 187 -26.02 -14.14 -7.34
N ARG C 188 -25.38 -14.26 -6.18
CA ARG C 188 -24.27 -13.30 -5.92
C ARG C 188 -23.16 -13.43 -6.92
N ASP C 189 -22.69 -14.66 -7.10
CA ASP C 189 -21.63 -14.99 -8.03
C ASP C 189 -21.90 -14.65 -9.52
N ILE C 190 -23.15 -14.93 -9.91
CA ILE C 190 -23.53 -14.68 -11.28
C ILE C 190 -23.63 -13.19 -11.53
N ILE C 191 -24.27 -12.51 -10.64
CA ILE C 191 -24.38 -11.07 -10.89
C ILE C 191 -23.01 -10.40 -10.85
N LEU C 192 -22.12 -10.80 -9.93
CA LEU C 192 -20.81 -10.16 -9.85
C LEU C 192 -20.05 -10.50 -11.18
N ALA C 193 -20.32 -11.68 -11.74
CA ALA C 193 -19.72 -12.06 -13.02
C ALA C 193 -20.08 -11.14 -14.24
N THR C 194 -21.13 -10.32 -14.02
CA THR C 194 -21.55 -9.44 -15.11
C THR C 194 -20.65 -8.19 -15.23
N ASP C 195 -19.71 -8.05 -14.30
CA ASP C 195 -18.79 -6.94 -14.50
C ASP C 195 -17.88 -7.41 -15.57
N LEU C 196 -17.80 -6.67 -16.70
CA LEU C 196 -16.81 -7.16 -17.73
C LEU C 196 -15.37 -7.20 -17.17
N ALA C 197 -15.04 -6.36 -16.17
CA ALA C 197 -13.66 -6.49 -15.57
C ALA C 197 -13.41 -7.94 -15.04
N HIS C 198 -14.43 -8.54 -14.48
CA HIS C 198 -14.37 -9.88 -13.99
C HIS C 198 -14.21 -10.89 -15.16
N HIS C 199 -15.03 -10.74 -16.18
CA HIS C 199 -14.93 -11.62 -17.35
C HIS C 199 -13.47 -11.59 -17.87
N LEU C 200 -12.94 -10.37 -18.08
CA LEU C 200 -11.55 -10.23 -18.64
C LEU C 200 -10.49 -10.84 -17.71
N ARG C 201 -10.71 -10.80 -16.40
CA ARG C 201 -9.80 -11.43 -15.44
C ARG C 201 -9.79 -12.95 -15.52
N ILE C 202 -10.99 -13.52 -15.76
CA ILE C 202 -11.16 -14.96 -15.79
C ILE C 202 -11.01 -15.59 -17.19
N PHE C 203 -10.78 -14.78 -18.19
CA PHE C 203 -10.86 -15.26 -19.58
C PHE C 203 -9.87 -16.41 -19.84
N LYS C 204 -8.67 -16.32 -19.26
CA LYS C 204 -7.70 -17.47 -19.41
C LYS C 204 -8.18 -18.79 -18.80
N ASP C 205 -8.79 -18.71 -17.63
CA ASP C 205 -9.46 -19.89 -17.05
C ASP C 205 -10.60 -20.49 -17.90
N LEU C 206 -11.32 -19.61 -18.62
CA LEU C 206 -12.43 -20.02 -19.51
C LEU C 206 -11.81 -20.76 -20.69
N GLN C 207 -10.70 -20.23 -21.25
CA GLN C 207 -9.98 -20.95 -22.35
C GLN C 207 -9.45 -22.30 -21.91
N LYS C 208 -8.89 -22.39 -20.69
CA LYS C 208 -8.34 -23.65 -20.21
C LYS C 208 -9.45 -24.67 -20.11
N MET C 209 -10.59 -24.22 -19.61
CA MET C 209 -11.66 -25.21 -19.38
C MET C 209 -12.10 -25.75 -20.73
N ALA C 210 -12.19 -24.88 -21.72
CA ALA C 210 -12.70 -25.30 -23.05
C ALA C 210 -11.67 -26.24 -23.67
N GLU C 211 -10.38 -25.96 -23.44
CA GLU C 211 -9.33 -26.87 -23.92
C GLU C 211 -9.34 -28.25 -23.27
N VAL C 212 -9.34 -28.31 -21.93
CA VAL C 212 -9.29 -29.61 -21.21
C VAL C 212 -10.60 -30.38 -21.50
N GLY C 213 -11.69 -29.61 -21.63
CA GLY C 213 -13.02 -30.13 -21.90
C GLY C 213 -13.78 -30.02 -20.60
N TYR C 214 -15.06 -29.63 -20.70
CA TYR C 214 -15.87 -29.46 -19.52
C TYR C 214 -16.00 -30.83 -18.76
N ASP C 215 -15.87 -30.77 -17.44
CA ASP C 215 -15.95 -31.90 -16.50
C ASP C 215 -17.15 -31.61 -15.59
N ARG C 216 -18.30 -32.18 -15.90
CA ARG C 216 -19.44 -31.99 -15.06
C ARG C 216 -19.25 -32.45 -13.58
N ASN C 217 -18.20 -33.25 -13.30
CA ASN C 217 -17.79 -33.57 -11.91
C ASN C 217 -17.02 -32.48 -11.17
N ASN C 218 -16.58 -31.50 -11.94
CA ASN C 218 -15.72 -30.46 -11.49
C ASN C 218 -16.58 -29.21 -11.15
N LYS C 219 -16.73 -28.93 -9.84
CA LYS C 219 -17.53 -27.79 -9.42
C LYS C 219 -16.97 -26.39 -9.85
N GLN C 220 -15.64 -26.28 -10.01
CA GLN C 220 -15.07 -25.05 -10.49
C GLN C 220 -15.42 -24.90 -11.98
N HIS C 221 -15.58 -26.01 -12.70
CA HIS C 221 -16.07 -25.86 -14.06
C HIS C 221 -17.53 -25.35 -14.13
N HIS C 222 -18.37 -25.78 -13.16
CA HIS C 222 -19.78 -25.36 -13.05
C HIS C 222 -19.73 -23.84 -12.90
N ARG C 223 -18.89 -23.36 -11.98
CA ARG C 223 -18.78 -21.95 -11.72
C ARG C 223 -18.32 -21.16 -12.94
N LEU C 224 -17.31 -21.64 -13.66
CA LEU C 224 -16.72 -20.88 -14.83
C LEU C 224 -17.80 -20.82 -15.94
N LEU C 225 -18.53 -21.93 -16.06
CA LEU C 225 -19.44 -22.07 -17.17
C LEU C 225 -20.58 -21.09 -16.88
N LEU C 226 -20.99 -20.98 -15.61
CA LEU C 226 -22.07 -20.08 -15.30
C LEU C 226 -21.63 -18.65 -15.64
N CYS C 227 -20.38 -18.32 -15.34
CA CYS C 227 -19.87 -16.97 -15.67
C CYS C 227 -19.94 -16.69 -17.15
N LEU C 228 -19.42 -17.63 -17.94
CA LEU C 228 -19.42 -17.55 -19.41
C LEU C 228 -20.85 -17.41 -20.03
N LEU C 229 -21.75 -18.27 -19.60
CA LEU C 229 -23.16 -18.13 -20.02
C LEU C 229 -23.78 -16.81 -19.62
N MET C 230 -23.53 -16.33 -18.39
CA MET C 230 -24.05 -14.95 -17.99
C MET C 230 -23.55 -13.86 -18.95
N THR C 231 -22.22 -13.88 -19.20
CA THR C 231 -21.70 -12.85 -20.11
C THR C 231 -22.30 -12.99 -21.49
N SER C 232 -22.45 -14.25 -21.96
CA SER C 232 -23.02 -14.48 -23.31
C SER C 232 -24.49 -13.93 -23.38
N CYS C 233 -25.22 -14.07 -22.26
CA CYS C 233 -26.58 -13.53 -22.17
C CYS C 233 -26.50 -12.02 -22.19
N ASP C 234 -25.56 -11.39 -21.41
CA ASP C 234 -25.53 -9.93 -21.33
C ASP C 234 -25.21 -9.27 -22.70
N LEU C 235 -24.47 -10.00 -23.53
CA LEU C 235 -23.93 -9.41 -24.81
C LEU C 235 -24.79 -9.86 -26.03
N SER C 236 -25.92 -10.50 -25.72
CA SER C 236 -26.57 -11.34 -26.77
C SER C 236 -27.25 -10.48 -27.86
N ASP C 237 -27.47 -9.20 -27.56
CA ASP C 237 -27.92 -8.28 -28.67
C ASP C 237 -26.99 -8.28 -29.85
N GLN C 238 -25.74 -8.70 -29.70
CA GLN C 238 -24.91 -8.78 -30.89
C GLN C 238 -25.12 -10.04 -31.73
N THR C 239 -25.99 -10.95 -31.29
CA THR C 239 -26.12 -12.28 -31.96
C THR C 239 -27.39 -12.33 -32.86
N LYS C 240 -28.04 -11.19 -33.02
CA LYS C 240 -29.28 -11.02 -33.82
C LYS C 240 -28.83 -10.57 -35.23
N GLY C 241 -29.66 -9.81 -35.89
CA GLY C 241 -29.28 -9.20 -37.18
C GLY C 241 -28.72 -7.80 -37.10
N TRP C 242 -28.50 -7.22 -38.26
CA TRP C 242 -27.91 -5.90 -38.34
C TRP C 242 -28.81 -4.83 -37.67
N LYS C 243 -30.12 -4.97 -37.80
CA LYS C 243 -31.00 -3.95 -37.27
C LYS C 243 -30.85 -3.82 -35.73
N THR C 244 -30.72 -5.00 -35.08
CA THR C 244 -30.55 -5.02 -33.66
C THR C 244 -29.16 -4.47 -33.27
N THR C 245 -28.08 -4.87 -33.95
CA THR C 245 -26.75 -4.34 -33.55
C THR C 245 -26.68 -2.83 -33.81
N ARG C 246 -27.31 -2.39 -34.88
CA ARG C 246 -27.30 -0.90 -35.10
C ARG C 246 -28.10 -0.17 -34.03
N LYS C 247 -29.29 -0.67 -33.73
CA LYS C 247 -30.11 0.05 -32.77
C LYS C 247 -29.50 0.07 -31.33
N ILE C 248 -28.90 -1.04 -30.92
CA ILE C 248 -28.29 -1.13 -29.53
C ILE C 248 -27.01 -0.31 -29.47
N ALA C 249 -26.26 -0.20 -30.60
CA ALA C 249 -25.17 0.82 -30.62
C ALA C 249 -25.66 2.24 -30.35
N GLU C 250 -26.72 2.63 -31.01
CA GLU C 250 -27.35 3.94 -30.72
C GLU C 250 -27.67 4.11 -29.22
N LEU C 251 -28.32 3.12 -28.62
CA LEU C 251 -28.61 3.25 -27.17
C LEU C 251 -27.36 3.26 -26.26
N ILE C 252 -26.40 2.38 -26.53
CA ILE C 252 -25.14 2.32 -25.74
C ILE C 252 -24.36 3.66 -25.82
N TYR C 253 -24.22 4.15 -27.08
CA TYR C 253 -23.43 5.42 -27.23
C TYR C 253 -24.10 6.64 -26.65
N LYS C 254 -25.43 6.68 -26.80
CA LYS C 254 -26.18 7.77 -26.11
C LYS C 254 -25.86 7.70 -24.60
N GLU C 255 -25.97 6.48 -24.04
CA GLU C 255 -25.70 6.38 -22.63
C GLU C 255 -24.27 6.78 -22.27
N PHE C 256 -23.30 6.25 -22.99
CA PHE C 256 -21.88 6.52 -22.82
C PHE C 256 -21.64 8.04 -22.95
N PHE C 257 -22.18 8.64 -24.00
CA PHE C 257 -21.85 10.06 -24.24
C PHE C 257 -22.43 10.97 -23.15
N SER C 258 -23.64 10.62 -22.67
CA SER C 258 -24.19 11.34 -21.53
C SER C 258 -23.27 11.26 -20.25
N GLN C 259 -22.66 10.07 -19.99
CA GLN C 259 -21.72 9.98 -18.92
C GLN C 259 -20.49 10.85 -19.21
N GLY C 260 -19.98 10.82 -20.46
CA GLY C 260 -18.74 11.59 -20.80
C GLY C 260 -19.08 13.11 -20.55
N ASP C 261 -20.32 13.52 -20.85
CA ASP C 261 -20.75 14.96 -20.64
C ASP C 261 -20.75 15.28 -19.16
N LEU C 262 -21.19 14.38 -18.26
CA LEU C 262 -21.08 14.70 -16.83
C LEU C 262 -19.63 14.78 -16.36
N GLU C 263 -18.79 13.87 -16.87
CA GLU C 263 -17.38 13.82 -16.47
C GLU C 263 -16.70 15.12 -16.89
N LYS C 264 -16.96 15.59 -18.13
CA LYS C 264 -16.48 16.95 -18.52
C LYS C 264 -16.96 18.09 -17.56
N ALA C 265 -18.24 18.14 -17.25
CA ALA C 265 -18.75 19.08 -16.26
C ALA C 265 -18.10 18.98 -14.85
N MET C 266 -17.60 17.79 -14.51
CA MET C 266 -16.80 17.54 -13.30
C MET C 266 -15.31 17.93 -13.34
N GLY C 267 -14.83 18.39 -14.48
CA GLY C 267 -13.39 18.62 -14.69
C GLY C 267 -12.60 17.45 -15.26
N ASN C 268 -13.18 16.26 -15.20
CA ASN C 268 -12.53 15.06 -15.70
C ASN C 268 -12.49 14.98 -17.21
N ARG C 269 -11.57 14.18 -17.73
CA ARG C 269 -11.55 13.79 -19.14
C ARG C 269 -12.12 12.36 -19.31
N PRO C 270 -13.25 12.23 -20.03
CA PRO C 270 -13.81 10.88 -20.28
C PRO C 270 -12.91 9.94 -21.09
N MET C 271 -13.11 8.63 -20.94
CA MET C 271 -12.37 7.72 -21.77
C MET C 271 -12.89 8.03 -23.22
N GLU C 272 -12.12 7.66 -24.22
CA GLU C 272 -12.47 8.14 -25.58
C GLU C 272 -13.90 7.71 -25.97
N MET C 273 -14.25 6.45 -25.63
CA MET C 273 -15.58 5.88 -26.03
C MET C 273 -16.75 6.58 -25.42
N MET C 274 -16.48 7.42 -24.42
CA MET C 274 -17.57 8.17 -23.79
C MET C 274 -17.48 9.64 -24.18
N ASP C 275 -16.54 10.04 -25.04
CA ASP C 275 -16.35 11.46 -25.39
C ASP C 275 -16.96 11.71 -26.80
N ARG C 276 -18.09 12.36 -26.85
CA ARG C 276 -18.82 12.46 -28.14
C ARG C 276 -18.03 13.32 -29.15
N GLU C 277 -16.97 14.00 -28.70
CA GLU C 277 -16.14 14.82 -29.63
C GLU C 277 -15.01 14.01 -30.22
N LYS C 278 -14.66 12.90 -29.56
CA LYS C 278 -13.58 12.03 -29.95
C LYS C 278 -14.02 10.74 -30.53
N ALA C 279 -15.06 10.15 -29.96
CA ALA C 279 -15.42 8.82 -30.32
C ALA C 279 -15.71 8.68 -31.83
N TYR C 280 -15.13 7.66 -32.44
CA TYR C 280 -15.46 7.27 -33.78
C TYR C 280 -16.17 5.92 -33.74
N ILE C 281 -17.49 5.96 -33.85
CA ILE C 281 -18.32 4.77 -33.51
C ILE C 281 -17.98 3.48 -34.28
N PRO C 282 -17.71 3.51 -35.59
CA PRO C 282 -17.36 2.26 -36.22
C PRO C 282 -16.12 1.58 -35.65
N GLU C 283 -15.08 2.33 -35.30
CA GLU C 283 -13.83 1.67 -34.88
C GLU C 283 -14.09 1.11 -33.47
N LEU C 284 -14.87 1.83 -32.71
CA LEU C 284 -15.14 1.39 -31.31
C LEU C 284 -16.01 0.10 -31.34
N GLN C 285 -17.06 0.11 -32.17
CA GLN C 285 -17.95 -1.06 -32.23
C GLN C 285 -17.20 -2.23 -32.83
N ILE C 286 -16.40 -2.03 -33.86
CA ILE C 286 -15.72 -3.16 -34.42
C ILE C 286 -14.73 -3.78 -33.35
N SER C 287 -14.10 -2.90 -32.56
CA SER C 287 -13.14 -3.35 -31.53
C SER C 287 -13.88 -4.12 -30.45
N PHE C 288 -14.99 -3.58 -30.00
CA PHE C 288 -15.84 -4.35 -29.03
C PHE C 288 -16.19 -5.73 -29.56
N MET C 289 -16.62 -5.77 -30.82
CA MET C 289 -17.09 -7.05 -31.40
C MET C 289 -15.94 -8.03 -31.58
N GLU C 290 -14.80 -7.50 -31.98
CA GLU C 290 -13.71 -8.35 -32.36
C GLU C 290 -12.92 -8.85 -31.16
N HIS C 291 -12.79 -7.94 -30.17
CA HIS C 291 -11.93 -8.16 -28.99
C HIS C 291 -12.63 -8.65 -27.75
N ILE C 292 -13.92 -8.37 -27.65
CA ILE C 292 -14.72 -8.83 -26.50
C ILE C 292 -15.81 -9.84 -26.90
N ALA C 293 -16.67 -9.51 -27.82
CA ALA C 293 -17.88 -10.34 -28.04
C ALA C 293 -17.51 -11.59 -28.82
N MET C 294 -16.74 -11.45 -29.93
CA MET C 294 -16.40 -12.69 -30.72
C MET C 294 -15.71 -13.77 -29.91
N PRO C 295 -14.66 -13.41 -29.10
CA PRO C 295 -13.99 -14.44 -28.25
C PRO C 295 -14.91 -15.15 -27.29
N ILE C 296 -15.88 -14.45 -26.75
CA ILE C 296 -16.92 -15.08 -25.91
C ILE C 296 -17.74 -16.17 -26.69
N TYR C 297 -18.30 -15.72 -27.81
CA TYR C 297 -19.16 -16.67 -28.56
C TYR C 297 -18.33 -17.77 -29.20
N LYS C 298 -17.07 -17.48 -29.47
CA LYS C 298 -16.18 -18.60 -29.94
C LYS C 298 -15.96 -19.66 -28.86
N LEU C 299 -15.66 -19.25 -27.63
CA LEU C 299 -15.66 -20.16 -26.50
C LEU C 299 -16.94 -20.94 -26.36
N LEU C 300 -18.06 -20.25 -26.38
CA LEU C 300 -19.37 -20.93 -26.28
C LEU C 300 -19.51 -22.02 -27.39
N GLN C 301 -19.06 -21.70 -28.59
CA GLN C 301 -19.10 -22.62 -29.73
C GLN C 301 -18.15 -23.78 -29.41
N ASP C 302 -16.98 -23.49 -28.83
CA ASP C 302 -16.04 -24.58 -28.46
C ASP C 302 -16.64 -25.60 -27.51
N LEU C 303 -17.43 -25.10 -26.57
CA LEU C 303 -18.04 -25.92 -25.51
C LEU C 303 -19.33 -26.57 -26.01
N PHE C 304 -20.03 -25.90 -26.93
CA PHE C 304 -21.37 -26.33 -27.38
C PHE C 304 -21.39 -26.10 -28.90
N PRO C 305 -21.14 -27.14 -29.66
CA PRO C 305 -21.07 -26.97 -31.11
C PRO C 305 -22.37 -26.40 -31.70
N LYS C 306 -23.53 -26.64 -31.06
CA LYS C 306 -24.80 -26.05 -31.57
C LYS C 306 -24.95 -24.53 -31.39
N ALA C 307 -23.98 -23.87 -30.76
CA ALA C 307 -23.98 -22.46 -30.56
C ALA C 307 -23.22 -21.77 -31.68
N ALA C 308 -22.77 -22.54 -32.72
CA ALA C 308 -21.97 -21.94 -33.80
C ALA C 308 -22.62 -20.77 -34.46
N GLU C 309 -23.94 -20.83 -34.63
CA GLU C 309 -24.63 -19.76 -35.32
C GLU C 309 -24.46 -18.40 -34.61
N LEU C 310 -24.29 -18.46 -33.27
CA LEU C 310 -24.16 -17.22 -32.48
C LEU C 310 -22.89 -16.51 -32.89
N TYR C 311 -21.83 -17.29 -32.88
CA TYR C 311 -20.52 -16.79 -33.28
C TYR C 311 -20.60 -16.22 -34.71
N GLU C 312 -21.22 -16.98 -35.61
CA GLU C 312 -21.34 -16.58 -37.02
C GLU C 312 -22.12 -15.28 -37.17
N ARG C 313 -23.16 -15.07 -36.39
CA ARG C 313 -23.96 -13.80 -36.52
C ARG C 313 -23.16 -12.63 -36.02
N VAL C 314 -22.48 -12.83 -34.85
CA VAL C 314 -21.59 -11.79 -34.38
C VAL C 314 -20.54 -11.37 -35.43
N ALA C 315 -19.93 -12.35 -36.06
CA ALA C 315 -18.91 -12.10 -37.05
C ALA C 315 -19.49 -11.35 -38.24
N SER C 316 -20.70 -11.83 -38.62
CA SER C 316 -21.38 -11.21 -39.75
C SER C 316 -21.81 -9.78 -39.46
N ASN C 317 -22.25 -9.50 -38.23
CA ASN C 317 -22.55 -8.15 -37.78
C ASN C 317 -21.31 -7.27 -37.76
N ARG C 318 -20.19 -7.84 -37.34
CA ARG C 318 -18.93 -7.12 -37.35
C ARG C 318 -18.54 -6.72 -38.79
N GLU C 319 -18.65 -7.67 -39.71
CA GLU C 319 -18.47 -7.35 -41.16
C GLU C 319 -19.34 -6.21 -41.70
N HIS C 320 -20.59 -6.14 -41.23
CA HIS C 320 -21.55 -5.14 -41.68
C HIS C 320 -21.09 -3.76 -41.13
N TRP C 321 -20.56 -3.72 -39.92
CA TRP C 321 -20.02 -2.46 -39.47
C TRP C 321 -18.89 -1.98 -40.39
N THR C 322 -17.99 -2.90 -40.72
CA THR C 322 -16.89 -2.56 -41.66
C THR C 322 -17.45 -2.07 -43.03
N LYS C 323 -18.54 -2.68 -43.50
CA LYS C 323 -19.20 -2.34 -44.77
C LYS C 323 -19.79 -0.90 -44.80
N VAL C 324 -20.26 -0.39 -43.66
CA VAL C 324 -20.96 0.90 -43.58
C VAL C 324 -20.11 2.01 -42.97
N SER C 325 -18.90 1.67 -42.60
CA SER C 325 -18.02 2.58 -41.90
C SER C 325 -17.84 3.87 -42.71
N HIS C 326 -17.77 3.71 -44.03
CA HIS C 326 -17.48 4.89 -44.87
C HIS C 326 -18.55 5.96 -44.76
N LYS C 327 -19.76 5.58 -44.34
CA LYS C 327 -20.88 6.50 -44.24
C LYS C 327 -20.55 7.53 -43.14
N PHE C 328 -19.54 7.25 -42.31
CA PHE C 328 -19.23 8.19 -41.23
C PHE C 328 -18.30 9.32 -41.72
N THR C 329 -17.92 9.28 -42.99
CA THR C 329 -17.26 10.46 -43.56
C THR C 329 -18.25 11.12 -44.54
N ILE C 330 -18.35 12.45 -44.53
CA ILE C 330 -19.26 13.18 -45.37
C ILE C 330 -18.63 13.34 -46.76
N ARG C 331 -19.12 12.51 -47.66
CA ARG C 331 -18.88 12.66 -49.08
C ARG C 331 -20.00 13.49 -49.71
N GLY C 332 -19.64 14.18 -50.80
CA GLY C 332 -20.60 15.15 -51.36
C GLY C 332 -20.91 16.25 -50.38
N LEU C 333 -22.12 16.80 -50.52
CA LEU C 333 -22.61 17.84 -49.66
C LEU C 333 -23.54 17.15 -48.69
N PRO C 334 -23.81 17.81 -47.55
CA PRO C 334 -24.98 17.38 -46.77
C PRO C 334 -26.29 17.50 -47.52
N SER C 335 -27.27 16.69 -47.09
CA SER C 335 -28.56 16.66 -47.77
C SER C 335 -29.15 18.06 -47.90
N ASN C 336 -28.75 18.98 -47.01
CA ASN C 336 -29.23 20.36 -47.12
C ASN C 336 -28.49 21.16 -48.17
N ASN C 337 -27.47 20.58 -48.78
CA ASN C 337 -26.64 21.35 -49.75
C ASN C 337 -25.85 22.51 -49.18
N SER C 338 -25.56 22.45 -47.89
CA SER C 338 -24.82 23.50 -47.23
C SER C 338 -23.62 22.92 -46.48
N LEU C 339 -22.60 23.76 -46.32
CA LEU C 339 -21.42 23.44 -45.60
C LEU C 339 -21.44 24.20 -44.29
N ASP C 340 -22.63 24.65 -43.90
CA ASP C 340 -22.82 25.33 -42.60
C ASP C 340 -22.60 24.49 -41.35
N PHE C 341 -22.29 23.20 -41.48
CA PHE C 341 -21.93 22.43 -40.25
C PHE C 341 -20.50 22.73 -39.80
N LEU C 342 -19.88 23.67 -40.51
CA LEU C 342 -18.49 24.03 -40.29
C LEU C 342 -18.43 25.36 -39.51
N ILE D 16 -22.63 24.76 24.50
CA ILE D 16 -21.58 23.70 24.66
C ILE D 16 -20.74 23.91 25.93
N GLN D 17 -20.87 22.96 26.85
CA GLN D 17 -20.30 23.07 28.19
C GLN D 17 -18.79 22.87 28.09
N PRO D 18 -18.02 23.67 28.84
CA PRO D 18 -16.62 23.20 28.96
C PRO D 18 -16.53 21.82 29.71
N VAL D 19 -15.60 20.98 29.30
CA VAL D 19 -15.41 19.66 29.95
C VAL D 19 -15.28 19.65 31.54
N ALA D 20 -14.65 20.67 32.16
CA ALA D 20 -14.66 20.74 33.66
C ALA D 20 -16.06 20.99 34.21
N ALA D 21 -16.93 21.64 33.44
CA ALA D 21 -18.34 21.83 33.85
C ALA D 21 -19.11 20.52 34.06
N ILE D 22 -18.77 19.48 33.29
CA ILE D 22 -19.47 18.19 33.41
C ILE D 22 -18.92 17.53 34.66
N ASP D 23 -17.61 17.46 34.73
CA ASP D 23 -16.97 16.80 35.81
C ASP D 23 -15.54 17.26 35.79
N SER D 24 -15.02 17.55 36.98
CA SER D 24 -13.67 18.06 37.09
C SER D 24 -12.74 16.93 36.74
N ASN D 25 -13.28 15.71 36.73
CA ASN D 25 -12.49 14.52 36.47
C ASN D 25 -12.75 13.92 35.11
N PHE D 26 -13.53 14.61 34.30
CA PHE D 26 -13.93 14.14 32.97
C PHE D 26 -12.80 13.71 32.02
N ALA D 27 -11.64 14.35 32.11
CA ALA D 27 -10.51 13.98 31.23
C ALA D 27 -9.49 13.00 31.78
N SER D 28 -9.81 12.31 32.91
CA SER D 28 -8.91 11.35 33.52
C SER D 28 -9.27 9.92 33.16
N PHE D 29 -8.26 9.09 32.98
CA PHE D 29 -8.54 7.67 32.82
C PHE D 29 -9.31 7.08 33.99
N THR D 30 -9.29 7.75 35.17
CA THR D 30 -10.07 7.20 36.28
C THR D 30 -11.60 7.43 36.11
N TYR D 31 -12.00 8.37 35.26
CA TYR D 31 -13.40 8.71 35.04
C TYR D 31 -14.24 7.54 34.41
N THR D 32 -15.48 7.30 34.92
CA THR D 32 -16.40 6.33 34.31
C THR D 32 -17.48 7.07 33.53
N PRO D 33 -17.41 7.07 32.17
CA PRO D 33 -18.50 7.74 31.46
C PRO D 33 -19.89 7.15 31.59
N ARG D 34 -20.02 5.87 31.94
CA ARG D 34 -21.34 5.33 32.06
C ARG D 34 -22.04 5.96 33.30
N SER D 35 -21.26 6.65 34.12
CA SER D 35 -21.81 7.42 35.27
C SER D 35 -22.65 8.59 34.80
N LEU D 36 -22.34 9.10 33.58
CA LEU D 36 -23.00 10.29 33.09
C LEU D 36 -24.38 9.98 32.68
N PRO D 37 -25.37 10.74 33.17
CA PRO D 37 -26.76 10.41 32.73
C PRO D 37 -26.95 10.29 31.21
N GLU D 38 -27.85 9.39 30.75
CA GLU D 38 -28.05 9.23 29.28
C GLU D 38 -28.48 10.52 28.55
N ASP D 39 -29.24 11.31 29.30
CA ASP D 39 -29.75 12.59 28.89
C ASP D 39 -28.70 13.67 28.63
N ASP D 40 -27.53 13.45 29.18
CA ASP D 40 -26.48 14.43 29.14
C ASP D 40 -25.38 14.05 28.09
N THR D 41 -25.53 12.86 27.49
CA THR D 41 -24.46 12.25 26.68
C THR D 41 -24.17 12.95 25.33
N SER D 42 -25.19 13.36 24.62
CA SER D 42 -24.97 14.19 23.43
C SER D 42 -24.25 15.48 23.67
N MET D 43 -24.46 16.11 24.83
CA MET D 43 -23.89 17.40 25.09
C MET D 43 -22.44 17.08 25.37
N ALA D 44 -22.22 15.92 26.01
CA ALA D 44 -20.86 15.56 26.35
C ALA D 44 -20.08 15.38 25.04
N ILE D 45 -20.72 14.82 24.03
CA ILE D 45 -20.09 14.55 22.73
C ILE D 45 -19.58 15.85 22.06
N LEU D 46 -20.50 16.78 21.94
CA LEU D 46 -20.17 18.21 21.64
C LEU D 46 -19.07 18.86 22.47
N SER D 47 -19.12 18.75 23.81
CA SER D 47 -18.03 19.28 24.62
C SER D 47 -16.71 18.64 24.32
N MET D 48 -16.70 17.30 24.14
CA MET D 48 -15.41 16.70 23.84
C MET D 48 -14.93 17.24 22.51
N LEU D 49 -15.82 17.34 21.52
CA LEU D 49 -15.38 17.79 20.20
C LEU D 49 -14.90 19.24 20.30
N GLN D 50 -15.47 20.01 21.23
CA GLN D 50 -15.07 21.42 21.32
C GLN D 50 -13.78 21.45 22.12
N ASP D 51 -13.68 20.67 23.20
CA ASP D 51 -12.41 20.56 23.96
C ASP D 51 -11.20 20.11 23.11
N MET D 52 -11.43 19.23 22.10
CA MET D 52 -10.40 18.88 21.14
C MET D 52 -10.23 19.94 20.06
N ASN D 53 -11.18 20.86 19.98
CA ASN D 53 -11.16 21.99 19.04
C ASN D 53 -11.38 21.52 17.60
N PHE D 54 -12.04 20.36 17.45
CA PHE D 54 -12.45 19.87 16.13
C PHE D 54 -13.51 20.71 15.45
N ILE D 55 -14.36 21.36 16.22
CA ILE D 55 -15.50 22.10 15.65
C ILE D 55 -14.91 23.31 14.92
N ASN D 56 -14.05 24.05 15.62
CA ASN D 56 -13.37 25.20 14.97
C ASN D 56 -12.37 24.81 13.92
N ASN D 57 -11.51 23.84 14.21
CA ASN D 57 -10.51 23.46 13.24
C ASN D 57 -11.02 22.94 11.90
N TYR D 58 -12.16 22.27 11.91
CA TYR D 58 -12.71 21.72 10.68
C TYR D 58 -13.98 22.44 10.27
N LYS D 59 -14.20 23.58 10.90
CA LYS D 59 -15.29 24.45 10.50
C LYS D 59 -16.61 23.68 10.44
N ILE D 60 -16.81 22.83 11.47
CA ILE D 60 -18.06 22.04 11.48
C ILE D 60 -19.23 22.92 11.87
N ASP D 61 -20.35 22.79 11.16
CA ASP D 61 -21.55 23.56 11.48
C ASP D 61 -22.22 22.99 12.75
N CYS D 62 -22.38 23.82 13.76
CA CYS D 62 -22.90 23.27 15.01
C CYS D 62 -24.32 22.65 14.89
N PRO D 63 -25.28 23.34 14.23
CA PRO D 63 -26.59 22.67 13.95
C PRO D 63 -26.49 21.29 13.28
N THR D 64 -25.66 21.18 12.27
CA THR D 64 -25.53 19.93 11.52
C THR D 64 -24.93 18.92 12.56
N LEU D 65 -23.94 19.34 13.35
CA LEU D 65 -23.29 18.40 14.30
C LEU D 65 -24.25 17.88 15.36
N ALA D 66 -25.14 18.74 15.87
CA ALA D 66 -26.25 18.34 16.77
C ALA D 66 -27.21 17.36 16.10
N ARG D 67 -27.61 17.60 14.85
CA ARG D 67 -28.57 16.73 14.18
C ARG D 67 -27.87 15.34 14.03
N PHE D 68 -26.65 15.36 13.52
CA PHE D 68 -25.83 14.13 13.36
C PHE D 68 -25.72 13.34 14.69
N CYS D 69 -25.33 14.01 15.77
CA CYS D 69 -25.08 13.36 17.08
C CYS D 69 -26.36 12.66 17.50
N LEU D 70 -27.49 13.39 17.31
CA LEU D 70 -28.81 12.84 17.70
C LEU D 70 -29.17 11.63 16.84
N MET D 71 -28.77 11.69 15.57
CA MET D 71 -29.19 10.62 14.62
C MET D 71 -28.38 9.36 14.90
N VAL D 72 -27.13 9.59 15.31
CA VAL D 72 -26.26 8.46 15.65
C VAL D 72 -26.79 7.77 16.95
N LYS D 73 -27.14 8.59 17.92
CA LYS D 73 -27.73 8.05 19.18
C LYS D 73 -29.01 7.26 18.85
N LYS D 74 -29.83 7.79 17.97
CA LYS D 74 -31.14 7.18 17.72
C LYS D 74 -30.95 5.84 16.97
N GLY D 75 -29.77 5.67 16.34
CA GLY D 75 -29.49 4.49 15.52
C GLY D 75 -29.01 3.22 16.24
N TYR D 76 -28.91 3.37 17.55
CA TYR D 76 -28.57 2.23 18.49
C TYR D 76 -29.89 1.62 18.98
N ARG D 77 -29.94 0.31 19.03
CA ARG D 77 -31.07 -0.42 19.66
C ARG D 77 -30.77 -0.53 21.14
N ASP D 78 -31.55 -1.35 21.87
CA ASP D 78 -31.29 -1.50 23.30
C ASP D 78 -31.10 -2.96 23.71
N PRO D 79 -30.09 -3.65 23.12
CA PRO D 79 -29.62 -4.87 23.76
C PRO D 79 -28.86 -4.57 25.02
N PRO D 80 -28.62 -5.57 25.85
CA PRO D 80 -28.03 -5.24 27.17
C PRO D 80 -26.67 -4.46 27.13
N TYR D 81 -25.86 -4.79 26.15
CA TYR D 81 -24.46 -4.23 26.08
C TYR D 81 -24.30 -3.30 24.87
N HIS D 82 -24.68 -3.77 23.69
CA HIS D 82 -24.31 -3.08 22.40
C HIS D 82 -25.44 -2.01 22.07
N ASN D 83 -25.50 -0.96 22.92
CA ASN D 83 -26.49 0.12 22.82
C ASN D 83 -25.71 1.47 22.86
N TRP D 84 -26.46 2.55 22.80
CA TRP D 84 -25.78 3.87 22.85
C TRP D 84 -24.80 4.18 23.98
N MET D 85 -25.06 3.75 25.23
CA MET D 85 -24.11 4.03 26.26
C MET D 85 -22.77 3.36 25.99
N HIS D 86 -22.82 2.17 25.30
CA HIS D 86 -21.58 1.57 24.88
C HIS D 86 -20.80 2.51 23.90
N ALA D 87 -21.47 2.92 22.88
CA ALA D 87 -20.79 3.79 21.82
C ALA D 87 -20.35 5.10 22.46
N PHE D 88 -21.18 5.67 23.35
CA PHE D 88 -20.73 6.90 24.10
C PHE D 88 -19.46 6.70 24.89
N SER D 89 -19.48 5.64 25.72
CA SER D 89 -18.32 5.34 26.56
C SER D 89 -17.07 5.07 25.66
N VAL D 90 -17.29 4.47 24.46
CA VAL D 90 -16.10 4.11 23.61
C VAL D 90 -15.53 5.46 23.06
N SER D 91 -16.43 6.34 22.72
CA SER D 91 -16.07 7.70 22.16
C SER D 91 -15.40 8.57 23.25
N HIS D 92 -15.95 8.52 24.46
CA HIS D 92 -15.19 9.08 25.62
C HIS D 92 -13.75 8.61 25.76
N PHE D 93 -13.53 7.28 25.63
CA PHE D 93 -12.23 6.79 25.75
C PHE D 93 -11.34 7.42 24.70
N CYS D 94 -11.84 7.48 23.46
CA CYS D 94 -11.07 8.09 22.32
C CYS D 94 -10.53 9.48 22.78
N TYR D 95 -11.46 10.24 23.35
CA TYR D 95 -11.18 11.59 23.93
C TYR D 95 -10.11 11.55 24.99
N LEU D 96 -10.20 10.56 25.90
CA LEU D 96 -9.15 10.44 26.94
C LEU D 96 -7.78 10.13 26.33
N LEU D 97 -7.74 9.30 25.27
CA LEU D 97 -6.44 9.01 24.68
C LEU D 97 -5.85 10.32 24.12
N TYR D 98 -6.71 11.10 23.52
CA TYR D 98 -6.32 12.35 22.90
C TYR D 98 -5.73 13.25 24.05
N LYS D 99 -6.48 13.37 25.15
CA LYS D 99 -6.10 14.26 26.31
C LYS D 99 -4.93 13.80 27.14
N ASN D 100 -4.72 12.49 27.25
CA ASN D 100 -3.66 11.95 28.11
C ASN D 100 -2.40 11.45 27.42
N LEU D 101 -2.58 11.05 26.16
CA LEU D 101 -1.48 10.51 25.40
C LEU D 101 -1.13 11.56 24.36
N GLU D 102 0.08 11.43 23.81
CA GLU D 102 0.49 12.49 22.88
C GLU D 102 0.15 12.07 21.46
N LEU D 103 -1.15 11.91 21.20
CA LEU D 103 -1.49 11.19 19.97
C LEU D 103 -1.15 12.04 18.79
N THR D 104 -1.21 13.37 18.94
CA THR D 104 -0.89 14.24 17.80
C THR D 104 0.61 14.13 17.43
N ASN D 105 1.45 13.60 18.30
CA ASN D 105 2.85 13.29 17.92
C ASN D 105 2.92 12.13 16.92
N TYR D 106 1.89 11.29 16.92
CA TYR D 106 1.91 10.08 16.06
C TYR D 106 0.91 10.08 14.89
N LEU D 107 -0.16 10.88 14.99
CA LEU D 107 -1.29 10.78 14.05
C LEU D 107 -1.66 12.15 13.61
N GLU D 108 -2.12 12.22 12.37
CA GLU D 108 -2.69 13.41 11.80
C GLU D 108 -3.96 13.77 12.52
N ASP D 109 -4.26 15.05 12.53
CA ASP D 109 -5.42 15.52 13.26
C ASP D 109 -6.69 14.84 12.69
N ILE D 110 -6.70 14.70 11.37
CA ILE D 110 -7.88 14.17 10.65
C ILE D 110 -8.08 12.72 11.09
N GLU D 111 -6.98 12.01 11.29
CA GLU D 111 -7.02 10.59 11.66
C GLU D 111 -7.64 10.48 13.04
N ILE D 112 -7.23 11.34 13.96
CA ILE D 112 -7.84 11.39 15.30
C ILE D 112 -9.34 11.78 15.26
N PHE D 113 -9.70 12.78 14.46
CA PHE D 113 -11.10 13.15 14.34
C PHE D 113 -11.97 11.99 13.77
N ALA D 114 -11.43 11.34 12.71
CA ALA D 114 -12.18 10.18 12.10
C ALA D 114 -12.34 9.05 13.12
N LEU D 115 -11.28 8.84 13.88
CA LEU D 115 -11.32 7.78 15.02
C LEU D 115 -12.52 8.11 15.93
N PHE D 116 -12.63 9.38 16.36
CA PHE D 116 -13.68 9.77 17.30
C PHE D 116 -15.09 9.57 16.71
N ILE D 117 -15.33 9.96 15.47
CA ILE D 117 -16.59 9.82 14.78
C ILE D 117 -16.86 8.33 14.57
N SER D 118 -15.82 7.61 14.14
CA SER D 118 -15.96 6.10 14.04
C SER D 118 -16.41 5.48 15.36
N CYS D 119 -15.89 5.95 16.50
CA CYS D 119 -16.27 5.38 17.82
C CYS D 119 -17.73 5.62 18.04
N MET D 120 -18.24 6.82 17.68
CA MET D 120 -19.69 7.07 17.79
C MET D 120 -20.57 6.11 17.04
N CYS D 121 -20.17 5.78 15.80
CA CYS D 121 -20.86 5.01 14.80
C CYS D 121 -20.59 3.50 14.80
N HIS D 122 -19.59 3.08 15.63
CA HIS D 122 -18.98 1.77 15.28
C HIS D 122 -19.88 0.60 15.52
N ASP D 123 -20.92 0.73 16.32
CA ASP D 123 -21.87 -0.46 16.58
C ASP D 123 -23.34 -0.13 16.17
N LEU D 124 -23.54 0.78 15.23
CA LEU D 124 -24.90 1.23 14.83
C LEU D 124 -25.74 0.02 14.44
N ASP D 125 -26.95 0.06 15.09
CA ASP D 125 -28.01 -0.91 14.68
C ASP D 125 -27.65 -2.38 15.11
N HIS D 126 -26.76 -2.49 16.11
CA HIS D 126 -26.40 -3.84 16.66
C HIS D 126 -27.66 -4.49 17.24
N ARG D 127 -27.83 -5.77 16.97
CA ARG D 127 -29.06 -6.47 17.43
C ARG D 127 -28.70 -7.42 18.57
N GLY D 128 -27.51 -7.31 19.13
CA GLY D 128 -27.14 -8.11 20.28
C GLY D 128 -26.68 -9.52 19.88
N THR D 129 -26.39 -9.74 18.60
CA THR D 129 -25.92 -11.01 18.12
C THR D 129 -24.72 -10.80 17.29
N ASN D 130 -23.87 -11.82 17.24
CA ASN D 130 -22.59 -11.71 16.56
C ASN D 130 -22.64 -12.10 15.10
N ASN D 131 -21.43 -12.10 14.47
CA ASN D 131 -21.33 -12.34 13.02
C ASN D 131 -21.72 -13.78 12.67
N SER D 132 -21.23 -14.75 13.42
CA SER D 132 -21.58 -16.17 13.18
C SER D 132 -23.13 -16.33 13.23
N PHE D 133 -23.74 -15.61 14.16
CA PHE D 133 -25.20 -15.74 14.32
C PHE D 133 -25.95 -15.19 13.08
N GLN D 134 -25.55 -14.00 12.55
CA GLN D 134 -26.09 -13.53 11.25
C GLN D 134 -26.07 -14.60 10.13
N VAL D 135 -24.92 -15.29 9.98
CA VAL D 135 -24.72 -16.33 9.00
C VAL D 135 -25.61 -17.56 9.30
N ALA D 136 -25.55 -18.06 10.49
CA ALA D 136 -26.36 -19.23 10.88
C ALA D 136 -27.86 -18.98 10.70
N SER D 137 -28.32 -17.78 11.10
CA SER D 137 -29.74 -17.43 11.00
C SER D 137 -30.16 -16.96 9.59
N LYS D 138 -29.22 -16.88 8.68
CA LYS D 138 -29.46 -16.46 7.32
C LYS D 138 -30.13 -15.14 7.35
N SER D 139 -29.59 -14.21 8.17
CA SER D 139 -30.20 -12.90 8.13
C SER D 139 -29.94 -12.13 6.79
N VAL D 140 -30.69 -11.04 6.58
CA VAL D 140 -30.48 -10.26 5.37
C VAL D 140 -29.04 -9.71 5.39
N LEU D 141 -28.59 -9.36 6.58
CA LEU D 141 -27.21 -8.76 6.69
C LEU D 141 -26.16 -9.82 6.20
N ALA D 142 -26.39 -11.09 6.57
CA ALA D 142 -25.53 -12.15 6.04
C ALA D 142 -25.61 -12.27 4.51
N ALA D 143 -26.83 -12.23 3.95
CA ALA D 143 -26.96 -12.36 2.51
C ALA D 143 -26.13 -11.22 1.86
N LEU D 144 -26.10 -10.07 2.52
CA LEU D 144 -25.48 -8.88 1.89
C LEU D 144 -23.96 -8.94 2.08
N TYR D 145 -23.50 -9.45 3.26
CA TYR D 145 -22.12 -9.23 3.64
C TYR D 145 -21.25 -10.48 3.94
N SER D 146 -21.84 -11.65 4.01
CA SER D 146 -21.12 -12.79 4.68
C SER D 146 -19.93 -13.20 3.77
N SER D 147 -20.06 -13.07 2.43
CA SER D 147 -18.96 -13.46 1.50
C SER D 147 -17.76 -12.59 1.72
N GLU D 148 -17.97 -11.36 2.14
CA GLU D 148 -16.84 -10.46 2.25
C GLU D 148 -16.34 -10.36 3.70
N GLY D 149 -17.09 -10.96 4.64
CA GLY D 149 -16.73 -10.97 6.02
C GLY D 149 -17.10 -9.71 6.85
N SER D 150 -16.97 -9.89 8.16
CA SER D 150 -17.26 -8.82 9.17
C SER D 150 -18.65 -8.33 8.93
N VAL D 151 -19.63 -9.25 8.98
CA VAL D 151 -21.06 -8.90 8.64
C VAL D 151 -21.54 -7.68 9.41
N MET D 152 -21.42 -7.70 10.75
CA MET D 152 -22.08 -6.61 11.54
C MET D 152 -21.29 -5.31 11.23
N GLU D 153 -19.98 -5.39 11.18
CA GLU D 153 -19.19 -4.18 10.99
C GLU D 153 -19.45 -3.53 9.59
N ARG D 154 -19.62 -4.39 8.59
CA ARG D 154 -20.05 -3.86 7.28
C ARG D 154 -21.44 -3.11 7.40
N HIS D 155 -22.33 -3.70 8.18
CA HIS D 155 -23.62 -2.99 8.43
C HIS D 155 -23.43 -1.71 9.20
N HIS D 156 -22.56 -1.68 10.20
CA HIS D 156 -22.43 -0.51 11.04
C HIS D 156 -21.95 0.68 10.13
N PHE D 157 -20.94 0.37 9.32
CA PHE D 157 -20.39 1.42 8.43
C PHE D 157 -21.53 1.85 7.45
N ALA D 158 -22.29 0.91 6.85
CA ALA D 158 -23.42 1.30 5.96
C ALA D 158 -24.47 2.18 6.63
N GLN D 159 -24.74 1.92 7.91
CA GLN D 159 -25.68 2.75 8.69
C GLN D 159 -25.09 4.14 8.89
N ALA D 160 -23.78 4.18 9.11
CA ALA D 160 -23.09 5.53 9.26
C ALA D 160 -23.19 6.27 7.94
N ILE D 161 -22.96 5.58 6.80
CA ILE D 161 -23.08 6.29 5.50
C ILE D 161 -24.54 6.85 5.34
N ALA D 162 -25.52 6.02 5.68
CA ALA D 162 -26.95 6.40 5.56
C ALA D 162 -27.24 7.64 6.41
N ILE D 163 -26.69 7.71 7.61
CA ILE D 163 -26.88 8.87 8.46
C ILE D 163 -26.24 10.12 7.83
N LEU D 164 -25.00 10.02 7.43
CA LEU D 164 -24.34 11.17 6.80
C LEU D 164 -25.09 11.66 5.54
N ASN D 165 -25.68 10.74 4.78
CA ASN D 165 -26.50 11.07 3.63
C ASN D 165 -27.94 11.47 3.88
N THR D 166 -28.34 11.59 5.13
CA THR D 166 -29.69 12.06 5.46
C THR D 166 -29.66 13.58 5.42
N HIS D 167 -30.72 14.17 4.92
CA HIS D 167 -30.79 15.67 4.93
C HIS D 167 -30.44 16.34 6.25
N GLY D 168 -29.58 17.36 6.24
CA GLY D 168 -29.19 18.07 7.46
C GLY D 168 -28.15 17.48 8.39
N CYS D 169 -27.61 16.28 7.97
CA CYS D 169 -26.76 15.49 8.86
C CYS D 169 -25.35 15.32 8.37
N ASN D 170 -25.04 15.88 7.21
CA ASN D 170 -23.74 15.61 6.62
C ASN D 170 -22.71 16.57 7.15
N ILE D 171 -22.13 16.15 8.30
CA ILE D 171 -21.13 17.00 9.00
C ILE D 171 -19.84 17.34 8.19
N PHE D 172 -19.60 16.57 7.12
CA PHE D 172 -18.45 16.73 6.25
C PHE D 172 -18.76 17.43 4.93
N ASP D 173 -20.01 17.85 4.67
CA ASP D 173 -20.36 18.21 3.30
C ASP D 173 -19.66 19.48 2.75
N HIS D 174 -19.02 20.24 3.62
CA HIS D 174 -18.15 21.41 3.19
C HIS D 174 -16.66 21.06 3.04
N PHE D 175 -16.24 19.83 3.43
CA PHE D 175 -14.87 19.42 3.22
C PHE D 175 -14.53 19.41 1.72
N SER D 176 -13.25 19.60 1.46
CA SER D 176 -12.75 19.46 0.15
C SER D 176 -13.06 18.04 -0.24
N ARG D 177 -13.19 17.84 -1.57
CA ARG D 177 -13.30 16.42 -2.10
C ARG D 177 -12.26 15.43 -1.54
N LYS D 178 -10.97 15.82 -1.46
CA LYS D 178 -9.93 15.03 -0.85
C LYS D 178 -10.15 14.71 0.63
N ASP D 179 -10.47 15.74 1.45
CA ASP D 179 -10.66 15.48 2.88
C ASP D 179 -11.93 14.64 3.13
N TYR D 180 -12.96 14.90 2.36
CA TYR D 180 -14.27 14.16 2.49
C TYR D 180 -13.94 12.70 2.23
N GLN D 181 -13.15 12.44 1.20
CA GLN D 181 -12.77 11.07 0.84
C GLN D 181 -11.93 10.37 1.92
N ARG D 182 -10.95 11.13 2.43
CA ARG D 182 -10.10 10.62 3.49
C ARG D 182 -10.96 10.22 4.72
N MET D 183 -11.96 11.04 5.03
CA MET D 183 -12.83 10.75 6.20
C MET D 183 -13.59 9.47 5.93
N LEU D 184 -14.16 9.31 4.73
CA LEU D 184 -14.88 8.03 4.44
C LEU D 184 -14.01 6.82 4.55
N ASP D 185 -12.83 6.91 3.95
CA ASP D 185 -11.85 5.78 3.94
C ASP D 185 -11.36 5.41 5.34
N LEU D 186 -11.09 6.43 6.16
CA LEU D 186 -10.70 6.26 7.55
C LEU D 186 -11.87 5.59 8.31
N MET D 187 -13.08 6.14 8.20
CA MET D 187 -14.23 5.53 8.93
C MET D 187 -14.41 4.08 8.55
N ARG D 188 -14.32 3.78 7.29
CA ARG D 188 -14.54 2.39 6.81
C ARG D 188 -13.51 1.48 7.43
N ASP D 189 -12.22 1.88 7.31
CA ASP D 189 -11.18 1.06 7.84
C ASP D 189 -11.25 0.88 9.38
N ILE D 190 -11.61 1.94 10.09
CA ILE D 190 -11.58 1.93 11.55
C ILE D 190 -12.85 1.09 12.02
N ILE D 191 -13.98 1.31 11.39
CA ILE D 191 -15.17 0.51 11.83
C ILE D 191 -14.93 -0.95 11.51
N LEU D 192 -14.40 -1.29 10.30
CA LEU D 192 -14.10 -2.69 9.99
C LEU D 192 -13.08 -3.29 10.97
N ALA D 193 -12.20 -2.47 11.59
CA ALA D 193 -11.21 -2.97 12.56
C ALA D 193 -11.77 -3.42 13.89
N THR D 194 -13.05 -3.03 14.10
CA THR D 194 -13.71 -3.45 15.33
C THR D 194 -14.17 -4.86 15.40
N ASP D 195 -14.07 -5.59 14.28
CA ASP D 195 -14.24 -7.03 14.38
C ASP D 195 -13.03 -7.62 15.08
N LEU D 196 -13.26 -8.31 16.19
CA LEU D 196 -12.11 -8.86 16.95
C LEU D 196 -11.45 -9.93 16.02
N ALA D 197 -12.18 -10.53 15.04
CA ALA D 197 -11.49 -11.42 14.10
C ALA D 197 -10.38 -10.70 13.31
N HIS D 198 -10.67 -9.45 12.97
CA HIS D 198 -9.72 -8.62 12.23
C HIS D 198 -8.55 -8.28 13.15
N HIS D 199 -8.83 -7.83 14.41
CA HIS D 199 -7.74 -7.61 15.37
C HIS D 199 -6.80 -8.81 15.52
N LEU D 200 -7.37 -10.01 15.62
CA LEU D 200 -6.55 -11.24 15.78
C LEU D 200 -5.73 -11.51 14.51
N ARG D 201 -6.29 -11.18 13.35
CA ARG D 201 -5.55 -11.36 12.05
C ARG D 201 -4.32 -10.38 11.96
N ILE D 202 -4.50 -9.14 12.42
CA ILE D 202 -3.38 -8.11 12.35
C ILE D 202 -2.50 -8.08 13.61
N PHE D 203 -2.77 -8.90 14.63
CA PHE D 203 -2.07 -8.83 15.91
C PHE D 203 -0.51 -8.97 15.65
N LYS D 204 -0.07 -9.91 14.80
CA LYS D 204 1.41 -10.02 14.54
C LYS D 204 2.01 -8.76 13.93
N ASP D 205 1.26 -8.07 13.08
CA ASP D 205 1.72 -6.82 12.39
C ASP D 205 1.75 -5.71 13.46
N LEU D 206 0.75 -5.66 14.36
CA LEU D 206 0.86 -4.73 15.52
C LEU D 206 2.11 -5.02 16.37
N GLN D 207 2.38 -6.32 16.71
CA GLN D 207 3.57 -6.66 17.44
C GLN D 207 4.84 -6.22 16.69
N LYS D 208 4.89 -6.45 15.37
CA LYS D 208 6.10 -6.08 14.61
C LYS D 208 6.27 -4.58 14.73
N MET D 209 5.18 -3.82 14.54
CA MET D 209 5.27 -2.35 14.57
C MET D 209 5.83 -1.92 15.92
N ALA D 210 5.30 -2.51 17.02
CA ALA D 210 5.89 -2.15 18.35
C ALA D 210 7.35 -2.57 18.48
N GLU D 211 7.71 -3.70 17.88
CA GLU D 211 9.13 -4.17 17.95
C GLU D 211 10.08 -3.23 17.25
N VAL D 212 9.75 -2.80 16.07
CA VAL D 212 10.73 -1.94 15.33
C VAL D 212 10.56 -0.49 15.78
N GLY D 213 9.43 -0.18 16.42
CA GLY D 213 9.07 1.13 16.89
C GLY D 213 8.26 1.85 15.81
N TYR D 214 7.33 2.66 16.27
CA TYR D 214 6.42 3.42 15.42
C TYR D 214 7.21 4.35 14.54
N ASP D 215 6.98 4.24 13.24
CA ASP D 215 7.62 5.09 12.23
C ASP D 215 6.60 6.12 11.73
N ARG D 216 6.76 7.36 12.19
CA ARG D 216 5.84 8.48 11.86
C ARG D 216 5.67 8.63 10.33
N ASN D 217 6.64 8.17 9.53
CA ASN D 217 6.59 8.31 8.13
C ASN D 217 6.08 7.11 7.36
N ASN D 218 5.56 6.09 8.10
CA ASN D 218 5.17 4.83 7.51
C ASN D 218 3.63 4.81 7.58
N LYS D 219 3.04 4.87 6.39
CA LYS D 219 1.56 4.98 6.33
C LYS D 219 0.94 3.70 6.83
N GLN D 220 1.58 2.53 6.69
CA GLN D 220 0.97 1.30 7.28
C GLN D 220 0.96 1.40 8.80
N HIS D 221 2.03 1.94 9.38
CA HIS D 221 2.05 2.15 10.85
C HIS D 221 0.89 3.06 11.28
N HIS D 222 0.58 4.09 10.48
CA HIS D 222 -0.58 4.96 10.83
C HIS D 222 -1.84 4.10 10.84
N ARG D 223 -2.02 3.29 9.79
CA ARG D 223 -3.27 2.54 9.68
C ARG D 223 -3.33 1.58 10.86
N LEU D 224 -2.21 0.93 11.18
CA LEU D 224 -2.18 -0.13 12.25
C LEU D 224 -2.43 0.49 13.59
N LEU D 225 -1.84 1.66 13.82
CA LEU D 225 -2.01 2.34 15.13
C LEU D 225 -3.53 2.72 15.28
N LEU D 226 -4.15 3.23 14.21
CA LEU D 226 -5.62 3.57 14.30
C LEU D 226 -6.41 2.27 14.66
N CYS D 227 -6.05 1.11 14.07
CA CYS D 227 -6.79 -0.15 14.41
C CYS D 227 -6.60 -0.40 15.91
N LEU D 228 -5.35 -0.34 16.40
CA LEU D 228 -5.07 -0.57 17.83
C LEU D 228 -5.78 0.38 18.76
N LEU D 229 -5.79 1.66 18.41
CA LEU D 229 -6.52 2.59 19.23
C LEU D 229 -8.05 2.30 19.25
N MET D 230 -8.60 1.92 18.11
CA MET D 230 -10.07 1.69 18.01
C MET D 230 -10.33 0.46 18.92
N THR D 231 -9.52 -0.56 18.83
CA THR D 231 -9.74 -1.78 19.71
C THR D 231 -9.64 -1.37 21.19
N SER D 232 -8.69 -0.47 21.47
CA SER D 232 -8.39 0.01 22.80
C SER D 232 -9.63 0.76 23.36
N CYS D 233 -10.32 1.45 22.50
CA CYS D 233 -11.53 2.20 22.89
C CYS D 233 -12.67 1.21 23.10
N ASP D 234 -12.76 0.21 22.21
CA ASP D 234 -13.93 -0.71 22.24
C ASP D 234 -13.93 -1.54 23.51
N LEU D 235 -12.72 -1.84 24.03
CA LEU D 235 -12.56 -2.71 25.25
C LEU D 235 -12.32 -1.91 26.59
N SER D 236 -12.49 -0.57 26.48
CA SER D 236 -12.03 0.29 27.54
C SER D 236 -12.84 0.19 28.83
N ASP D 237 -13.99 -0.47 28.77
CA ASP D 237 -14.70 -0.71 30.07
C ASP D 237 -13.83 -1.56 31.02
N GLN D 238 -12.86 -2.33 30.51
CA GLN D 238 -11.98 -3.13 31.33
C GLN D 238 -10.87 -2.37 32.04
N THR D 239 -10.78 -1.08 31.73
CA THR D 239 -9.67 -0.23 32.23
C THR D 239 -10.12 0.61 33.42
N LYS D 240 -11.38 0.41 33.84
CA LYS D 240 -11.93 1.17 35.04
C LYS D 240 -11.72 0.35 36.31
N GLY D 241 -12.60 0.51 37.29
CA GLY D 241 -12.47 -0.30 38.48
C GLY D 241 -13.30 -1.59 38.45
N TRP D 242 -13.12 -2.41 39.48
CA TRP D 242 -13.91 -3.61 39.66
C TRP D 242 -15.37 -3.47 39.43
N LYS D 243 -15.99 -2.43 39.97
CA LYS D 243 -17.43 -2.26 39.83
C LYS D 243 -17.85 -2.21 38.37
N THR D 244 -17.08 -1.47 37.56
CA THR D 244 -17.44 -1.33 36.17
C THR D 244 -17.26 -2.69 35.50
N THR D 245 -16.17 -3.38 35.82
CA THR D 245 -15.81 -4.70 35.22
C THR D 245 -16.92 -5.70 35.49
N ARG D 246 -17.36 -5.71 36.77
CA ARG D 246 -18.42 -6.61 37.18
C ARG D 246 -19.70 -6.33 36.41
N LYS D 247 -20.12 -5.06 36.37
CA LYS D 247 -21.37 -4.68 35.74
C LYS D 247 -21.35 -4.97 34.23
N ILE D 248 -20.22 -4.65 33.58
CA ILE D 248 -20.13 -4.94 32.10
C ILE D 248 -20.20 -6.44 31.86
N ALA D 249 -19.59 -7.29 32.71
CA ALA D 249 -19.68 -8.74 32.54
C ALA D 249 -21.18 -9.16 32.59
N GLU D 250 -21.95 -8.59 33.53
CA GLU D 250 -23.41 -8.93 33.60
C GLU D 250 -24.11 -8.59 32.27
N LEU D 251 -23.79 -7.39 31.72
CA LEU D 251 -24.41 -7.02 30.50
C LEU D 251 -24.02 -7.89 29.28
N ILE D 252 -22.72 -8.09 29.13
CA ILE D 252 -22.22 -8.93 28.02
C ILE D 252 -22.75 -10.38 28.06
N TYR D 253 -22.73 -10.97 29.27
CA TYR D 253 -23.20 -12.40 29.36
C TYR D 253 -24.72 -12.46 29.17
N LYS D 254 -25.44 -11.47 29.65
CA LYS D 254 -26.91 -11.46 29.34
C LYS D 254 -27.14 -11.45 27.80
N GLU D 255 -26.33 -10.63 27.09
CA GLU D 255 -26.43 -10.61 25.64
C GLU D 255 -26.03 -11.92 25.01
N PHE D 256 -24.89 -12.43 25.38
CA PHE D 256 -24.34 -13.71 24.88
C PHE D 256 -25.40 -14.83 25.13
N PHE D 257 -25.85 -14.96 26.37
CA PHE D 257 -26.80 -16.07 26.66
C PHE D 257 -28.10 -16.00 25.94
N SER D 258 -28.59 -14.79 25.68
CA SER D 258 -29.85 -14.64 24.82
C SER D 258 -29.54 -15.20 23.45
N GLN D 259 -28.36 -14.82 22.93
CA GLN D 259 -27.93 -15.44 21.69
C GLN D 259 -27.88 -17.00 21.69
N GLY D 260 -27.18 -17.55 22.68
CA GLY D 260 -27.06 -19.04 22.79
C GLY D 260 -28.49 -19.66 22.88
N ASP D 261 -29.40 -19.01 23.61
CA ASP D 261 -30.83 -19.60 23.72
C ASP D 261 -31.39 -19.66 22.32
N LEU D 262 -31.18 -18.59 21.48
CA LEU D 262 -31.67 -18.64 20.09
C LEU D 262 -31.08 -19.76 19.24
N GLU D 263 -29.76 -19.95 19.41
CA GLU D 263 -29.02 -20.92 18.65
C GLU D 263 -29.54 -22.33 19.08
N LYS D 264 -29.70 -22.56 20.38
CA LYS D 264 -30.25 -23.91 20.84
C LYS D 264 -31.61 -24.14 20.17
N ALA D 265 -32.41 -23.09 20.11
CA ALA D 265 -33.76 -23.25 19.50
C ALA D 265 -33.72 -23.49 17.99
N MET D 266 -32.67 -23.03 17.31
CA MET D 266 -32.38 -23.41 15.88
C MET D 266 -31.76 -24.81 15.70
N GLY D 267 -31.47 -25.52 16.77
CA GLY D 267 -30.91 -26.89 16.68
C GLY D 267 -29.39 -26.89 16.66
N ASN D 268 -28.76 -25.72 16.91
CA ASN D 268 -27.30 -25.55 16.90
C ASN D 268 -26.63 -25.53 18.28
N ARG D 269 -25.33 -25.81 18.33
CA ARG D 269 -24.58 -25.86 19.59
C ARG D 269 -23.90 -24.49 19.69
N PRO D 270 -24.35 -23.63 20.67
CA PRO D 270 -23.65 -22.33 20.85
C PRO D 270 -22.24 -22.50 21.27
N MET D 271 -21.42 -21.48 21.01
CA MET D 271 -20.06 -21.47 21.61
C MET D 271 -20.26 -21.50 23.12
N GLU D 272 -19.27 -22.08 23.81
CA GLU D 272 -19.28 -22.16 25.26
C GLU D 272 -19.62 -20.85 25.97
N MET D 273 -19.02 -19.74 25.57
CA MET D 273 -19.23 -18.49 26.26
C MET D 273 -20.63 -17.91 26.06
N MET D 274 -21.38 -18.52 25.11
CA MET D 274 -22.79 -18.16 24.82
C MET D 274 -23.84 -19.16 25.36
N ASP D 275 -23.35 -20.23 25.99
CA ASP D 275 -24.28 -21.29 26.48
C ASP D 275 -24.41 -21.17 28.01
N ARG D 276 -25.56 -20.72 28.52
CA ARG D 276 -25.71 -20.39 29.95
C ARG D 276 -25.61 -21.62 30.86
N GLU D 277 -25.68 -22.78 30.24
CA GLU D 277 -25.42 -24.08 30.97
C GLU D 277 -23.93 -24.53 31.06
N LYS D 278 -23.04 -23.89 30.32
CA LYS D 278 -21.70 -24.37 30.19
C LYS D 278 -20.72 -23.24 30.56
N ALA D 279 -21.13 -22.02 30.31
CA ALA D 279 -20.22 -20.91 30.49
C ALA D 279 -19.86 -20.69 31.97
N TYR D 280 -18.57 -20.73 32.25
CA TYR D 280 -18.12 -20.43 33.60
C TYR D 280 -17.48 -18.98 33.61
N ILE D 281 -18.29 -18.02 34.03
CA ILE D 281 -17.97 -16.58 33.82
C ILE D 281 -16.54 -16.21 34.29
N PRO D 282 -16.12 -16.60 35.51
CA PRO D 282 -14.74 -16.16 35.96
C PRO D 282 -13.65 -16.66 34.97
N GLU D 283 -13.72 -17.91 34.52
CA GLU D 283 -12.62 -18.44 33.67
C GLU D 283 -12.71 -17.74 32.31
N LEU D 284 -13.95 -17.54 31.80
CA LEU D 284 -14.06 -16.86 30.48
C LEU D 284 -13.55 -15.41 30.55
N GLN D 285 -13.85 -14.73 31.63
CA GLN D 285 -13.44 -13.34 31.80
C GLN D 285 -11.95 -13.31 32.01
N ILE D 286 -11.43 -14.20 32.83
CA ILE D 286 -9.94 -14.21 32.96
C ILE D 286 -9.31 -14.46 31.59
N SER D 287 -9.81 -15.41 30.81
CA SER D 287 -9.19 -15.71 29.52
C SER D 287 -9.25 -14.49 28.56
N PHE D 288 -10.41 -13.82 28.51
CA PHE D 288 -10.54 -12.66 27.60
C PHE D 288 -9.58 -11.59 28.08
N MET D 289 -9.52 -11.39 29.37
CA MET D 289 -8.61 -10.36 29.92
C MET D 289 -7.16 -10.66 29.66
N GLU D 290 -6.75 -11.89 29.91
CA GLU D 290 -5.33 -12.26 29.87
C GLU D 290 -4.89 -12.32 28.37
N HIS D 291 -5.74 -12.90 27.49
CA HIS D 291 -5.31 -13.23 26.14
C HIS D 291 -5.78 -12.30 25.05
N ILE D 292 -6.71 -11.41 25.37
CA ILE D 292 -7.17 -10.43 24.39
C ILE D 292 -6.95 -9.07 24.86
N ALA D 293 -7.59 -8.68 25.95
CA ALA D 293 -7.47 -7.27 26.40
C ALA D 293 -6.03 -6.92 26.89
N MET D 294 -5.41 -7.65 27.80
CA MET D 294 -3.99 -7.35 28.27
C MET D 294 -2.95 -7.14 27.14
N PRO D 295 -2.90 -8.03 26.14
CA PRO D 295 -1.93 -7.84 25.04
C PRO D 295 -2.18 -6.54 24.30
N ILE D 296 -3.45 -6.11 24.17
CA ILE D 296 -3.82 -4.81 23.50
C ILE D 296 -3.27 -3.69 24.35
N TYR D 297 -3.56 -3.73 25.66
CA TYR D 297 -3.10 -2.57 26.49
C TYR D 297 -1.54 -2.55 26.68
N LYS D 298 -0.92 -3.74 26.61
CA LYS D 298 0.56 -3.88 26.66
C LYS D 298 1.15 -3.23 25.38
N LEU D 299 0.55 -3.53 24.22
CA LEU D 299 0.96 -2.86 22.93
C LEU D 299 0.78 -1.36 23.03
N LEU D 300 -0.35 -0.90 23.58
CA LEU D 300 -0.56 0.51 23.80
C LEU D 300 0.51 1.18 24.72
N GLN D 301 0.83 0.50 25.83
CA GLN D 301 1.89 0.95 26.74
C GLN D 301 3.28 0.95 26.09
N ASP D 302 3.58 -0.06 25.24
CA ASP D 302 4.84 -0.09 24.52
C ASP D 302 4.91 1.20 23.66
N LEU D 303 3.84 1.54 22.99
CA LEU D 303 3.82 2.74 22.07
C LEU D 303 3.72 4.07 22.81
N PHE D 304 2.93 4.13 23.91
CA PHE D 304 2.73 5.36 24.73
C PHE D 304 3.02 5.00 26.23
N PRO D 305 4.23 5.32 26.74
CA PRO D 305 4.60 5.14 28.15
C PRO D 305 3.50 5.61 29.08
N LYS D 306 2.81 6.70 28.74
CA LYS D 306 1.78 7.26 29.64
C LYS D 306 0.53 6.34 29.78
N ALA D 307 0.42 5.34 28.90
CA ALA D 307 -0.74 4.43 28.90
C ALA D 307 -0.55 3.31 29.88
N ALA D 308 0.59 3.27 30.58
CA ALA D 308 0.90 2.18 31.46
C ALA D 308 -0.21 1.87 32.49
N GLU D 309 -0.89 2.90 32.99
CA GLU D 309 -1.86 2.67 34.05
C GLU D 309 -3.04 1.87 33.52
N LEU D 310 -3.30 1.98 32.22
CA LEU D 310 -4.41 1.22 31.59
C LEU D 310 -4.15 -0.24 31.64
N TYR D 311 -2.96 -0.68 31.26
CA TYR D 311 -2.54 -2.07 31.35
C TYR D 311 -2.64 -2.56 32.84
N GLU D 312 -2.05 -1.77 33.74
CA GLU D 312 -2.03 -2.12 35.18
C GLU D 312 -3.45 -2.32 35.67
N ARG D 313 -4.39 -1.46 35.27
CA ARG D 313 -5.82 -1.61 35.66
C ARG D 313 -6.42 -2.92 35.08
N VAL D 314 -6.30 -3.12 33.76
CA VAL D 314 -6.80 -4.44 33.25
C VAL D 314 -6.20 -5.60 34.03
N ALA D 315 -4.88 -5.62 34.26
CA ALA D 315 -4.30 -6.73 35.04
C ALA D 315 -4.88 -6.81 36.48
N SER D 316 -5.17 -5.69 37.14
CA SER D 316 -5.77 -5.68 38.50
C SER D 316 -7.18 -6.29 38.49
N ASN D 317 -7.98 -5.85 37.53
CA ASN D 317 -9.33 -6.43 37.27
C ASN D 317 -9.31 -7.88 37.00
N ARG D 318 -8.31 -8.31 36.22
CA ARG D 318 -8.11 -9.77 36.00
C ARG D 318 -7.81 -10.45 37.34
N GLU D 319 -6.93 -9.87 38.16
CA GLU D 319 -6.66 -10.47 39.46
C GLU D 319 -7.92 -10.49 40.33
N HIS D 320 -8.77 -9.47 40.26
CA HIS D 320 -10.02 -9.51 41.07
C HIS D 320 -10.87 -10.75 40.69
N TRP D 321 -10.94 -11.06 39.38
CA TRP D 321 -11.68 -12.24 38.92
C TRP D 321 -11.14 -13.51 39.52
N THR D 322 -9.84 -13.61 39.66
CA THR D 322 -9.33 -14.87 40.18
C THR D 322 -9.64 -14.92 41.69
N LYS D 323 -9.65 -13.72 42.31
CA LYS D 323 -9.87 -13.59 43.78
C LYS D 323 -11.33 -13.94 44.16
N VAL D 324 -12.32 -13.66 43.30
CA VAL D 324 -13.72 -13.94 43.64
C VAL D 324 -14.24 -15.24 43.04
N SER D 325 -13.39 -15.93 42.28
CA SER D 325 -13.81 -17.12 41.54
C SER D 325 -14.42 -18.16 42.47
N HIS D 326 -13.81 -18.32 43.64
CA HIS D 326 -14.31 -19.33 44.63
C HIS D 326 -15.77 -19.15 45.02
N LYS D 327 -16.28 -17.92 44.97
CA LYS D 327 -17.70 -17.61 45.28
C LYS D 327 -18.69 -18.27 44.31
N PHE D 328 -18.20 -18.73 43.15
CA PHE D 328 -19.06 -19.32 42.13
C PHE D 328 -19.29 -20.84 42.34
N THR D 329 -18.69 -21.36 43.43
CA THR D 329 -18.82 -22.75 43.91
C THR D 329 -19.74 -22.53 45.13
N ILE D 330 -20.89 -23.23 45.10
CA ILE D 330 -21.88 -23.03 46.14
C ILE D 330 -21.40 -23.93 47.30
N ARG D 331 -20.91 -23.27 48.36
CA ARG D 331 -20.42 -23.96 49.55
C ARG D 331 -21.61 -23.88 50.46
N GLY D 332 -21.88 -24.94 51.20
CA GLY D 332 -23.02 -24.75 52.14
C GLY D 332 -24.34 -24.83 51.40
N LEU D 333 -25.34 -24.13 51.92
CA LEU D 333 -26.64 -24.01 51.23
C LEU D 333 -26.73 -22.67 50.52
N PRO D 334 -27.50 -22.60 49.40
CA PRO D 334 -27.82 -21.28 48.76
C PRO D 334 -28.31 -20.32 49.83
N SER D 335 -28.30 -19.00 49.54
CA SER D 335 -28.82 -18.03 50.56
C SER D 335 -30.24 -18.21 51.03
N ASN D 336 -31.12 -18.66 50.14
CA ASN D 336 -32.48 -19.03 50.55
C ASN D 336 -32.58 -20.37 51.31
N ASN D 337 -31.46 -20.99 51.70
CA ASN D 337 -31.52 -22.29 52.45
C ASN D 337 -32.21 -23.39 51.71
N SER D 338 -32.33 -23.28 50.41
CA SER D 338 -33.07 -24.30 49.71
C SER D 338 -32.22 -25.05 48.72
N LEU D 339 -32.53 -26.33 48.52
CA LEU D 339 -31.98 -27.07 47.37
C LEU D 339 -32.95 -27.23 46.22
N ASP D 340 -33.98 -26.38 46.18
CA ASP D 340 -34.96 -26.45 45.06
C ASP D 340 -34.30 -26.24 43.71
N PHE D 341 -33.31 -25.32 43.65
CA PHE D 341 -32.54 -25.01 42.40
C PHE D 341 -31.99 -26.26 41.69
N LEU D 342 -31.87 -27.36 42.42
CA LEU D 342 -31.46 -28.63 41.85
C LEU D 342 -32.63 -29.12 40.98
ZN ZN E . 24.82 6.88 18.35
MG MG F . 24.81 4.27 15.40
N9 IBM G . 28.04 -1.29 23.81
C8 IBM G . 28.17 -2.08 25.00
N7 IBM G . 28.14 -1.31 26.14
C5 IBM G . 28.04 0.00 25.64
C4 IBM G . 27.97 -0.06 24.28
N3 IBM G . 27.88 1.04 23.48
C2 IBM G . 27.84 2.24 24.03
N1 IBM G . 27.87 2.38 25.36
C6 IBM G . 27.97 1.26 26.20
O6 IBM G . 28.04 1.41 27.43
O2 IBM G . 27.76 3.21 23.23
C10 IBM G . 27.82 3.76 25.90
C11 IBM G . 27.83 0.91 22.01
C12 IBM G . 26.42 0.58 21.51
C13 IBM G . 25.28 1.57 21.84
C14 IBM G . 26.53 0.33 20.00
ZN ZN H . 17.22 1.63 -19.56
MG MG I . 19.92 2.19 -16.82
N9 IBM J . 24.60 4.86 -26.37
C8 IBM J . 24.92 5.46 -27.58
N7 IBM J . 23.95 5.26 -28.51
C5 IBM J . 22.98 4.50 -27.87
C4 IBM J . 23.43 4.26 -26.58
N3 IBM J . 22.72 3.51 -25.65
C2 IBM J . 21.54 3.01 -26.09
N1 IBM J . 21.04 3.19 -27.37
C6 IBM J . 21.79 3.94 -28.29
O6 IBM J . 21.37 4.14 -29.49
O2 IBM J . 20.83 2.32 -25.27
C10 IBM J . 19.76 2.55 -27.68
C11 IBM J . 23.25 3.28 -24.28
C12 IBM J . 23.02 4.42 -23.30
C13 IBM J . 21.57 4.82 -23.14
C14 IBM J . 23.69 4.04 -21.99
ZN ZN K . -26.54 -6.10 -18.45
MG MG L . -24.31 -4.61 -15.67
N9 IBM M . -19.54 -1.62 -24.93
C8 IBM M . -19.28 -1.08 -26.17
N7 IBM M . -20.08 -1.56 -27.14
C5 IBM M . -20.89 -2.43 -26.48
C4 IBM M . -20.54 -2.46 -25.14
N3 IBM M . -21.18 -3.27 -24.24
C2 IBM M . -22.23 -4.02 -24.71
N1 IBM M . -22.58 -4.04 -26.01
C6 IBM M . -21.92 -3.24 -26.91
O6 IBM M . -22.26 -3.30 -28.13
O2 IBM M . -22.89 -4.80 -23.99
C10 IBM M . -23.68 -4.94 -26.48
C11 IBM M . -20.86 -3.25 -22.85
C12 IBM M . -21.44 -1.98 -22.21
C13 IBM M . -22.97 -1.94 -22.15
C14 IBM M . -20.86 -1.81 -20.82
ZN ZN N . -18.29 -1.86 20.31
MG MG O . -18.86 -4.15 17.27
N9 IBM P . -16.10 -10.70 24.81
C8 IBM P . -16.00 -11.58 25.91
N7 IBM P . -15.79 -10.95 27.13
C5 IBM P . -15.73 -9.62 26.81
C4 IBM P . -15.93 -9.56 25.43
N3 IBM P . -15.90 -8.39 24.79
C2 IBM P . -15.70 -7.28 25.49
N1 IBM P . -15.51 -7.24 26.79
C6 IBM P . -15.50 -8.45 27.52
O6 IBM P . -15.33 -8.39 28.80
O2 IBM P . -15.65 -6.14 24.94
C10 IBM P . -15.31 -5.92 27.38
C11 IBM P . -16.13 -8.44 23.34
C12 IBM P . -17.63 -8.69 22.99
C13 IBM P . -18.60 -7.71 23.60
C14 IBM P . -18.01 -8.74 21.51
#